data_8RR4
#
_entry.id   8RR4
#
loop_
_entity.id
_entity.type
_entity.pdbx_description
1 polymer '3-hydroxyacyl-CoA dehydrogenase type-2'
2 polymer 'Zinc phosphodiesterase ELAC protein 2'
3 polymer 'tRNA methyltransferase 10 homolog C'
4 polymer "Human mitochondria tRNA-Tyr precursor with 3' trailer"
5 non-polymer 'ZINC ION'
6 non-polymer S-ADENOSYL-L-HOMOCYSTEINE
#
loop_
_entity_poly.entity_id
_entity_poly.type
_entity_poly.pdbx_seq_one_letter_code
_entity_poly.pdbx_strand_id
1 'polypeptide(L)'
;MAAACRSVKGLVAVITGGASGLGLATAERLVGQGASAVLLDLPNSGGEAQAKKLGNNCVFAPADVTSEKDVQTALALAKG
KFGRVDVAVNCAGIAVASKTYNLKKGQTHTLEDFQRVLDVNLMGTFNVIRLVAGEMGQNEPDQGGQRGVIINTASVAAFE
GQVGQAAYSASKGGIVGMTLPIARDLAPIGIRVMTIAPGLFGTPLLTSLPEKVCNFLASQVPFPSRLGDPAEYAHLVQAI
IENPFLNGEVIRLDGAIRMQP
;
A,B,C,D
2 'polypeptide(L)'
;SNAPRKDPLRHLRTREKRGPSGCSGGPNTVYLQVVAAGSRDSGAALYVFSEFNRYLFNCGEGVQRLMQEHKLKVARLDNI
FLTRMHWSNVGGLSGMILTLKETGLPKCVLSGPPQLEKYLEAIKIFSGPLKGIELAVRPHSAPEYEDETMTVYQIPIHSE
QRRGKHQPWQSPERPLSRLSPERSSDSESNENEPHLPHGVSQRRGVRDSSLVVAFICKLHLKRGNFLVLKAKEMGLPVGT
AAIAPIIAAVKDGKSITHEGREILAEELCTPPDPGAAFVVVECPDESFIQPICENATFQRYQGKADAPVALVVHMAPASV
LVDSRYQQWMERFGPDTQHLVLNENCASVHNLRSHKIQTQLNLIHPDIFPLLTSFRCKKEGPTLSVPMVQGECLLKYQLR
PRREWQRDAIITCNPEEFIVEALQLPNFQQSVQEYRRSAQDGPAPAEKRSQYPEIIFLGTGSAIPMKIRNVSATLVNISP
DTSLLLDCGEGTFGQLCRHYGDQVDRVLGTLAAVFVSHLHANHHTGLPSILLQRERALASLGKPLHPLLVVAPNQLKAWL
QQYHNQCQEVLHHISMIPAKCLQEGAEISSPAVERLISSLLRTCDLEEFQTCLVRHCKHAFGCALVHTSGWKVVYSGDTM
PCEALVRMGKDATLLIHEATLEDGLEEEAVEKTHSTTSQAISVGMRMNAEFIMLNHFSQRYAKVPLFSPNFSEKVGVAFD
HMKVCFGDFPTMPKLIPPLKALFAGDIEEMEERREKRELRQVRAALLSRELAGGLEDGEPQQKRAHTEEPQAKKVRAQ
;
E
3 'polypeptide(L)'
;SNAAATREFIEMWRLLGREVPEHITEEELKTLMECVSNTAKKKYLKYLYTKEKVKKARQIKKEMKAAAREEAKNIKLLET
TEEDKQKNFLFLRLWDRNMDIAMGWKGAQAMQFGQPLVFDMAYENYMKRKELQNTVSQLLESEGWNRRNVDPFHIYFCNL
KIDGALHRELVKRYQEKWDKLLLTSTEKSHVDLFPKDSIIYLTADSPNVMTTFRHDKVYVIGSFVDKSMQPGTSLAKAKR
LNLATECLPLDKYLQWEIGNKNLTLDQMIRILLCLKNNGNWQEALQFVPKRKHTGFLEISQHSQEFINRLKKAKT
;
F
4 'polyribonucleotide'
;GGUAAAAUGGCUGAGUGAAGCAUUGGACUGUAAAUCUAAAGACAGGGGUUAGGCCUCUUUUUACCAGCUCCGAGGUGAUU
UUCAAGCUCG
;
T
#
loop_
_chem_comp.id
_chem_comp.type
_chem_comp.name
_chem_comp.formula
A RNA linking ADENOSINE-5'-MONOPHOSPHATE 'C10 H14 N5 O7 P'
C RNA linking CYTIDINE-5'-MONOPHOSPHATE 'C9 H14 N3 O8 P'
G RNA linking GUANOSINE-5'-MONOPHOSPHATE 'C10 H14 N5 O8 P'
SAH non-polymer S-ADENOSYL-L-HOMOCYSTEINE 'C14 H20 N6 O5 S'
U RNA linking URIDINE-5'-MONOPHOSPHATE 'C9 H13 N2 O9 P'
ZN non-polymer 'ZINC ION' 'Zn 2'
#
# COMPACT_ATOMS: atom_id res chain seq x y z
N SER A 7 -17.28 51.41 23.68
CA SER A 7 -15.85 51.16 23.70
C SER A 7 -15.49 50.15 24.78
N VAL A 8 -14.25 49.68 24.76
CA VAL A 8 -13.75 48.72 25.74
C VAL A 8 -12.75 49.35 26.70
N LYS A 9 -12.68 50.68 26.72
CA LYS A 9 -11.75 51.37 27.60
C LYS A 9 -12.21 51.26 29.05
N GLY A 10 -11.32 50.81 29.92
CA GLY A 10 -11.62 50.71 31.33
C GLY A 10 -12.32 49.43 31.74
N LEU A 11 -12.67 48.57 30.79
CA LEU A 11 -13.34 47.32 31.11
C LEU A 11 -12.36 46.31 31.71
N VAL A 12 -12.88 45.45 32.58
CA VAL A 12 -12.11 44.37 33.19
C VAL A 12 -12.63 43.05 32.65
N ALA A 13 -11.73 42.23 32.14
CA ALA A 13 -12.09 40.98 31.49
C ALA A 13 -11.36 39.82 32.14
N VAL A 14 -12.03 38.67 32.21
CA VAL A 14 -11.44 37.44 32.71
C VAL A 14 -11.40 36.44 31.56
N ILE A 15 -10.21 35.99 31.20
CA ILE A 15 -10.00 35.12 30.06
C ILE A 15 -9.47 33.79 30.57
N THR A 16 -10.23 32.72 30.34
CA THR A 16 -9.80 31.39 30.73
C THR A 16 -8.85 30.82 29.68
N GLY A 17 -7.75 30.24 30.14
CA GLY A 17 -6.75 29.73 29.22
C GLY A 17 -6.10 30.80 28.37
N GLY A 18 -5.83 31.97 28.95
CA GLY A 18 -5.27 33.07 28.21
C GLY A 18 -3.75 33.13 28.20
N ALA A 19 -3.08 32.05 28.61
CA ALA A 19 -1.63 32.02 28.60
C ALA A 19 -1.07 31.60 27.25
N SER A 20 -1.92 31.11 26.35
CA SER A 20 -1.48 30.69 25.02
C SER A 20 -2.71 30.52 24.14
N GLY A 21 -2.47 30.39 22.85
CA GLY A 21 -3.55 30.15 21.90
C GLY A 21 -4.45 31.36 21.74
N LEU A 22 -5.75 31.09 21.54
CA LEU A 22 -6.70 32.17 21.30
C LEU A 22 -6.84 33.08 22.51
N GLY A 23 -6.75 32.52 23.72
CA GLY A 23 -6.92 33.33 24.91
C GLY A 23 -5.90 34.45 25.04
N LEU A 24 -4.65 34.17 24.69
CA LEU A 24 -3.62 35.21 24.76
C LEU A 24 -3.87 36.30 23.73
N ALA A 25 -4.35 35.93 22.54
CA ALA A 25 -4.57 36.92 21.48
C ALA A 25 -5.61 37.95 21.89
N THR A 26 -6.71 37.50 22.51
CA THR A 26 -7.71 38.45 22.98
C THR A 26 -7.15 39.31 24.11
N ALA A 27 -6.34 38.72 25.00
CA ALA A 27 -5.75 39.48 26.09
C ALA A 27 -4.84 40.58 25.56
N GLU A 28 -4.04 40.28 24.53
CA GLU A 28 -3.15 41.28 23.96
C GLU A 28 -3.94 42.45 23.36
N ARG A 29 -5.02 42.15 22.65
CA ARG A 29 -5.81 43.21 22.03
C ARG A 29 -6.55 44.04 23.06
N LEU A 30 -7.21 43.39 24.03
CA LEU A 30 -8.00 44.13 25.01
C LEU A 30 -7.10 45.01 25.87
N VAL A 31 -5.95 44.51 26.30
CA VAL A 31 -5.02 45.32 27.06
C VAL A 31 -4.49 46.47 26.22
N GLY A 32 -4.18 46.20 24.95
CA GLY A 32 -3.72 47.26 24.07
C GLY A 32 -4.75 48.34 23.85
N GLN A 33 -6.03 47.97 23.79
CA GLN A 33 -7.09 48.95 23.64
C GLN A 33 -7.33 49.77 24.89
N GLY A 34 -6.74 49.37 26.02
CA GLY A 34 -6.87 50.11 27.26
C GLY A 34 -7.64 49.39 28.35
N ALA A 35 -8.11 48.18 28.11
CA ALA A 35 -8.84 47.42 29.10
C ALA A 35 -7.88 46.69 30.04
N SER A 36 -8.44 46.01 31.03
CA SER A 36 -7.69 45.22 31.98
C SER A 36 -8.12 43.76 31.88
N ALA A 37 -7.15 42.85 31.90
CA ALA A 37 -7.41 41.43 31.70
C ALA A 37 -6.81 40.62 32.84
N VAL A 38 -7.44 39.48 33.12
CA VAL A 38 -6.96 38.53 34.12
C VAL A 38 -6.84 37.17 33.44
N LEU A 39 -5.63 36.61 33.46
CA LEU A 39 -5.39 35.32 32.83
C LEU A 39 -5.72 34.19 33.80
N LEU A 40 -6.56 33.27 33.36
CA LEU A 40 -7.01 32.14 34.18
C LEU A 40 -6.63 30.86 33.46
N ASP A 41 -5.51 30.26 33.85
CA ASP A 41 -5.02 29.07 33.17
C ASP A 41 -4.17 28.31 34.19
N LEU A 42 -3.90 27.04 33.89
CA LEU A 42 -3.18 26.18 34.81
C LEU A 42 -1.79 26.75 35.10
N PRO A 43 -1.27 26.56 36.32
CA PRO A 43 0.03 27.15 36.66
C PRO A 43 1.19 26.63 35.83
N ASN A 44 1.07 25.43 35.26
CA ASN A 44 2.16 24.85 34.49
C ASN A 44 2.32 25.49 33.12
N SER A 45 1.37 26.33 32.71
CA SER A 45 1.44 26.95 31.40
C SER A 45 2.37 28.16 31.37
N GLY A 46 2.89 28.56 32.53
CA GLY A 46 3.74 29.74 32.59
C GLY A 46 3.05 31.02 32.21
N GLY A 47 1.82 31.22 32.67
CA GLY A 47 1.08 32.43 32.34
C GLY A 47 1.61 33.68 32.99
N GLU A 48 2.38 33.54 34.07
CA GLU A 48 2.93 34.71 34.75
C GLU A 48 3.90 35.47 33.85
N ALA A 49 4.59 34.76 32.96
CA ALA A 49 5.48 35.42 32.02
C ALA A 49 4.70 36.32 31.07
N GLN A 50 3.56 35.83 30.56
CA GLN A 50 2.73 36.64 29.68
C GLN A 50 2.12 37.82 30.42
N ALA A 51 1.70 37.61 31.68
CA ALA A 51 1.12 38.70 32.45
C ALA A 51 2.12 39.81 32.68
N LYS A 52 3.38 39.46 32.98
CA LYS A 52 4.41 40.47 33.14
C LYS A 52 4.68 41.20 31.83
N LYS A 53 4.66 40.47 30.71
CA LYS A 53 4.92 41.08 29.41
C LYS A 53 3.85 42.11 29.05
N LEU A 54 2.59 41.80 29.32
CA LEU A 54 1.50 42.67 28.90
C LEU A 54 1.42 43.96 29.71
N GLY A 55 2.03 44.00 30.90
CA GLY A 55 2.07 45.22 31.69
C GLY A 55 1.35 45.05 33.01
N ASN A 56 1.07 46.19 33.64
CA ASN A 56 0.42 46.22 34.95
C ASN A 56 -1.08 45.98 34.87
N ASN A 57 -1.68 46.05 33.69
CA ASN A 57 -3.11 45.81 33.54
C ASN A 57 -3.45 44.34 33.42
N CYS A 58 -2.45 43.46 33.37
CA CYS A 58 -2.67 42.02 33.25
C CYS A 58 -2.15 41.33 34.50
N VAL A 59 -2.99 40.48 35.09
CA VAL A 59 -2.65 39.73 36.29
C VAL A 59 -2.94 38.26 36.04
N PHE A 60 -1.96 37.41 36.33
CA PHE A 60 -2.11 35.98 36.12
C PHE A 60 -2.73 35.34 37.36
N ALA A 61 -3.81 34.59 37.17
CA ALA A 61 -4.50 33.90 38.26
C ALA A 61 -4.42 32.40 38.03
N PRO A 62 -3.54 31.68 38.74
CA PRO A 62 -3.44 30.23 38.53
C PRO A 62 -4.66 29.51 39.11
N ALA A 63 -5.42 28.87 38.23
CA ALA A 63 -6.63 28.18 38.65
C ALA A 63 -6.98 27.12 37.60
N ASP A 64 -7.80 26.17 38.02
CA ASP A 64 -8.29 25.10 37.16
C ASP A 64 -9.79 25.27 36.97
N VAL A 65 -10.24 25.26 35.71
CA VAL A 65 -11.65 25.46 35.41
C VAL A 65 -12.50 24.33 35.96
N THR A 66 -11.99 23.09 35.95
CA THR A 66 -12.77 21.95 36.42
C THR A 66 -12.98 21.96 37.92
N SER A 67 -12.24 22.78 38.66
CA SER A 67 -12.33 22.83 40.11
C SER A 67 -13.08 24.09 40.53
N GLU A 68 -14.12 23.91 41.35
CA GLU A 68 -14.91 25.05 41.82
C GLU A 68 -14.08 25.98 42.70
N LYS A 69 -13.25 25.40 43.58
CA LYS A 69 -12.49 26.21 44.52
C LYS A 69 -11.49 27.12 43.81
N ASP A 70 -10.82 26.59 42.79
CA ASP A 70 -9.80 27.38 42.09
C ASP A 70 -10.40 28.58 41.38
N VAL A 71 -11.56 28.39 40.73
CA VAL A 71 -12.20 29.50 40.02
C VAL A 71 -12.64 30.57 41.01
N GLN A 72 -13.20 30.17 42.15
CA GLN A 72 -13.64 31.14 43.15
C GLN A 72 -12.47 31.94 43.70
N THR A 73 -11.33 31.27 43.93
CA THR A 73 -10.15 31.99 44.40
C THR A 73 -9.67 32.99 43.37
N ALA A 74 -9.63 32.59 42.09
CA ALA A 74 -9.18 33.49 41.04
C ALA A 74 -10.13 34.68 40.87
N LEU A 75 -11.43 34.42 40.95
CA LEU A 75 -12.40 35.51 40.82
C LEU A 75 -12.25 36.51 41.96
N ALA A 76 -11.99 36.02 43.19
CA ALA A 76 -11.75 36.93 44.30
C ALA A 76 -10.50 37.77 44.07
N LEU A 77 -9.46 37.17 43.49
CA LEU A 77 -8.26 37.93 43.17
C LEU A 77 -8.55 39.02 42.15
N ALA A 78 -9.35 38.70 41.13
CA ALA A 78 -9.71 39.70 40.13
C ALA A 78 -10.52 40.83 40.75
N LYS A 79 -11.47 40.50 41.64
CA LYS A 79 -12.24 41.53 42.31
C LYS A 79 -11.37 42.39 43.21
N GLY A 80 -10.42 41.77 43.91
CA GLY A 80 -9.52 42.54 44.75
C GLY A 80 -8.62 43.47 43.96
N LYS A 81 -8.13 43.00 42.82
CA LYS A 81 -7.18 43.80 42.04
C LYS A 81 -7.87 44.95 41.31
N PHE A 82 -9.04 44.69 40.71
CA PHE A 82 -9.68 45.67 39.85
C PHE A 82 -11.03 46.18 40.37
N GLY A 83 -11.77 45.38 41.12
CA GLY A 83 -13.01 45.82 41.72
C GLY A 83 -14.27 45.38 41.00
N ARG A 84 -14.15 44.92 39.75
CA ARG A 84 -15.34 44.51 39.01
C ARG A 84 -14.92 43.57 37.90
N VAL A 85 -15.90 42.84 37.38
CA VAL A 85 -15.73 41.95 36.23
C VAL A 85 -16.81 42.28 35.22
N ASP A 86 -16.42 42.55 33.98
CA ASP A 86 -17.37 42.92 32.94
C ASP A 86 -17.42 41.96 31.77
N VAL A 87 -16.29 41.32 31.42
CA VAL A 87 -16.23 40.41 30.28
C VAL A 87 -15.65 39.09 30.74
N ALA A 88 -16.27 37.99 30.31
CA ALA A 88 -15.77 36.64 30.58
C ALA A 88 -15.64 35.91 29.26
N VAL A 89 -14.41 35.49 28.94
CA VAL A 89 -14.11 34.79 27.69
C VAL A 89 -13.57 33.42 28.04
N ASN A 90 -14.18 32.38 27.46
CA ASN A 90 -13.80 30.99 27.71
C ASN A 90 -13.07 30.47 26.47
N CYS A 91 -11.74 30.53 26.51
CA CYS A 91 -10.91 30.04 25.42
C CYS A 91 -10.09 28.82 25.82
N ALA A 92 -10.43 28.20 26.95
CA ALA A 92 -9.71 27.03 27.42
C ALA A 92 -10.41 25.76 27.00
N GLY A 93 -9.63 24.75 26.64
CA GLY A 93 -10.19 23.48 26.21
C GLY A 93 -9.16 22.58 25.55
N ILE A 94 -9.25 21.29 25.83
CA ILE A 94 -8.36 20.29 25.26
C ILE A 94 -9.11 19.51 24.18
N ALA A 95 -8.36 18.77 23.38
CA ALA A 95 -8.94 17.97 22.31
C ALA A 95 -8.26 16.62 22.25
N VAL A 96 -9.00 15.60 21.82
CA VAL A 96 -8.48 14.25 21.66
C VAL A 96 -8.95 13.73 20.31
N ALA A 97 -8.21 12.76 19.76
CA ALA A 97 -8.53 12.14 18.48
C ALA A 97 -8.52 10.64 18.65
N SER A 98 -9.68 10.02 18.56
CA SER A 98 -9.81 8.57 18.69
C SER A 98 -11.14 8.14 18.10
N LYS A 99 -11.10 7.13 17.23
CA LYS A 99 -12.32 6.61 16.62
C LYS A 99 -13.19 5.92 17.66
N THR A 100 -14.50 5.95 17.43
CA THR A 100 -15.44 5.31 18.34
C THR A 100 -15.18 3.81 18.41
N TYR A 101 -14.98 3.17 17.26
CA TYR A 101 -14.69 1.74 17.22
C TYR A 101 -13.94 1.42 15.94
N ASN A 102 -12.84 0.69 16.07
CA ASN A 102 -12.01 0.29 14.94
C ASN A 102 -12.14 -1.22 14.79
N LEU A 103 -12.95 -1.65 13.82
CA LEU A 103 -13.20 -3.07 13.64
C LEU A 103 -11.94 -3.82 13.23
N LYS A 104 -11.16 -3.24 12.31
CA LYS A 104 -9.96 -3.92 11.82
C LYS A 104 -8.93 -4.09 12.92
N LYS A 105 -8.70 -3.04 13.72
CA LYS A 105 -7.73 -3.10 14.80
C LYS A 105 -8.30 -3.64 16.10
N GLY A 106 -9.61 -3.82 16.19
CA GLY A 106 -10.23 -4.29 17.41
C GLY A 106 -10.10 -3.33 18.57
N GLN A 107 -10.13 -2.02 18.31
CA GLN A 107 -9.96 -1.01 19.34
C GLN A 107 -11.30 -0.31 19.60
N THR A 108 -11.53 0.01 20.87
CA THR A 108 -12.73 0.72 21.29
C THR A 108 -12.33 1.99 22.03
N HIS A 109 -13.08 3.06 21.79
CA HIS A 109 -12.82 4.33 22.46
C HIS A 109 -12.89 4.16 23.97
N THR A 110 -11.86 4.63 24.66
CA THR A 110 -11.82 4.53 26.12
C THR A 110 -12.77 5.53 26.74
N LEU A 111 -13.44 5.11 27.82
CA LEU A 111 -14.40 5.99 28.47
C LEU A 111 -13.70 7.12 29.22
N GLU A 112 -12.50 6.87 29.74
CA GLU A 112 -11.77 7.91 30.46
C GLU A 112 -11.42 9.08 29.56
N ASP A 113 -11.02 8.79 28.31
CA ASP A 113 -10.72 9.87 27.37
C ASP A 113 -11.94 10.72 27.09
N PHE A 114 -13.10 10.09 26.90
CA PHE A 114 -14.32 10.83 26.67
C PHE A 114 -14.70 11.67 27.87
N GLN A 115 -14.57 11.10 29.08
CA GLN A 115 -14.92 11.85 30.29
C GLN A 115 -13.97 13.02 30.51
N ARG A 116 -12.67 12.82 30.27
CA ARG A 116 -11.70 13.89 30.48
C ARG A 116 -11.95 15.07 29.56
N VAL A 117 -12.25 14.81 28.28
CA VAL A 117 -12.54 15.89 27.35
C VAL A 117 -13.82 16.60 27.75
N LEU A 118 -14.86 15.85 28.13
CA LEU A 118 -16.11 16.46 28.53
C LEU A 118 -15.94 17.30 29.79
N ASP A 119 -15.08 16.86 30.71
CA ASP A 119 -14.90 17.56 31.97
C ASP A 119 -14.29 18.95 31.77
N VAL A 120 -13.36 19.10 30.83
CA VAL A 120 -12.67 20.37 30.63
C VAL A 120 -13.45 21.28 29.68
N ASN A 121 -13.83 20.76 28.52
CA ASN A 121 -14.45 21.61 27.49
C ASN A 121 -15.85 22.06 27.90
N LEU A 122 -16.69 21.13 28.35
CA LEU A 122 -18.08 21.43 28.65
C LEU A 122 -18.31 21.72 30.14
N MET A 123 -17.91 20.78 31.00
CA MET A 123 -18.11 20.98 32.44
C MET A 123 -17.32 22.17 32.94
N GLY A 124 -16.09 22.36 32.45
CA GLY A 124 -15.30 23.50 32.85
C GLY A 124 -15.90 24.83 32.42
N THR A 125 -16.44 24.88 31.21
CA THR A 125 -17.03 26.12 30.71
C THR A 125 -18.25 26.51 31.54
N PHE A 126 -19.12 25.56 31.84
CA PHE A 126 -20.30 25.86 32.64
C PHE A 126 -19.91 26.22 34.07
N ASN A 127 -18.86 25.60 34.60
CA ASN A 127 -18.40 25.92 35.94
C ASN A 127 -17.96 27.38 36.04
N VAL A 128 -17.24 27.87 35.02
CA VAL A 128 -16.84 29.27 35.01
C VAL A 128 -18.04 30.18 34.88
N ILE A 129 -18.96 29.86 33.96
CA ILE A 129 -20.06 30.77 33.65
C ILE A 129 -20.94 30.98 34.88
N ARG A 130 -21.27 29.90 35.59
CA ARG A 130 -22.13 30.01 36.76
C ARG A 130 -21.46 30.79 37.88
N LEU A 131 -20.14 30.87 37.89
CA LEU A 131 -19.45 31.56 38.98
C LEU A 131 -19.17 33.03 38.67
N VAL A 132 -18.79 33.35 37.43
CA VAL A 132 -18.53 34.73 37.09
C VAL A 132 -19.82 35.55 37.14
N ALA A 133 -20.94 34.94 36.75
CA ALA A 133 -22.21 35.65 36.76
C ALA A 133 -22.58 36.14 38.16
N GLY A 134 -22.25 35.35 39.19
CA GLY A 134 -22.44 35.83 40.55
C GLY A 134 -21.62 37.07 40.85
N GLU A 135 -20.36 37.07 40.41
CA GLU A 135 -19.56 38.29 40.48
C GLU A 135 -20.11 39.36 39.53
N MET A 136 -20.52 38.94 38.32
CA MET A 136 -21.01 39.86 37.32
C MET A 136 -22.36 40.47 37.70
N GLY A 137 -23.14 39.80 38.56
CA GLY A 137 -24.45 40.31 38.93
C GLY A 137 -24.42 41.49 39.85
N GLN A 138 -23.32 41.70 40.57
CA GLN A 138 -23.22 42.79 41.53
C GLN A 138 -22.87 44.12 40.88
N ASN A 139 -22.57 44.12 39.59
CA ASN A 139 -22.23 45.37 38.91
C ASN A 139 -23.46 46.24 38.74
N GLU A 140 -23.28 47.55 38.87
CA GLU A 140 -24.36 48.49 38.63
C GLU A 140 -24.74 48.47 37.16
N PRO A 141 -26.03 48.41 36.82
CA PRO A 141 -26.43 48.33 35.41
C PRO A 141 -25.96 49.54 34.63
N ASP A 142 -25.49 49.29 33.40
CA ASP A 142 -25.12 50.36 32.48
C ASP A 142 -26.38 51.07 32.02
N GLN A 143 -26.22 52.30 31.53
CA GLN A 143 -27.37 53.09 31.10
C GLN A 143 -28.16 52.38 30.00
N GLY A 144 -27.52 51.49 29.25
CA GLY A 144 -28.22 50.62 28.31
C GLY A 144 -28.81 49.37 28.93
N GLY A 145 -28.70 49.21 30.24
CA GLY A 145 -29.22 48.05 30.92
C GLY A 145 -28.29 46.85 30.98
N GLN A 146 -27.10 46.95 30.41
CA GLN A 146 -26.19 45.81 30.34
C GLN A 146 -25.32 45.73 31.59
N ARG A 147 -25.14 44.51 32.10
CA ARG A 147 -24.22 44.27 33.21
C ARG A 147 -22.89 43.68 32.77
N GLY A 148 -22.84 43.01 31.62
CA GLY A 148 -21.60 42.43 31.15
C GLY A 148 -21.87 41.48 30.00
N VAL A 149 -20.77 40.99 29.43
CA VAL A 149 -20.81 40.09 28.28
C VAL A 149 -20.04 38.83 28.61
N ILE A 150 -20.59 37.68 28.24
CA ILE A 150 -19.93 36.38 28.39
C ILE A 150 -19.81 35.77 27.00
N ILE A 151 -18.58 35.40 26.62
CA ILE A 151 -18.31 34.84 25.31
C ILE A 151 -17.71 33.46 25.48
N ASN A 152 -18.28 32.47 24.79
CA ASN A 152 -17.79 31.10 24.81
C ASN A 152 -17.09 30.78 23.49
N THR A 153 -16.44 29.63 23.45
CA THR A 153 -15.73 29.16 22.26
C THR A 153 -15.99 27.67 22.06
N ALA A 154 -16.72 27.34 20.99
CA ALA A 154 -16.96 25.96 20.61
C ALA A 154 -16.58 25.80 19.15
N SER A 155 -15.76 24.81 18.84
CA SER A 155 -15.23 24.65 17.50
C SER A 155 -16.34 24.26 16.53
N VAL A 156 -16.03 24.35 15.24
CA VAL A 156 -16.99 24.02 14.19
C VAL A 156 -17.32 22.53 14.17
N ALA A 157 -16.59 21.72 14.95
CA ALA A 157 -16.90 20.31 15.06
C ALA A 157 -18.27 20.07 15.69
N ALA A 158 -18.83 21.07 16.37
CA ALA A 158 -20.17 20.94 16.94
C ALA A 158 -21.23 20.74 15.87
N PHE A 159 -20.98 21.21 14.65
CA PHE A 159 -21.88 21.00 13.51
C PHE A 159 -21.38 19.91 12.58
N GLU A 160 -20.08 19.87 12.29
CA GLU A 160 -19.50 18.97 11.32
C GLU A 160 -18.23 18.37 11.90
N GLY A 161 -18.37 17.25 12.60
CA GLY A 161 -17.20 16.56 13.14
C GLY A 161 -16.53 15.67 12.11
N GLN A 162 -15.30 15.29 12.42
CA GLN A 162 -14.52 14.41 11.56
C GLN A 162 -14.44 13.01 12.16
N VAL A 163 -13.74 12.13 11.45
CA VAL A 163 -13.52 10.77 11.94
C VAL A 163 -12.62 10.82 13.17
N GLY A 164 -13.05 10.19 14.26
CA GLY A 164 -12.32 10.19 15.49
C GLY A 164 -12.51 11.43 16.34
N GLN A 165 -13.39 12.35 15.93
CA GLN A 165 -13.61 13.60 16.64
C GLN A 165 -14.93 13.55 17.40
N ALA A 166 -15.32 12.34 17.83
CA ALA A 166 -16.59 12.17 18.52
C ALA A 166 -16.59 12.85 19.89
N ALA A 167 -15.52 12.65 20.67
CA ALA A 167 -15.45 13.26 21.99
C ALA A 167 -15.40 14.78 21.90
N TYR A 168 -14.62 15.32 20.97
CA TYR A 168 -14.52 16.77 20.83
C TYR A 168 -15.85 17.38 20.38
N SER A 169 -16.54 16.73 19.44
CA SER A 169 -17.80 17.27 18.94
C SER A 169 -18.88 17.27 20.02
N ALA A 170 -18.91 16.22 20.85
CA ALA A 170 -19.93 16.14 21.90
C ALA A 170 -19.77 17.29 22.89
N SER A 171 -18.53 17.59 23.29
CA SER A 171 -18.30 18.69 24.22
C SER A 171 -18.62 20.03 23.59
N LYS A 172 -18.14 20.25 22.36
CA LYS A 172 -18.43 21.51 21.68
C LYS A 172 -19.90 21.62 21.32
N GLY A 173 -20.55 20.50 20.99
CA GLY A 173 -21.97 20.53 20.68
C GLY A 173 -22.82 20.94 21.87
N GLY A 174 -22.42 20.54 23.08
CA GLY A 174 -23.15 20.94 24.26
C GLY A 174 -23.11 22.43 24.50
N ILE A 175 -21.96 23.06 24.25
CA ILE A 175 -21.84 24.50 24.43
C ILE A 175 -22.77 25.24 23.47
N VAL A 176 -22.83 24.80 22.23
CA VAL A 176 -23.70 25.44 21.24
C VAL A 176 -25.17 25.29 21.66
N GLY A 177 -25.55 24.09 22.11
CA GLY A 177 -26.92 23.88 22.53
C GLY A 177 -27.32 24.66 23.76
N MET A 178 -26.39 24.80 24.71
CA MET A 178 -26.68 25.44 25.98
C MET A 178 -26.55 26.96 25.95
N THR A 179 -26.03 27.54 24.86
CA THR A 179 -25.83 28.98 24.82
C THR A 179 -27.16 29.73 24.83
N LEU A 180 -28.22 29.10 24.32
CA LEU A 180 -29.52 29.76 24.30
C LEU A 180 -30.21 29.75 25.67
N PRO A 181 -30.30 28.61 26.37
CA PRO A 181 -30.91 28.66 27.71
C PRO A 181 -30.20 29.59 28.68
N ILE A 182 -28.86 29.67 28.60
CA ILE A 182 -28.12 30.55 29.48
C ILE A 182 -28.41 32.02 29.15
N ALA A 183 -28.52 32.34 27.85
CA ALA A 183 -28.87 33.69 27.45
C ALA A 183 -30.26 34.07 27.97
N ARG A 184 -31.21 33.14 27.89
CA ARG A 184 -32.52 33.39 28.47
C ARG A 184 -32.47 33.43 29.99
N ASP A 185 -31.58 32.65 30.60
CA ASP A 185 -31.46 32.63 32.05
C ASP A 185 -30.99 33.97 32.59
N LEU A 186 -29.97 34.56 31.96
CA LEU A 186 -29.36 35.79 32.42
C LEU A 186 -29.94 37.03 31.77
N ALA A 187 -30.95 36.89 30.92
CA ALA A 187 -31.57 38.06 30.29
C ALA A 187 -32.16 39.04 31.28
N PRO A 188 -32.94 38.63 32.29
CA PRO A 188 -33.49 39.63 33.23
C PRO A 188 -32.42 40.41 33.98
N ILE A 189 -31.29 39.79 34.31
CA ILE A 189 -30.27 40.48 35.10
C ILE A 189 -29.37 41.30 34.18
N GLY A 190 -29.45 41.08 32.87
CA GLY A 190 -28.74 41.91 31.92
C GLY A 190 -27.35 41.44 31.58
N ILE A 191 -27.21 40.16 31.25
CA ILE A 191 -25.94 39.57 30.82
C ILE A 191 -26.14 38.94 29.46
N ARG A 192 -25.26 39.28 28.51
CA ARG A 192 -25.32 38.75 27.16
C ARG A 192 -24.35 37.58 27.03
N VAL A 193 -24.84 36.48 26.47
CA VAL A 193 -24.06 35.25 26.29
C VAL A 193 -23.94 34.97 24.80
N MET A 194 -22.71 34.77 24.34
CA MET A 194 -22.44 34.49 22.93
C MET A 194 -21.43 33.37 22.80
N THR A 195 -21.46 32.72 21.63
CA THR A 195 -20.55 31.64 21.30
C THR A 195 -19.92 31.90 19.94
N ILE A 196 -18.62 31.68 19.85
CA ILE A 196 -17.87 31.83 18.62
C ILE A 196 -17.38 30.46 18.18
N ALA A 197 -17.49 30.18 16.88
CA ALA A 197 -17.12 28.88 16.32
C ALA A 197 -15.92 29.04 15.39
N PRO A 198 -14.71 29.07 15.94
CA PRO A 198 -13.52 29.16 15.08
C PRO A 198 -13.31 27.89 14.27
N GLY A 199 -12.76 28.06 13.07
CA GLY A 199 -12.46 26.93 12.22
C GLY A 199 -11.07 26.39 12.48
N LEU A 200 -10.22 26.39 11.45
CA LEU A 200 -8.83 25.99 11.59
C LEU A 200 -8.00 27.23 11.89
N PHE A 201 -7.44 27.29 13.09
CA PHE A 201 -6.69 28.45 13.54
C PHE A 201 -5.25 28.07 13.88
N GLY A 202 -4.33 29.02 13.72
CA GLY A 202 -2.92 28.74 13.96
C GLY A 202 -2.57 28.66 15.43
N THR A 203 -3.34 27.91 16.21
CA THR A 203 -3.04 27.73 17.62
C THR A 203 -2.06 26.58 17.81
N PRO A 204 -1.37 26.52 18.95
CA PRO A 204 -0.53 25.36 19.24
C PRO A 204 -1.28 24.03 19.20
N LEU A 205 -2.58 24.05 19.51
CA LEU A 205 -3.37 22.82 19.46
C LEU A 205 -3.45 22.29 18.03
N LEU A 206 -3.33 23.15 17.04
CA LEU A 206 -3.39 22.71 15.64
C LEU A 206 -2.03 22.51 15.02
N THR A 207 -1.02 23.27 15.44
CA THR A 207 0.32 23.14 14.86
C THR A 207 1.04 21.88 15.31
N SER A 208 0.46 21.12 16.25
CA SER A 208 1.02 19.83 16.62
C SER A 208 0.95 18.83 15.47
N LEU A 209 0.00 19.00 14.55
CA LEU A 209 -0.14 18.08 13.43
C LEU A 209 1.04 18.22 12.48
N PRO A 210 1.35 17.16 11.72
CA PRO A 210 2.51 17.21 10.81
C PRO A 210 2.36 18.29 9.75
N GLU A 211 3.51 18.74 9.24
CA GLU A 211 3.52 19.99 8.46
C GLU A 211 2.72 19.85 7.17
N LYS A 212 2.76 18.68 6.54
CA LYS A 212 2.02 18.46 5.30
C LYS A 212 0.52 18.60 5.52
N VAL A 213 0.04 18.18 6.69
CA VAL A 213 -1.39 18.29 6.99
C VAL A 213 -1.80 19.75 7.07
N CYS A 214 -0.98 20.59 7.72
CA CYS A 214 -1.33 22.00 7.86
C CYS A 214 -1.46 22.69 6.52
N ASN A 215 -0.54 22.40 5.59
CA ASN A 215 -0.63 23.00 4.27
C ASN A 215 -1.88 22.54 3.54
N PHE A 216 -2.21 21.25 3.64
CA PHE A 216 -3.42 20.74 3.01
C PHE A 216 -4.68 21.35 3.64
N LEU A 217 -4.71 21.43 4.97
CA LEU A 217 -5.87 22.01 5.64
C LEU A 217 -6.03 23.49 5.32
N ALA A 218 -4.92 24.22 5.26
CA ALA A 218 -4.99 25.63 4.90
C ALA A 218 -5.48 25.80 3.47
N SER A 219 -5.09 24.91 2.56
CA SER A 219 -5.54 24.99 1.19
C SER A 219 -7.01 24.64 1.03
N GLN A 220 -7.59 23.89 1.98
CA GLN A 220 -8.99 23.50 1.88
C GLN A 220 -9.95 24.63 2.23
N VAL A 221 -9.46 25.67 2.89
CA VAL A 221 -10.31 26.82 3.20
C VAL A 221 -10.61 27.59 1.91
N PRO A 222 -11.87 27.85 1.58
CA PRO A 222 -12.19 28.56 0.33
C PRO A 222 -11.53 29.93 0.25
N PHE A 223 -11.78 30.79 1.23
CA PHE A 223 -11.15 32.10 1.26
C PHE A 223 -11.18 32.69 2.66
N PRO A 224 -10.04 33.14 3.19
CA PRO A 224 -8.70 33.08 2.59
C PRO A 224 -8.10 31.68 2.69
N SER A 225 -7.30 31.27 1.71
CA SER A 225 -6.73 29.91 1.69
C SER A 225 -5.50 29.87 2.60
N ARG A 226 -5.77 30.00 3.90
CA ARG A 226 -4.73 29.98 4.91
C ARG A 226 -5.35 29.63 6.26
N LEU A 227 -4.49 29.27 7.19
CA LEU A 227 -4.95 28.97 8.55
C LEU A 227 -5.42 30.24 9.24
N GLY A 228 -6.29 30.06 10.23
CA GLY A 228 -6.83 31.21 10.95
C GLY A 228 -5.76 31.93 11.74
N ASP A 229 -5.94 33.24 11.85
CA ASP A 229 -5.03 34.10 12.60
C ASP A 229 -5.66 34.43 13.94
N PRO A 230 -5.02 34.11 15.07
CA PRO A 230 -5.62 34.42 16.37
C PRO A 230 -5.90 35.90 16.58
N ALA A 231 -5.20 36.79 15.88
CA ALA A 231 -5.52 38.21 15.95
C ALA A 231 -6.91 38.49 15.41
N GLU A 232 -7.30 37.78 14.35
CA GLU A 232 -8.65 37.95 13.82
C GLU A 232 -9.71 37.49 14.82
N TYR A 233 -9.43 36.42 15.57
CA TYR A 233 -10.35 35.97 16.60
C TYR A 233 -10.52 37.03 17.68
N ALA A 234 -9.44 37.71 18.05
CA ALA A 234 -9.52 38.77 19.04
C ALA A 234 -10.39 39.92 18.53
N HIS A 235 -10.30 40.22 17.23
CA HIS A 235 -11.10 41.31 16.66
C HIS A 235 -12.59 41.00 16.77
N LEU A 236 -12.98 39.75 16.51
CA LEU A 236 -14.39 39.38 16.60
C LEU A 236 -14.90 39.50 18.04
N VAL A 237 -14.06 39.16 19.01
CA VAL A 237 -14.46 39.27 20.41
C VAL A 237 -14.73 40.72 20.77
N GLN A 238 -13.88 41.64 20.31
CA GLN A 238 -14.09 43.05 20.59
C GLN A 238 -15.38 43.56 19.95
N ALA A 239 -15.70 43.08 18.74
CA ALA A 239 -16.92 43.50 18.07
C ALA A 239 -18.15 43.07 18.85
N ILE A 240 -18.13 41.85 19.41
CA ILE A 240 -19.26 41.37 20.20
C ILE A 240 -19.46 42.22 21.43
N ILE A 241 -18.36 42.59 22.09
CA ILE A 241 -18.46 43.41 23.32
C ILE A 241 -19.08 44.76 23.01
N GLU A 242 -18.64 45.39 21.92
CA GLU A 242 -19.13 46.73 21.60
C GLU A 242 -20.59 46.71 21.15
N ASN A 243 -20.98 45.72 20.38
CA ASN A 243 -22.35 45.65 19.86
C ASN A 243 -23.30 45.24 20.97
N PRO A 244 -24.31 46.04 21.29
CA PRO A 244 -25.22 45.69 22.40
C PRO A 244 -26.38 44.80 22.00
N PHE A 245 -26.60 44.56 20.71
CA PHE A 245 -27.74 43.77 20.26
C PHE A 245 -27.35 42.35 19.88
N LEU A 246 -26.10 41.95 20.11
CA LEU A 246 -25.63 40.61 19.78
C LEU A 246 -25.82 39.71 20.99
N ASN A 247 -26.70 38.71 20.85
CA ASN A 247 -27.01 37.82 21.96
C ASN A 247 -27.55 36.51 21.43
N GLY A 248 -27.15 35.41 22.06
CA GLY A 248 -27.71 34.10 21.77
C GLY A 248 -27.49 33.60 20.35
N GLU A 249 -26.27 33.74 19.84
CA GLU A 249 -25.94 33.30 18.49
C GLU A 249 -24.59 32.59 18.51
N VAL A 250 -24.44 31.61 17.62
CA VAL A 250 -23.17 30.96 17.36
C VAL A 250 -22.64 31.47 16.03
N ILE A 251 -21.45 32.05 16.05
CA ILE A 251 -20.84 32.65 14.86
C ILE A 251 -19.66 31.79 14.45
N ARG A 252 -19.66 31.35 13.19
CA ARG A 252 -18.62 30.46 12.67
C ARG A 252 -17.51 31.30 12.07
N LEU A 253 -16.43 31.47 12.82
CA LEU A 253 -15.22 32.13 12.32
C LEU A 253 -14.32 31.07 11.68
N ASP A 254 -14.78 30.55 10.54
CA ASP A 254 -14.12 29.44 9.87
C ASP A 254 -13.60 29.79 8.49
N GLY A 255 -14.30 30.65 7.74
CA GLY A 255 -13.93 30.94 6.38
C GLY A 255 -14.68 30.13 5.33
N ALA A 256 -15.94 29.79 5.61
CA ALA A 256 -16.80 29.03 4.70
C ALA A 256 -16.24 27.64 4.40
N ILE A 257 -15.48 27.07 5.33
CA ILE A 257 -14.92 25.73 5.15
C ILE A 257 -15.88 24.71 5.72
N ARG A 258 -16.21 23.70 4.93
CA ARG A 258 -17.05 22.59 5.36
C ARG A 258 -16.18 21.35 5.47
N MET A 259 -16.12 20.77 6.67
CA MET A 259 -15.15 19.73 6.97
C MET A 259 -15.62 18.38 6.42
N GLN A 260 -14.66 17.61 5.92
CA GLN A 260 -14.96 16.30 5.33
C GLN A 260 -14.58 15.18 6.30
N PRO A 261 -15.15 13.98 6.12
CA PRO A 261 -14.78 12.82 6.95
C PRO A 261 -13.28 12.51 6.89
N SER B 7 -37.88 -5.25 6.50
CA SER B 7 -38.74 -5.55 7.63
C SER B 7 -37.94 -5.69 8.91
N VAL B 8 -38.64 -5.75 10.04
CA VAL B 8 -37.99 -5.90 11.35
C VAL B 8 -38.24 -7.29 11.93
N LYS B 9 -38.70 -8.23 11.12
CA LYS B 9 -38.95 -9.58 11.60
C LYS B 9 -37.65 -10.30 11.87
N GLY B 10 -37.51 -10.85 13.08
CA GLY B 10 -36.33 -11.60 13.46
C GLY B 10 -35.18 -10.77 13.97
N LEU B 11 -35.31 -9.44 13.97
CA LEU B 11 -34.24 -8.58 14.44
C LEU B 11 -34.17 -8.60 15.97
N VAL B 12 -32.96 -8.41 16.50
CA VAL B 12 -32.73 -8.33 17.93
C VAL B 12 -32.32 -6.90 18.26
N ALA B 13 -33.01 -6.29 19.22
CA ALA B 13 -32.79 -4.89 19.57
C ALA B 13 -32.48 -4.77 21.05
N VAL B 14 -31.61 -3.81 21.38
CA VAL B 14 -31.28 -3.48 22.76
C VAL B 14 -31.76 -2.06 23.02
N ILE B 15 -32.65 -1.91 23.99
CA ILE B 15 -33.28 -0.63 24.29
C ILE B 15 -32.87 -0.23 25.70
N THR B 16 -32.17 0.89 25.82
CA THR B 16 -31.77 1.41 27.12
C THR B 16 -32.92 2.19 27.73
N GLY B 17 -33.17 1.93 29.02
CA GLY B 17 -34.30 2.55 29.69
C GLY B 17 -35.64 2.16 29.13
N GLY B 18 -35.81 0.90 28.75
CA GLY B 18 -37.04 0.44 28.14
C GLY B 18 -38.08 -0.08 29.10
N ALA B 19 -37.91 0.16 30.40
CA ALA B 19 -38.88 -0.28 31.38
C ALA B 19 -40.03 0.71 31.55
N SER B 20 -39.90 1.91 30.98
CA SER B 20 -40.95 2.93 31.08
C SER B 20 -40.66 4.02 30.07
N GLY B 21 -41.65 4.87 29.85
CA GLY B 21 -41.47 6.00 28.95
C GLY B 21 -41.36 5.58 27.50
N LEU B 22 -40.54 6.30 26.75
CA LEU B 22 -40.40 6.05 25.32
C LEU B 22 -39.79 4.67 25.05
N GLY B 23 -38.87 4.24 25.91
CA GLY B 23 -38.21 2.96 25.69
C GLY B 23 -39.16 1.78 25.68
N LEU B 24 -40.15 1.79 26.58
CA LEU B 24 -41.13 0.71 26.60
C LEU B 24 -42.01 0.71 25.36
N ALA B 25 -42.36 1.90 24.85
CA ALA B 25 -43.24 1.98 23.69
C ALA B 25 -42.59 1.34 22.46
N THR B 26 -41.30 1.60 22.24
CA THR B 26 -40.61 0.97 21.13
C THR B 26 -40.51 -0.54 21.33
N ALA B 27 -40.27 -0.96 22.58
CA ALA B 27 -40.19 -2.39 22.86
C ALA B 27 -41.50 -3.10 22.56
N GLU B 28 -42.63 -2.48 22.92
CA GLU B 28 -43.93 -3.09 22.65
C GLU B 28 -44.16 -3.24 21.15
N ARG B 29 -43.82 -2.22 20.38
CA ARG B 29 -44.05 -2.28 18.94
C ARG B 29 -43.13 -3.28 18.25
N LEU B 30 -41.83 -3.26 18.59
CA LEU B 30 -40.89 -4.15 17.93
C LEU B 30 -41.19 -5.61 18.25
N VAL B 31 -41.52 -5.91 19.51
CA VAL B 31 -41.88 -7.28 19.87
C VAL B 31 -43.17 -7.68 19.16
N GLY B 32 -44.15 -6.76 19.10
CA GLY B 32 -45.38 -7.06 18.40
C GLY B 32 -45.19 -7.32 16.92
N GLN B 33 -44.25 -6.62 16.29
CA GLN B 33 -43.95 -6.84 14.88
C GLN B 33 -43.21 -8.14 14.64
N GLY B 34 -42.74 -8.80 15.69
CA GLY B 34 -42.05 -10.07 15.56
C GLY B 34 -40.58 -10.05 15.91
N ALA B 35 -40.04 -8.90 16.30
CA ALA B 35 -38.63 -8.80 16.66
C ALA B 35 -38.42 -9.23 18.12
N SER B 36 -37.16 -9.22 18.54
CA SER B 36 -36.77 -9.54 19.90
C SER B 36 -36.09 -8.34 20.53
N ALA B 37 -36.43 -8.05 21.78
CA ALA B 37 -35.93 -6.86 22.46
C ALA B 37 -35.32 -7.24 23.80
N VAL B 38 -34.34 -6.45 24.23
CA VAL B 38 -33.69 -6.60 25.52
C VAL B 38 -33.80 -5.27 26.26
N LEU B 39 -34.41 -5.29 27.43
CA LEU B 39 -34.59 -4.08 28.23
C LEU B 39 -33.36 -3.84 29.08
N LEU B 40 -32.79 -2.64 28.97
CA LEU B 40 -31.58 -2.26 29.70
C LEU B 40 -31.91 -1.03 30.53
N ASP B 41 -32.20 -1.24 31.82
CA ASP B 41 -32.60 -0.14 32.69
C ASP B 41 -32.25 -0.57 34.11
N LEU B 42 -32.22 0.41 35.01
CA LEU B 42 -31.81 0.17 36.39
C LEU B 42 -32.74 -0.86 37.04
N PRO B 43 -32.20 -1.69 37.94
CA PRO B 43 -33.04 -2.74 38.55
C PRO B 43 -34.21 -2.22 39.37
N ASN B 44 -34.12 -0.99 39.87
CA ASN B 44 -35.19 -0.45 40.71
C ASN B 44 -36.41 -0.04 39.90
N SER B 45 -36.32 -0.03 38.58
CA SER B 45 -37.44 0.38 37.75
C SER B 45 -38.48 -0.74 37.57
N GLY B 46 -38.18 -1.94 38.05
CA GLY B 46 -39.08 -3.06 37.88
C GLY B 46 -39.28 -3.46 36.44
N GLY B 47 -38.21 -3.50 35.65
CA GLY B 47 -38.33 -3.87 34.24
C GLY B 47 -38.65 -5.33 34.02
N GLU B 48 -38.39 -6.19 35.00
CA GLU B 48 -38.69 -7.62 34.84
C GLU B 48 -40.18 -7.86 34.68
N ALA B 49 -41.02 -7.01 35.29
CA ALA B 49 -42.45 -7.14 35.11
C ALA B 49 -42.85 -6.88 33.66
N GLN B 50 -42.27 -5.85 33.05
CA GLN B 50 -42.56 -5.55 31.65
C GLN B 50 -42.04 -6.64 30.73
N ALA B 51 -40.85 -7.18 31.04
CA ALA B 51 -40.28 -8.24 30.21
C ALA B 51 -41.17 -9.49 30.24
N LYS B 52 -41.70 -9.85 31.41
CA LYS B 52 -42.60 -10.98 31.50
C LYS B 52 -43.90 -10.71 30.73
N LYS B 53 -44.40 -9.48 30.80
CA LYS B 53 -45.63 -9.13 30.10
C LYS B 53 -45.48 -9.25 28.59
N LEU B 54 -44.35 -8.81 28.05
CA LEU B 54 -44.18 -8.78 26.59
C LEU B 54 -44.01 -10.16 25.99
N GLY B 55 -43.64 -11.16 26.78
CA GLY B 55 -43.52 -12.52 26.30
C GLY B 55 -42.10 -13.04 26.40
N ASN B 56 -41.86 -14.14 25.68
CA ASN B 56 -40.56 -14.80 25.71
C ASN B 56 -39.52 -14.10 24.83
N ASN B 57 -39.94 -13.18 23.97
CA ASN B 57 -39.00 -12.46 23.12
C ASN B 57 -38.38 -11.26 23.81
N CYS B 58 -38.80 -10.95 25.03
CA CYS B 58 -38.28 -9.83 25.79
C CYS B 58 -37.56 -10.33 27.03
N VAL B 59 -36.34 -9.85 27.24
CA VAL B 59 -35.52 -10.24 28.39
C VAL B 59 -35.02 -8.97 29.06
N PHE B 60 -35.21 -8.89 30.38
CA PHE B 60 -34.80 -7.74 31.15
C PHE B 60 -33.35 -7.91 31.60
N ALA B 61 -32.52 -6.92 31.30
CA ALA B 61 -31.11 -6.94 31.68
C ALA B 61 -30.83 -5.79 32.63
N PRO B 62 -30.72 -6.04 33.93
CA PRO B 62 -30.44 -4.95 34.88
C PRO B 62 -29.02 -4.44 34.74
N ALA B 63 -28.89 -3.18 34.34
CA ALA B 63 -27.58 -2.58 34.14
C ALA B 63 -27.70 -1.07 34.24
N ASP B 64 -26.56 -0.42 34.45
CA ASP B 64 -26.47 1.03 34.51
C ASP B 64 -25.64 1.53 33.34
N VAL B 65 -26.19 2.50 32.61
CA VAL B 65 -25.50 3.01 31.42
C VAL B 65 -24.20 3.71 31.78
N THR B 66 -24.15 4.39 32.93
CA THR B 66 -22.95 5.12 33.32
C THR B 66 -21.81 4.20 33.73
N SER B 67 -22.07 2.92 33.94
CA SER B 67 -21.05 1.96 34.36
C SER B 67 -20.68 1.08 33.19
N GLU B 68 -19.38 1.00 32.90
CA GLU B 68 -18.91 0.17 31.80
C GLU B 68 -19.15 -1.31 32.06
N LYS B 69 -18.94 -1.76 33.30
CA LYS B 69 -19.09 -3.19 33.60
C LYS B 69 -20.52 -3.65 33.42
N ASP B 70 -21.49 -2.84 33.86
CA ASP B 70 -22.89 -3.26 33.78
C ASP B 70 -23.34 -3.42 32.33
N VAL B 71 -22.95 -2.49 31.45
CA VAL B 71 -23.34 -2.58 30.05
C VAL B 71 -22.73 -3.81 29.40
N GLN B 72 -21.46 -4.11 29.70
CA GLN B 72 -20.81 -5.27 29.12
C GLN B 72 -21.49 -6.56 29.58
N THR B 73 -21.88 -6.63 30.85
CA THR B 73 -22.59 -7.81 31.34
C THR B 73 -23.93 -7.97 30.63
N ALA B 74 -24.67 -6.88 30.47
CA ALA B 74 -25.97 -6.95 29.81
C ALA B 74 -25.82 -7.34 28.35
N LEU B 75 -24.81 -6.80 27.66
CA LEU B 75 -24.59 -7.16 26.26
C LEU B 75 -24.25 -8.64 26.11
N ALA B 76 -23.45 -9.18 27.04
CA ALA B 76 -23.16 -10.60 27.01
C ALA B 76 -24.42 -11.43 27.20
N LEU B 77 -25.32 -10.98 28.09
CA LEU B 77 -26.58 -11.69 28.27
C LEU B 77 -27.41 -11.67 27.00
N ALA B 78 -27.46 -10.52 26.32
CA ALA B 78 -28.21 -10.44 25.06
C ALA B 78 -27.61 -11.36 24.00
N LYS B 79 -26.28 -11.40 23.91
CA LYS B 79 -25.63 -12.29 22.95
C LYS B 79 -25.90 -13.75 23.29
N GLY B 80 -25.87 -14.10 24.58
CA GLY B 80 -26.15 -15.46 24.97
C GLY B 80 -27.58 -15.88 24.68
N LYS B 81 -28.53 -14.96 24.91
CA LYS B 81 -29.93 -15.31 24.74
C LYS B 81 -30.32 -15.39 23.27
N PHE B 82 -29.86 -14.46 22.44
CA PHE B 82 -30.32 -14.35 21.06
C PHE B 82 -29.24 -14.59 20.02
N GLY B 83 -27.98 -14.31 20.33
CA GLY B 83 -26.88 -14.60 19.42
C GLY B 83 -26.38 -13.41 18.61
N ARG B 84 -27.14 -12.33 18.54
CA ARG B 84 -26.72 -11.18 17.75
C ARG B 84 -27.44 -9.94 18.26
N VAL B 85 -26.89 -8.77 17.90
CA VAL B 85 -27.49 -7.48 18.19
C VAL B 85 -27.54 -6.69 16.89
N ASP B 86 -28.72 -6.20 16.54
CA ASP B 86 -28.91 -5.46 15.29
C ASP B 86 -29.35 -4.02 15.48
N VAL B 87 -30.13 -3.72 16.52
CA VAL B 87 -30.64 -2.37 16.75
C VAL B 87 -30.30 -1.97 18.17
N ALA B 88 -29.83 -0.73 18.32
CA ALA B 88 -29.55 -0.15 19.63
C ALA B 88 -30.29 1.18 19.74
N VAL B 89 -31.19 1.28 20.71
CA VAL B 89 -32.00 2.47 20.92
C VAL B 89 -31.68 3.01 22.31
N ASN B 90 -31.33 4.30 22.38
CA ASN B 90 -30.98 4.96 23.63
C ASN B 90 -32.13 5.89 24.01
N CYS B 91 -33.02 5.40 24.88
CA CYS B 91 -34.15 6.17 25.37
C CYS B 91 -34.04 6.47 26.85
N ALA B 92 -32.86 6.28 27.44
CA ALA B 92 -32.64 6.53 28.85
C ALA B 92 -32.05 7.91 29.06
N GLY B 93 -32.49 8.58 30.12
CA GLY B 93 -31.99 9.90 30.44
C GLY B 93 -32.84 10.62 31.47
N ILE B 94 -32.18 11.35 32.36
CA ILE B 94 -32.84 12.12 33.40
C ILE B 94 -32.80 13.60 33.02
N ALA B 95 -33.60 14.39 33.73
CA ALA B 95 -33.68 15.82 33.48
C ALA B 95 -33.75 16.57 34.81
N VAL B 96 -33.20 17.78 34.82
CA VAL B 96 -33.23 18.64 35.99
C VAL B 96 -33.66 20.03 35.54
N ALA B 97 -34.20 20.81 36.48
CA ALA B 97 -34.65 22.17 36.21
C ALA B 97 -34.07 23.09 37.27
N SER B 98 -33.13 23.95 36.86
CA SER B 98 -32.51 24.90 37.78
C SER B 98 -31.87 26.01 36.97
N LYS B 99 -32.16 27.25 37.34
CA LYS B 99 -31.59 28.40 36.65
C LYS B 99 -30.08 28.48 36.89
N THR B 100 -29.37 29.04 35.91
CA THR B 100 -27.92 29.18 36.05
C THR B 100 -27.56 30.08 37.22
N TYR B 101 -28.26 31.21 37.37
CA TYR B 101 -28.02 32.11 38.48
C TYR B 101 -29.29 32.92 38.73
N ASN B 102 -29.70 32.98 39.99
CA ASN B 102 -30.89 33.72 40.40
C ASN B 102 -30.42 34.90 41.26
N LEU B 103 -30.39 36.09 40.65
CA LEU B 103 -29.88 37.27 41.35
C LEU B 103 -30.76 37.63 42.53
N LYS B 104 -32.09 37.59 42.35
CA LYS B 104 -32.99 37.98 43.42
C LYS B 104 -32.90 37.04 44.62
N LYS B 105 -32.86 35.73 44.37
CA LYS B 105 -32.77 34.75 45.44
C LYS B 105 -31.34 34.45 45.87
N GLY B 106 -30.34 34.95 45.14
CA GLY B 106 -28.96 34.66 45.48
C GLY B 106 -28.58 33.21 45.34
N GLN B 107 -29.16 32.50 44.37
CA GLN B 107 -28.90 31.08 44.18
C GLN B 107 -28.06 30.86 42.94
N THR B 108 -27.15 29.89 43.02
CA THR B 108 -26.29 29.52 41.90
C THR B 108 -26.48 28.04 41.60
N HIS B 109 -26.47 27.70 40.31
CA HIS B 109 -26.61 26.31 39.89
C HIS B 109 -25.50 25.46 40.50
N THR B 110 -25.87 24.35 41.12
CA THR B 110 -24.90 23.47 41.72
C THR B 110 -24.16 22.66 40.65
N LEU B 111 -22.86 22.49 40.86
CA LEU B 111 -22.05 21.77 39.88
C LEU B 111 -22.39 20.27 39.87
N GLU B 112 -22.77 19.72 41.03
CA GLU B 112 -23.10 18.30 41.10
C GLU B 112 -24.32 17.97 40.24
N ASP B 113 -25.33 18.86 40.24
CA ASP B 113 -26.51 18.63 39.41
C ASP B 113 -26.15 18.63 37.93
N PHE B 114 -25.29 19.56 37.52
CA PHE B 114 -24.87 19.60 36.12
C PHE B 114 -24.07 18.36 35.75
N GLN B 115 -23.17 17.92 36.63
CA GLN B 115 -22.38 16.73 36.34
C GLN B 115 -23.24 15.48 36.29
N ARG B 116 -24.20 15.35 37.20
CA ARG B 116 -25.05 14.17 37.23
C ARG B 116 -25.89 14.05 35.96
N VAL B 117 -26.46 15.16 35.47
CA VAL B 117 -27.23 15.11 34.24
C VAL B 117 -26.33 14.78 33.06
N LEU B 118 -25.15 15.38 33.00
CA LEU B 118 -24.22 15.11 31.91
C LEU B 118 -23.77 13.66 31.92
N ASP B 119 -23.58 13.08 33.11
CA ASP B 119 -23.10 11.72 33.21
C ASP B 119 -24.08 10.70 32.63
N VAL B 120 -25.38 10.92 32.83
CA VAL B 120 -26.38 9.96 32.38
C VAL B 120 -26.78 10.20 30.93
N ASN B 121 -27.14 11.44 30.60
CA ASN B 121 -27.68 11.73 29.27
C ASN B 121 -26.62 11.60 28.19
N LEU B 122 -25.45 12.23 28.40
CA LEU B 122 -24.42 12.27 27.38
C LEU B 122 -23.36 11.19 27.57
N MET B 123 -22.75 11.13 28.74
CA MET B 123 -21.73 10.12 28.99
C MET B 123 -22.30 8.71 28.93
N GLY B 124 -23.51 8.52 29.45
CA GLY B 124 -24.14 7.20 29.37
C GLY B 124 -24.44 6.78 27.94
N THR B 125 -24.92 7.72 27.12
CA THR B 125 -25.24 7.38 25.73
C THR B 125 -24.00 6.96 24.96
N PHE B 126 -22.90 7.71 25.11
CA PHE B 126 -21.67 7.35 24.42
C PHE B 126 -21.09 6.05 24.95
N ASN B 127 -21.25 5.79 26.24
CA ASN B 127 -20.77 4.54 26.81
C ASN B 127 -21.46 3.34 26.18
N VAL B 128 -22.78 3.44 25.97
CA VAL B 128 -23.51 2.35 25.34
C VAL B 128 -23.08 2.20 23.88
N ILE B 129 -22.98 3.32 23.16
CA ILE B 129 -22.73 3.27 21.71
C ILE B 129 -21.40 2.60 21.43
N ARG B 130 -20.35 2.99 22.16
CA ARG B 130 -19.03 2.42 21.93
C ARG B 130 -18.96 0.94 22.26
N LEU B 131 -19.87 0.44 23.10
CA LEU B 131 -19.84 -0.96 23.50
C LEU B 131 -20.69 -1.85 22.60
N VAL B 132 -21.88 -1.37 22.21
CA VAL B 132 -22.74 -2.19 21.35
C VAL B 132 -22.09 -2.37 19.98
N ALA B 133 -21.40 -1.34 19.50
CA ALA B 133 -20.77 -1.41 18.18
C ALA B 133 -19.75 -2.54 18.12
N GLY B 134 -19.03 -2.78 19.21
CA GLY B 134 -18.14 -3.93 19.25
C GLY B 134 -18.89 -5.25 19.10
N GLU B 135 -20.04 -5.37 19.78
CA GLU B 135 -20.91 -6.51 19.54
C GLU B 135 -21.52 -6.43 18.14
N MET B 136 -21.91 -5.23 17.72
CA MET B 136 -22.55 -5.04 16.42
C MET B 136 -21.59 -5.27 15.26
N GLY B 137 -20.28 -5.13 15.49
CA GLY B 137 -19.32 -5.28 14.42
C GLY B 137 -19.10 -6.72 13.98
N GLN B 138 -19.42 -7.68 14.84
CA GLN B 138 -19.20 -9.08 14.53
C GLN B 138 -20.29 -9.68 13.67
N ASN B 139 -21.36 -8.94 13.39
CA ASN B 139 -22.44 -9.45 12.57
C ASN B 139 -22.00 -9.54 11.11
N GLU B 140 -22.46 -10.58 10.42
CA GLU B 140 -22.20 -10.72 9.00
C GLU B 140 -22.92 -9.62 8.24
N PRO B 141 -22.26 -8.94 7.30
CA PRO B 141 -22.91 -7.84 6.59
C PRO B 141 -24.14 -8.31 5.83
N ASP B 142 -25.19 -7.49 5.86
CA ASP B 142 -26.39 -7.74 5.10
C ASP B 142 -26.09 -7.51 3.62
N GLN B 143 -26.91 -8.09 2.74
CA GLN B 143 -26.68 -7.96 1.30
C GLN B 143 -26.65 -6.51 0.85
N GLY B 144 -27.30 -5.61 1.60
CA GLY B 144 -27.18 -4.19 1.37
C GLY B 144 -25.99 -3.54 2.01
N GLY B 145 -25.11 -4.32 2.66
CA GLY B 145 -23.93 -3.80 3.32
C GLY B 145 -24.14 -3.32 4.73
N GLN B 146 -25.36 -3.41 5.26
CA GLN B 146 -25.65 -2.88 6.60
C GLN B 146 -25.37 -3.92 7.66
N ARG B 147 -24.77 -3.48 8.77
CA ARG B 147 -24.56 -4.32 9.93
C ARG B 147 -25.55 -4.08 11.05
N GLY B 148 -26.14 -2.89 11.12
CA GLY B 148 -27.10 -2.58 12.16
C GLY B 148 -27.40 -1.10 12.19
N VAL B 149 -28.35 -0.74 13.04
CA VAL B 149 -28.80 0.64 13.19
C VAL B 149 -28.70 1.03 14.66
N ILE B 150 -28.20 2.24 14.91
CA ILE B 150 -28.14 2.81 16.26
C ILE B 150 -28.94 4.10 16.25
N ILE B 151 -29.90 4.21 17.17
CA ILE B 151 -30.79 5.35 17.25
C ILE B 151 -30.64 6.00 18.62
N ASN B 152 -30.40 7.30 18.64
CA ASN B 152 -30.27 8.08 19.86
C ASN B 152 -31.52 8.93 20.07
N THR B 153 -31.62 9.54 21.25
CA THR B 153 -32.74 10.40 21.61
C THR B 153 -32.22 11.64 22.33
N ALA B 154 -32.34 12.80 21.68
CA ALA B 154 -31.99 14.07 22.30
C ALA B 154 -33.17 15.00 22.14
N SER B 155 -33.62 15.62 23.23
CA SER B 155 -34.83 16.43 23.20
C SER B 155 -34.59 17.69 22.38
N VAL B 156 -35.70 18.37 22.06
CA VAL B 156 -35.64 19.60 21.27
C VAL B 156 -34.96 20.73 22.02
N ALA B 157 -34.67 20.54 23.31
CA ALA B 157 -33.93 21.53 24.07
C ALA B 157 -32.51 21.74 23.54
N ALA B 158 -32.00 20.78 22.75
CA ALA B 158 -30.69 20.94 22.14
C ALA B 158 -30.63 22.12 21.19
N PHE B 159 -31.76 22.51 20.60
CA PHE B 159 -31.85 23.68 19.75
C PHE B 159 -32.45 24.89 20.46
N GLU B 160 -33.51 24.67 21.25
CA GLU B 160 -34.26 25.74 21.89
C GLU B 160 -34.54 25.36 23.33
N GLY B 161 -33.61 25.71 24.22
CA GLY B 161 -33.82 25.45 25.64
C GLY B 161 -34.68 26.51 26.30
N GLN B 162 -35.16 26.18 27.49
CA GLN B 162 -35.99 27.09 28.27
C GLN B 162 -35.19 27.63 29.46
N VAL B 163 -35.85 28.46 30.26
CA VAL B 163 -35.24 29.00 31.47
C VAL B 163 -35.03 27.87 32.47
N GLY B 164 -33.82 27.74 32.97
CA GLY B 164 -33.47 26.69 33.90
C GLY B 164 -33.19 25.35 33.27
N GLN B 165 -33.16 25.28 31.94
CA GLN B 165 -32.93 24.02 31.22
C GLN B 165 -31.52 24.00 30.64
N ALA B 166 -30.59 24.67 31.32
CA ALA B 166 -29.21 24.75 30.84
C ALA B 166 -28.52 23.39 30.88
N ALA B 167 -28.67 22.67 32.00
CA ALA B 167 -28.01 21.36 32.12
C ALA B 167 -28.59 20.36 31.12
N TYR B 168 -29.92 20.36 30.96
CA TYR B 168 -30.54 19.43 30.02
C TYR B 168 -30.14 19.72 28.58
N SER B 169 -30.10 21.01 28.22
CA SER B 169 -29.76 21.38 26.84
C SER B 169 -28.32 21.02 26.51
N ALA B 170 -27.41 21.20 27.46
CA ALA B 170 -26.00 20.90 27.21
C ALA B 170 -25.80 19.42 26.92
N SER B 171 -26.47 18.55 27.69
CA SER B 171 -26.35 17.12 27.46
C SER B 171 -26.99 16.71 26.14
N LYS B 172 -28.20 17.21 25.88
CA LYS B 172 -28.87 16.89 24.62
C LYS B 172 -28.15 17.53 23.43
N GLY B 173 -27.59 18.72 23.62
CA GLY B 173 -26.85 19.36 22.55
C GLY B 173 -25.61 18.57 22.13
N GLY B 174 -24.95 17.93 23.09
CA GLY B 174 -23.79 17.13 22.76
C GLY B 174 -24.13 15.93 21.89
N ILE B 175 -25.27 15.30 22.16
CA ILE B 175 -25.70 14.15 21.36
C ILE B 175 -25.95 14.57 19.91
N VAL B 176 -26.61 15.71 19.72
CA VAL B 176 -26.88 16.20 18.37
C VAL B 176 -25.57 16.50 17.64
N GLY B 177 -24.62 17.15 18.33
CA GLY B 177 -23.36 17.47 17.70
C GLY B 177 -22.52 16.25 17.37
N MET B 178 -22.55 15.23 18.23
CA MET B 178 -21.70 14.06 18.06
C MET B 178 -22.31 13.00 17.14
N THR B 179 -23.57 13.15 16.72
CA THR B 179 -24.19 12.13 15.90
C THR B 179 -23.54 12.04 14.53
N LEU B 180 -22.96 13.15 14.05
CA LEU B 180 -22.31 13.13 12.75
C LEU B 180 -20.94 12.47 12.78
N PRO B 181 -20.04 12.81 13.71
CA PRO B 181 -18.74 12.10 13.75
C PRO B 181 -18.88 10.60 13.96
N ILE B 182 -19.85 10.18 14.77
CA ILE B 182 -20.05 8.74 15.00
C ILE B 182 -20.54 8.07 13.73
N ALA B 183 -21.44 8.72 12.99
CA ALA B 183 -21.90 8.16 11.73
C ALA B 183 -20.75 8.02 10.74
N ARG B 184 -19.86 9.02 10.68
CA ARG B 184 -18.68 8.89 9.85
C ARG B 184 -17.71 7.85 10.40
N ASP B 185 -17.64 7.71 11.72
CA ASP B 185 -16.74 6.73 12.32
C ASP B 185 -17.14 5.31 11.95
N LEU B 186 -18.42 4.99 12.02
CA LEU B 186 -18.91 3.64 11.79
C LEU B 186 -19.37 3.41 10.35
N ALA B 187 -19.21 4.39 9.47
CA ALA B 187 -19.60 4.20 8.07
C ALA B 187 -18.84 3.07 7.38
N PRO B 188 -17.51 2.95 7.49
CA PRO B 188 -16.84 1.83 6.80
C PRO B 188 -17.30 0.46 7.27
N ILE B 189 -17.64 0.30 8.55
CA ILE B 189 -18.03 -1.01 9.06
C ILE B 189 -19.50 -1.27 8.79
N GLY B 190 -20.25 -0.24 8.42
CA GLY B 190 -21.63 -0.42 8.01
C GLY B 190 -22.65 -0.31 9.13
N ILE B 191 -22.54 0.73 9.94
CA ILE B 191 -23.50 1.00 11.01
C ILE B 191 -24.07 2.38 10.82
N ARG B 192 -25.40 2.48 10.84
CA ARG B 192 -26.10 3.74 10.67
C ARG B 192 -26.45 4.32 12.04
N VAL B 193 -26.16 5.60 12.23
CA VAL B 193 -26.40 6.30 13.49
C VAL B 193 -27.40 7.42 13.23
N MET B 194 -28.46 7.47 14.02
CA MET B 194 -29.49 8.49 13.88
C MET B 194 -29.91 9.02 15.23
N THR B 195 -30.46 10.23 15.23
CA THR B 195 -30.94 10.89 16.43
C THR B 195 -32.35 11.39 16.19
N ILE B 196 -33.21 11.18 17.17
CA ILE B 196 -34.60 11.64 17.14
C ILE B 196 -34.77 12.71 18.20
N ALA B 197 -35.49 13.79 17.86
CA ALA B 197 -35.70 14.92 18.75
C ALA B 197 -37.17 15.03 19.12
N PRO B 198 -37.62 14.25 20.11
CA PRO B 198 -39.02 14.37 20.53
C PRO B 198 -39.30 15.70 21.21
N GLY B 199 -40.53 16.19 21.03
CA GLY B 199 -40.94 17.42 21.68
C GLY B 199 -41.52 17.16 23.05
N LEU B 200 -42.77 17.57 23.26
CA LEU B 200 -43.49 17.30 24.50
C LEU B 200 -44.24 15.98 24.33
N PHE B 201 -43.85 14.98 25.10
CA PHE B 201 -44.41 13.64 25.01
C PHE B 201 -45.01 13.21 26.33
N GLY B 202 -46.06 12.38 26.27
CA GLY B 202 -46.75 11.95 27.47
C GLY B 202 -45.98 10.93 28.28
N THR B 203 -44.70 11.18 28.54
CA THR B 203 -43.90 10.30 29.36
C THR B 203 -44.07 10.65 30.83
N PRO B 204 -43.74 9.70 31.73
CA PRO B 204 -43.75 10.05 33.16
C PRO B 204 -42.85 11.22 33.51
N LEU B 205 -41.77 11.43 32.74
CA LEU B 205 -40.88 12.56 33.01
C LEU B 205 -41.60 13.88 32.80
N LEU B 206 -42.63 13.90 31.96
CA LEU B 206 -43.38 15.13 31.70
C LEU B 206 -44.65 15.24 32.53
N LYS B 212 -52.30 21.84 35.22
CA LYS B 212 -52.57 23.04 34.42
C LYS B 212 -51.46 23.28 33.41
N VAL B 213 -50.22 22.96 33.78
CA VAL B 213 -49.10 23.15 32.86
C VAL B 213 -49.22 22.23 31.66
N CYS B 214 -49.62 20.98 31.89
CA CYS B 214 -49.73 20.02 30.79
C CYS B 214 -50.77 20.47 29.77
N ASN B 215 -51.92 20.98 30.24
CA ASN B 215 -52.93 21.47 29.32
C ASN B 215 -52.43 22.67 28.52
N PHE B 216 -51.73 23.59 29.19
CA PHE B 216 -51.17 24.75 28.49
C PHE B 216 -50.11 24.33 27.48
N LEU B 217 -49.22 23.41 27.88
CA LEU B 217 -48.18 22.95 26.97
C LEU B 217 -48.75 22.20 25.77
N ALA B 218 -49.77 21.38 26.01
CA ALA B 218 -50.42 20.67 24.92
C ALA B 218 -51.11 21.64 23.96
N SER B 219 -51.68 22.72 24.49
CA SER B 219 -52.34 23.72 23.64
C SER B 219 -51.33 24.53 22.84
N GLN B 220 -50.07 24.61 23.28
CA GLN B 220 -49.08 25.40 22.57
C GLN B 220 -48.56 24.70 21.32
N VAL B 221 -48.79 23.41 21.18
CA VAL B 221 -48.37 22.70 19.97
C VAL B 221 -49.28 23.11 18.82
N PRO B 222 -48.73 23.56 17.69
CA PRO B 222 -49.59 23.99 16.57
C PRO B 222 -50.53 22.88 16.09
N PHE B 223 -49.97 21.75 15.70
CA PHE B 223 -50.79 20.62 15.27
C PHE B 223 -50.02 19.31 15.37
N PRO B 224 -50.58 18.29 16.02
CA PRO B 224 -51.87 18.28 16.74
C PRO B 224 -51.75 18.99 18.09
N SER B 225 -52.81 19.66 18.55
CA SER B 225 -52.78 20.40 19.80
C SER B 225 -52.97 19.44 20.98
N ARG B 226 -51.97 18.58 21.17
CA ARG B 226 -51.99 17.60 22.25
C ARG B 226 -50.56 17.17 22.54
N LEU B 227 -50.39 16.52 23.67
CA LEU B 227 -49.08 16.00 24.04
C LEU B 227 -48.70 14.82 23.14
N GLY B 228 -47.40 14.58 23.04
CA GLY B 228 -46.93 13.50 22.19
C GLY B 228 -47.35 12.14 22.70
N ASP B 229 -47.58 11.23 21.76
CA ASP B 229 -47.96 9.86 22.07
C ASP B 229 -46.74 8.95 21.92
N PRO B 230 -46.32 8.23 22.95
CA PRO B 230 -45.14 7.37 22.81
C PRO B 230 -45.29 6.31 21.72
N ALA B 231 -46.52 5.93 21.36
CA ALA B 231 -46.71 5.01 20.25
C ALA B 231 -46.23 5.63 18.94
N GLU B 232 -46.43 6.93 18.76
CA GLU B 232 -45.94 7.60 17.56
C GLU B 232 -44.42 7.61 17.52
N TYR B 233 -43.78 7.76 18.67
CA TYR B 233 -42.32 7.70 18.72
C TYR B 233 -41.82 6.32 18.30
N ALA B 234 -42.52 5.26 18.71
CA ALA B 234 -42.13 3.92 18.30
C ALA B 234 -42.26 3.74 16.79
N HIS B 235 -43.29 4.35 16.19
CA HIS B 235 -43.47 4.25 14.75
C HIS B 235 -42.31 4.87 14.00
N LEU B 236 -41.82 6.01 14.47
CA LEU B 236 -40.70 6.67 13.80
C LEU B 236 -39.44 5.82 13.89
N VAL B 237 -39.24 5.14 15.02
CA VAL B 237 -38.07 4.28 15.17
C VAL B 237 -38.10 3.14 14.16
N GLN B 238 -39.28 2.54 13.97
CA GLN B 238 -39.41 1.45 13.00
C GLN B 238 -39.13 1.95 11.58
N ALA B 239 -39.58 3.16 11.26
CA ALA B 239 -39.33 3.71 9.92
C ALA B 239 -37.84 3.90 9.66
N ILE B 240 -37.10 4.36 10.68
CA ILE B 240 -35.66 4.54 10.52
C ILE B 240 -34.97 3.21 10.27
N ILE B 241 -35.38 2.16 10.99
CA ILE B 241 -34.76 0.86 10.83
C ILE B 241 -34.99 0.32 9.43
N GLU B 242 -36.21 0.46 8.90
CA GLU B 242 -36.52 -0.09 7.59
C GLU B 242 -35.84 0.69 6.47
N ASN B 243 -35.78 2.01 6.59
CA ASN B 243 -35.19 2.82 5.53
C ASN B 243 -33.67 2.70 5.57
N PRO B 244 -33.03 2.26 4.48
CA PRO B 244 -31.58 2.07 4.49
C PRO B 244 -30.77 3.32 4.16
N PHE B 245 -31.40 4.40 3.72
CA PHE B 245 -30.70 5.61 3.32
C PHE B 245 -30.75 6.70 4.38
N LEU B 246 -31.32 6.42 5.55
CA LEU B 246 -31.43 7.40 6.63
C LEU B 246 -30.19 7.29 7.51
N ASN B 247 -29.37 8.34 7.54
CA ASN B 247 -28.14 8.32 8.31
C ASN B 247 -27.71 9.75 8.62
N GLY B 248 -27.21 9.96 9.83
CA GLY B 248 -26.61 11.23 10.21
C GLY B 248 -27.54 12.42 10.18
N GLU B 249 -28.76 12.26 10.72
CA GLU B 249 -29.73 13.35 10.75
C GLU B 249 -30.40 13.38 12.11
N VAL B 250 -30.77 14.58 12.54
CA VAL B 250 -31.59 14.78 13.73
C VAL B 250 -33.00 15.13 13.26
N ILE B 251 -33.99 14.33 13.69
CA ILE B 251 -35.38 14.51 13.28
C ILE B 251 -36.17 14.98 14.49
N ARG B 252 -36.86 16.10 14.33
CA ARG B 252 -37.62 16.72 15.42
C ARG B 252 -39.05 16.17 15.40
N LEU B 253 -39.32 15.21 16.27
CA LEU B 253 -40.67 14.69 16.48
C LEU B 253 -41.36 15.55 17.54
N ASP B 254 -41.66 16.79 17.16
CA ASP B 254 -42.20 17.78 18.09
C ASP B 254 -43.59 18.27 17.72
N GLY B 255 -43.89 18.40 16.43
CA GLY B 255 -45.14 18.97 16.00
C GLY B 255 -45.08 20.45 15.66
N ALA B 256 -43.93 20.92 15.13
CA ALA B 256 -43.72 22.31 14.74
C ALA B 256 -43.85 23.27 15.92
N ILE B 257 -43.56 22.81 17.13
CA ILE B 257 -43.63 23.66 18.31
C ILE B 257 -42.27 24.30 18.55
N ARG B 258 -42.26 25.62 18.71
CA ARG B 258 -41.05 26.37 19.03
C ARG B 258 -41.16 26.86 20.47
N MET B 259 -40.22 26.45 21.30
CA MET B 259 -40.33 26.65 22.74
C MET B 259 -39.95 28.08 23.12
N GLN B 260 -40.68 28.64 24.09
CA GLN B 260 -40.46 30.00 24.54
C GLN B 260 -39.72 30.02 25.87
N PRO B 261 -39.06 31.14 26.21
CA PRO B 261 -38.39 31.27 27.51
C PRO B 261 -39.33 31.04 28.69
N SER C 7 -52.96 3.96 8.39
CA SER C 7 -52.70 3.33 7.10
C SER C 7 -52.98 4.29 5.95
N VAL C 8 -52.58 3.91 4.75
CA VAL C 8 -52.79 4.73 3.56
C VAL C 8 -53.84 4.10 2.63
N LYS C 9 -54.60 3.13 3.14
CA LYS C 9 -55.62 2.49 2.32
C LYS C 9 -56.79 3.43 2.09
N GLY C 10 -57.17 3.62 0.82
CA GLY C 10 -58.28 4.46 0.46
C GLY C 10 -57.96 5.93 0.35
N LEU C 11 -56.72 6.33 0.63
CA LEU C 11 -56.34 7.74 0.52
C LEU C 11 -56.17 8.14 -0.93
N VAL C 12 -56.45 9.42 -1.21
CA VAL C 12 -56.26 9.99 -2.54
C VAL C 12 -55.12 10.99 -2.46
N ALA C 13 -54.15 10.84 -3.35
CA ALA C 13 -52.95 11.66 -3.33
C ALA C 13 -52.75 12.34 -4.69
N VAL C 14 -52.22 13.56 -4.65
CA VAL C 14 -51.88 14.31 -5.85
C VAL C 14 -50.37 14.50 -5.85
N ILE C 15 -49.70 13.99 -6.88
CA ILE C 15 -48.25 14.01 -6.97
C ILE C 15 -47.86 14.86 -8.16
N THR C 16 -47.15 15.95 -7.92
CA THR C 16 -46.67 16.81 -8.98
C THR C 16 -45.39 16.22 -9.58
N GLY C 17 -45.33 16.20 -10.91
CA GLY C 17 -44.19 15.60 -11.59
C GLY C 17 -44.04 14.12 -11.34
N GLY C 18 -45.14 13.39 -11.28
CA GLY C 18 -45.11 11.97 -10.98
C GLY C 18 -45.00 11.07 -12.19
N ALA C 19 -44.66 11.62 -13.35
CA ALA C 19 -44.49 10.81 -14.55
C ALA C 19 -43.08 10.22 -14.66
N SER C 20 -42.15 10.67 -13.82
CA SER C 20 -40.79 10.16 -13.84
C SER C 20 -40.09 10.61 -12.56
N GLY C 21 -38.93 10.01 -12.31
CA GLY C 21 -38.14 10.41 -11.15
C GLY C 21 -38.77 10.00 -9.85
N LEU C 22 -38.59 10.84 -8.82
CA LEU C 22 -39.08 10.52 -7.49
C LEU C 22 -40.61 10.47 -7.46
N GLY C 23 -41.27 11.32 -8.25
CA GLY C 23 -42.72 11.35 -8.23
C GLY C 23 -43.36 10.03 -8.63
N LEU C 24 -42.81 9.37 -9.64
CA LEU C 24 -43.34 8.08 -10.07
C LEU C 24 -43.14 7.01 -9.00
N ALA C 25 -42.00 7.04 -8.30
CA ALA C 25 -41.72 6.03 -7.29
C ALA C 25 -42.75 6.07 -6.16
N THR C 26 -43.10 7.26 -5.69
CA THR C 26 -44.13 7.38 -4.67
C THR C 26 -45.48 6.93 -5.19
N ALA C 27 -45.78 7.24 -6.45
CA ALA C 27 -47.05 6.83 -7.04
C ALA C 27 -47.16 5.31 -7.11
N GLU C 28 -46.07 4.64 -7.47
CA GLU C 28 -46.08 3.18 -7.56
C GLU C 28 -46.34 2.55 -6.19
N ARG C 29 -45.69 3.09 -5.16
CA ARG C 29 -45.86 2.52 -3.82
C ARG C 29 -47.25 2.79 -3.26
N LEU C 30 -47.73 4.03 -3.37
CA LEU C 30 -49.03 4.37 -2.81
C LEU C 30 -50.16 3.60 -3.49
N VAL C 31 -50.10 3.49 -4.82
CA VAL C 31 -51.10 2.71 -5.53
C VAL C 31 -51.01 1.24 -5.14
N GLY C 32 -49.79 0.72 -5.02
CA GLY C 32 -49.62 -0.67 -4.60
C GLY C 32 -50.15 -0.94 -3.21
N GLN C 33 -50.02 0.04 -2.31
CA GLN C 33 -50.54 -0.12 -0.96
C GLN C 33 -52.06 -0.04 -0.90
N GLY C 34 -52.70 0.38 -2.00
CA GLY C 34 -54.14 0.46 -2.06
C GLY C 34 -54.71 1.87 -2.17
N ALA C 35 -53.86 2.89 -2.21
CA ALA C 35 -54.33 4.26 -2.32
C ALA C 35 -54.59 4.62 -3.78
N SER C 36 -55.06 5.84 -3.99
CA SER C 36 -55.31 6.38 -5.32
C SER C 36 -54.45 7.60 -5.54
N ALA C 37 -53.86 7.71 -6.73
CA ALA C 37 -52.92 8.78 -7.04
C ALA C 37 -53.33 9.48 -8.33
N VAL C 38 -52.98 10.76 -8.41
CA VAL C 38 -53.21 11.58 -9.59
C VAL C 38 -51.88 12.18 -10.00
N LEU C 39 -51.46 11.90 -11.23
CA LEU C 39 -50.18 12.40 -11.74
C LEU C 39 -50.38 13.79 -12.32
N LEU C 40 -49.57 14.75 -11.86
CA LEU C 40 -49.65 16.14 -12.29
C LEU C 40 -48.29 16.53 -12.86
N ASP C 41 -48.16 16.49 -14.18
CA ASP C 41 -46.88 16.76 -14.83
C ASP C 41 -47.20 17.24 -16.23
N LEU C 42 -46.22 17.86 -16.88
CA LEU C 42 -46.41 18.44 -18.20
C LEU C 42 -46.83 17.37 -19.20
N PRO C 43 -47.67 17.72 -20.17
CA PRO C 43 -48.16 16.71 -21.13
C PRO C 43 -47.08 16.07 -21.96
N ASN C 44 -45.95 16.74 -22.16
CA ASN C 44 -44.87 16.20 -22.99
C ASN C 44 -44.11 15.08 -22.32
N SER C 45 -44.32 14.86 -21.03
CA SER C 45 -43.60 13.82 -20.30
C SER C 45 -44.17 12.43 -20.54
N GLY C 46 -45.30 12.34 -21.24
CA GLY C 46 -45.93 11.05 -21.46
C GLY C 46 -46.42 10.38 -20.20
N GLY C 47 -47.02 11.14 -19.28
CA GLY C 47 -47.50 10.57 -18.05
C GLY C 47 -48.70 9.64 -18.21
N GLU C 48 -49.44 9.77 -19.32
CA GLU C 48 -50.59 8.92 -19.53
C GLU C 48 -50.20 7.45 -19.66
N ALA C 49 -48.99 7.18 -20.17
CA ALA C 49 -48.51 5.81 -20.25
C ALA C 49 -48.32 5.22 -18.86
N GLN C 50 -47.75 6.00 -17.94
CA GLN C 50 -47.56 5.53 -16.57
C GLN C 50 -48.89 5.35 -15.86
N ALA C 51 -49.84 6.26 -16.10
CA ALA C 51 -51.15 6.16 -15.46
C ALA C 51 -51.87 4.89 -15.91
N LYS C 52 -51.79 4.56 -17.19
CA LYS C 52 -52.40 3.33 -17.67
C LYS C 52 -51.71 2.11 -17.07
N LYS C 53 -50.39 2.15 -16.92
CA LYS C 53 -49.65 1.03 -16.37
C LYS C 53 -50.05 0.76 -14.92
N LEU C 54 -50.22 1.82 -14.13
CA LEU C 54 -50.46 1.64 -12.70
C LEU C 54 -51.87 1.12 -12.41
N GLY C 55 -52.80 1.25 -13.35
CA GLY C 55 -54.13 0.69 -13.17
C GLY C 55 -55.19 1.78 -13.17
N ASN C 56 -56.38 1.39 -12.70
CA ASN C 56 -57.53 2.30 -12.68
C ASN C 56 -57.48 3.29 -11.52
N ASN C 57 -56.61 3.09 -10.55
CA ASN C 57 -56.50 4.00 -9.42
C ASN C 57 -55.59 5.19 -9.72
N CYS C 58 -54.95 5.22 -10.88
CA CYS C 58 -54.06 6.30 -11.27
C CYS C 58 -54.64 7.03 -12.47
N VAL C 59 -54.73 8.35 -12.39
CA VAL C 59 -55.25 9.19 -13.45
C VAL C 59 -54.24 10.29 -13.74
N PHE C 60 -53.89 10.46 -15.01
CA PHE C 60 -52.92 11.46 -15.42
C PHE C 60 -53.64 12.79 -15.68
N ALA C 61 -53.16 13.85 -15.04
CA ALA C 61 -53.73 15.19 -15.19
C ALA C 61 -52.69 16.11 -15.80
N PRO C 62 -52.77 16.41 -17.10
CA PRO C 62 -51.78 17.29 -17.71
C PRO C 62 -51.96 18.74 -17.25
N ALA C 63 -50.95 19.25 -16.55
CA ALA C 63 -51.02 20.61 -16.03
C ALA C 63 -49.60 21.12 -15.79
N ASP C 64 -49.48 22.43 -15.67
CA ASP C 64 -48.21 23.10 -15.39
C ASP C 64 -48.30 23.75 -14.02
N VAL C 65 -47.30 23.48 -13.17
CA VAL C 65 -47.32 24.02 -11.81
C VAL C 65 -47.20 25.54 -11.82
N THR C 66 -46.46 26.11 -12.76
CA THR C 66 -46.26 27.56 -12.78
C THR C 66 -47.51 28.31 -13.20
N SER C 67 -48.51 27.62 -13.75
CA SER C 67 -49.74 28.25 -14.21
C SER C 67 -50.87 27.96 -13.24
N GLU C 68 -51.53 29.02 -12.78
CA GLU C 68 -52.64 28.86 -11.84
C GLU C 68 -53.81 28.11 -12.46
N LYS C 69 -54.12 28.41 -13.72
CA LYS C 69 -55.28 27.80 -14.37
C LYS C 69 -55.11 26.30 -14.53
N ASP C 70 -53.91 25.85 -14.91
CA ASP C 70 -53.69 24.43 -15.13
C ASP C 70 -53.85 23.62 -13.84
N VAL C 71 -53.32 24.14 -12.73
CA VAL C 71 -53.43 23.43 -11.46
C VAL C 71 -54.88 23.33 -11.03
N GLN C 72 -55.65 24.43 -11.18
CA GLN C 72 -57.05 24.41 -10.81
C GLN C 72 -57.84 23.40 -11.64
N THR C 73 -57.55 23.33 -12.94
CA THR C 73 -58.22 22.34 -13.79
C THR C 73 -57.89 20.93 -13.35
N ALA C 74 -56.63 20.65 -13.05
CA ALA C 74 -56.23 19.31 -12.63
C ALA C 74 -56.85 18.95 -11.28
N LEU C 75 -56.90 19.90 -10.35
CA LEU C 75 -57.51 19.64 -9.05
C LEU C 75 -59.00 19.32 -9.19
N ALA C 76 -59.69 20.03 -10.10
CA ALA C 76 -61.10 19.73 -10.35
C ALA C 76 -61.26 18.33 -10.92
N LEU C 77 -60.34 17.91 -11.80
CA LEU C 77 -60.40 16.56 -12.33
C LEU C 77 -60.20 15.52 -11.23
N ALA C 78 -59.27 15.77 -10.31
CA ALA C 78 -59.05 14.85 -9.19
C ALA C 78 -60.29 14.77 -8.30
N LYS C 79 -60.91 15.92 -8.02
CA LYS C 79 -62.12 15.92 -7.21
C LYS C 79 -63.26 15.20 -7.91
N GLY C 80 -63.39 15.38 -9.23
CA GLY C 80 -64.43 14.69 -9.96
C GLY C 80 -64.22 13.18 -9.99
N LYS C 81 -62.97 12.75 -10.14
CA LYS C 81 -62.70 11.32 -10.27
C LYS C 81 -62.82 10.60 -8.93
N PHE C 82 -62.30 11.20 -7.86
CA PHE C 82 -62.22 10.50 -6.57
C PHE C 82 -63.04 11.12 -5.47
N GLY C 83 -63.29 12.43 -5.50
CA GLY C 83 -64.15 13.08 -4.54
C GLY C 83 -63.43 13.80 -3.41
N ARG C 84 -62.15 13.54 -3.21
CA ARG C 84 -61.42 14.18 -2.12
C ARG C 84 -59.92 14.14 -2.43
N VAL C 85 -59.19 14.99 -1.74
CA VAL C 85 -57.73 15.04 -1.81
C VAL C 85 -57.19 15.01 -0.38
N ASP C 86 -56.30 14.07 -0.11
CA ASP C 86 -55.74 13.91 1.23
C ASP C 86 -54.24 14.12 1.31
N VAL C 87 -53.49 13.79 0.28
CA VAL C 87 -52.04 13.91 0.29
C VAL C 87 -51.61 14.71 -0.94
N ALA C 88 -50.69 15.65 -0.73
CA ALA C 88 -50.10 16.43 -1.81
C ALA C 88 -48.59 16.31 -1.72
N VAL C 89 -47.97 15.78 -2.77
CA VAL C 89 -46.53 15.58 -2.82
C VAL C 89 -45.98 16.40 -3.98
N ASN C 90 -44.98 17.23 -3.70
CA ASN C 90 -44.36 18.09 -4.70
C ASN C 90 -42.98 17.52 -5.04
N CYS C 91 -42.91 16.73 -6.10
CA CYS C 91 -41.65 16.15 -6.57
C CYS C 91 -41.22 16.72 -7.91
N ALA C 92 -41.82 17.82 -8.34
CA ALA C 92 -41.48 18.44 -9.62
C ALA C 92 -40.48 19.57 -9.41
N GLY C 93 -39.54 19.68 -10.34
CA GLY C 93 -38.52 20.71 -10.26
C GLY C 93 -37.38 20.48 -11.22
N ILE C 94 -36.89 21.57 -11.80
CA ILE C 94 -35.76 21.52 -12.73
C ILE C 94 -34.51 22.05 -12.02
N ALA C 95 -33.36 21.81 -12.64
CA ALA C 95 -32.08 22.24 -12.08
C ALA C 95 -31.20 22.78 -13.20
N VAL C 96 -30.35 23.74 -12.85
CA VAL C 96 -29.40 24.33 -13.78
C VAL C 96 -28.04 24.40 -13.10
N ALA C 97 -26.98 24.44 -13.90
CA ALA C 97 -25.61 24.51 -13.39
C ALA C 97 -24.90 25.64 -14.11
N SER C 98 -24.59 26.71 -13.39
CA SER C 98 -23.89 27.85 -13.96
C SER C 98 -23.28 28.67 -12.82
N LYS C 99 -22.00 28.99 -12.94
CA LYS C 99 -21.33 29.79 -11.92
C LYS C 99 -21.87 31.21 -11.92
N THR C 100 -21.81 31.84 -10.74
CA THR C 100 -22.29 33.21 -10.61
C THR C 100 -21.48 34.16 -11.48
N TYR C 101 -20.15 34.01 -11.47
CA TYR C 101 -19.29 34.84 -12.29
C TYR C 101 -17.99 34.10 -12.54
N ASN C 102 -17.57 34.03 -13.80
CA ASN C 102 -16.34 33.37 -14.21
C ASN C 102 -15.37 34.45 -14.68
N LEU C 103 -14.41 34.81 -13.82
CA LEU C 103 -13.48 35.88 -14.15
C LEU C 103 -12.60 35.51 -15.33
N LYS C 104 -12.09 34.27 -15.37
CA LYS C 104 -11.20 33.86 -16.45
C LYS C 104 -11.91 33.86 -17.80
N LYS C 105 -13.13 33.33 -17.85
CA LYS C 105 -13.88 33.27 -19.09
C LYS C 105 -14.70 34.52 -19.36
N GLY C 106 -14.79 35.44 -18.39
CA GLY C 106 -15.60 36.63 -18.57
C GLY C 106 -17.07 36.37 -18.72
N GLN C 107 -17.60 35.35 -18.04
CA GLN C 107 -19.00 34.99 -18.15
C GLN C 107 -19.74 35.35 -16.87
N THR C 108 -20.98 35.79 -17.03
CA THR C 108 -21.85 36.15 -15.91
C THR C 108 -23.13 35.34 -16.00
N HIS C 109 -23.62 34.91 -14.83
CA HIS C 109 -24.85 34.15 -14.77
C HIS C 109 -26.00 34.95 -15.38
N THR C 110 -26.74 34.32 -16.29
CA THR C 110 -27.86 34.98 -16.93
C THR C 110 -29.04 35.07 -15.97
N LEU C 111 -29.75 36.21 -16.02
CA LEU C 111 -30.87 36.40 -15.13
C LEU C 111 -32.05 35.53 -15.51
N GLU C 112 -32.22 35.24 -16.80
CA GLU C 112 -33.33 34.40 -17.24
C GLU C 112 -33.22 32.99 -16.67
N ASP C 113 -32.01 32.44 -16.63
CA ASP C 113 -31.82 31.11 -16.06
C ASP C 113 -32.19 31.09 -14.59
N PHE C 114 -31.78 32.11 -13.83
CA PHE C 114 -32.13 32.19 -12.42
C PHE C 114 -33.64 32.32 -12.24
N GLN C 115 -34.29 33.15 -13.05
CA GLN C 115 -35.73 33.34 -12.92
C GLN C 115 -36.48 32.06 -13.29
N ARG C 116 -36.04 31.36 -14.34
CA ARG C 116 -36.73 30.14 -14.76
C ARG C 116 -36.66 29.06 -13.69
N VAL C 117 -35.50 28.88 -13.07
CA VAL C 117 -35.38 27.88 -12.00
C VAL C 117 -36.24 28.28 -10.81
N LEU C 118 -36.22 29.56 -10.44
CA LEU C 118 -37.03 30.02 -9.30
C LEU C 118 -38.51 29.85 -9.58
N ASP C 119 -38.93 30.07 -10.84
CA ASP C 119 -40.34 29.99 -11.17
C ASP C 119 -40.90 28.58 -11.00
N VAL C 120 -40.13 27.55 -11.33
CA VAL C 120 -40.61 26.19 -11.27
C VAL C 120 -40.44 25.59 -9.89
N ASN C 121 -39.23 25.67 -9.33
CA ASN C 121 -38.93 25.00 -8.07
C ASN C 121 -39.65 25.64 -6.90
N LEU C 122 -39.58 26.97 -6.79
CA LEU C 122 -40.12 27.68 -5.64
C LEU C 122 -41.52 28.23 -5.91
N MET C 123 -41.66 29.02 -6.96
CA MET C 123 -42.97 29.60 -7.29
C MET C 123 -43.99 28.52 -7.62
N GLY C 124 -43.55 27.49 -8.35
CA GLY C 124 -44.46 26.40 -8.67
C GLY C 124 -44.92 25.62 -7.45
N THR C 125 -44.01 25.39 -6.51
CA THR C 125 -44.36 24.63 -5.31
C THR C 125 -45.38 25.39 -4.47
N PHE C 126 -45.17 26.70 -4.28
CA PHE C 126 -46.12 27.50 -3.50
C PHE C 126 -47.45 27.61 -4.22
N ASN C 127 -47.42 27.68 -5.56
CA ASN C 127 -48.66 27.75 -6.32
C ASN C 127 -49.53 26.52 -6.10
N VAL C 128 -48.90 25.34 -6.07
CA VAL C 128 -49.64 24.11 -5.81
C VAL C 128 -50.18 24.10 -4.39
N ILE C 129 -49.33 24.45 -3.42
CA ILE C 129 -49.70 24.33 -2.01
C ILE C 129 -50.91 25.18 -1.68
N ARG C 130 -50.91 26.43 -2.15
CA ARG C 130 -52.02 27.34 -1.85
C ARG C 130 -53.32 26.89 -2.50
N LEU C 131 -53.24 26.07 -3.56
CA LEU C 131 -54.46 25.65 -4.26
C LEU C 131 -55.00 24.33 -3.73
N VAL C 132 -54.13 23.37 -3.42
CA VAL C 132 -54.62 22.09 -2.91
C VAL C 132 -55.24 22.27 -1.55
N ALA C 133 -54.69 23.18 -0.73
CA ALA C 133 -55.22 23.41 0.61
C ALA C 133 -56.68 23.86 0.57
N GLY C 134 -57.05 24.66 -0.43
CA GLY C 134 -58.45 25.00 -0.60
C GLY C 134 -59.31 23.78 -0.88
N GLU C 135 -58.83 22.88 -1.73
CA GLU C 135 -59.51 21.60 -1.89
C GLU C 135 -59.38 20.76 -0.63
N MET C 136 -58.20 20.79 0.00
CA MET C 136 -57.94 20.00 1.20
C MET C 136 -58.74 20.49 2.41
N GLY C 137 -59.13 21.75 2.42
CA GLY C 137 -59.84 22.30 3.56
C GLY C 137 -61.28 21.83 3.68
N GLN C 138 -61.87 21.38 2.58
CA GLN C 138 -63.27 20.94 2.59
C GLN C 138 -63.45 19.53 3.12
N ASN C 139 -62.37 18.81 3.39
CA ASN C 139 -62.49 17.45 3.91
C ASN C 139 -62.96 17.47 5.36
N GLU C 140 -63.79 16.49 5.70
CA GLU C 140 -64.23 16.34 7.08
C GLU C 140 -63.05 15.96 7.96
N PRO C 141 -62.87 16.59 9.11
CA PRO C 141 -61.71 16.27 9.96
C PRO C 141 -61.71 14.82 10.40
N ASP C 142 -60.52 14.23 10.40
CA ASP C 142 -60.34 12.87 10.89
C ASP C 142 -60.49 12.89 12.41
N GLN C 143 -60.77 11.72 13.00
CA GLN C 143 -60.97 11.65 14.44
C GLN C 143 -59.75 12.13 15.22
N GLY C 144 -58.56 12.08 14.60
CA GLY C 144 -57.38 12.69 15.17
C GLY C 144 -57.23 14.17 14.88
N GLY C 145 -58.20 14.77 14.21
CA GLY C 145 -58.14 16.19 13.88
C GLY C 145 -57.42 16.52 12.60
N GLN C 146 -56.90 15.53 11.88
CA GLN C 146 -56.12 15.79 10.68
C GLN C 146 -57.01 15.88 9.44
N ARG C 147 -56.71 16.84 8.58
CA ARG C 147 -57.39 16.97 7.30
C ARG C 147 -56.57 16.44 6.13
N GLY C 148 -55.25 16.40 6.25
CA GLY C 148 -54.42 15.91 5.18
C GLY C 148 -52.96 16.24 5.45
N VAL C 149 -52.11 15.74 4.57
CA VAL C 149 -50.66 15.90 4.67
C VAL C 149 -50.15 16.48 3.36
N ILE C 150 -49.24 17.46 3.47
CA ILE C 150 -48.57 18.05 2.33
C ILE C 150 -47.07 17.85 2.50
N ILE C 151 -46.43 17.25 1.50
CA ILE C 151 -45.00 16.93 1.55
C ILE C 151 -44.31 17.64 0.41
N ASN C 152 -43.25 18.37 0.72
CA ASN C 152 -42.42 19.06 -0.26
C ASN C 152 -41.11 18.33 -0.45
N THR C 153 -40.35 18.76 -1.46
CA THR C 153 -39.05 18.19 -1.77
C THR C 153 -38.07 19.30 -2.11
N ALA C 154 -37.08 19.50 -1.23
CA ALA C 154 -36.01 20.45 -1.49
C ALA C 154 -34.69 19.73 -1.29
N SER C 155 -33.79 19.83 -2.26
CA SER C 155 -32.54 19.07 -2.23
C SER C 155 -31.64 19.58 -1.11
N VAL C 156 -30.60 18.79 -0.81
CA VAL C 156 -29.66 19.14 0.24
C VAL C 156 -28.83 20.37 -0.12
N ALA C 157 -28.94 20.85 -1.36
CA ALA C 157 -28.25 22.07 -1.75
C ALA C 157 -28.77 23.28 -0.98
N ALA C 158 -29.95 23.18 -0.37
CA ALA C 158 -30.47 24.28 0.44
C ALA C 158 -29.59 24.57 1.65
N PHE C 159 -28.83 23.58 2.12
CA PHE C 159 -27.87 23.77 3.20
C PHE C 159 -26.44 23.87 2.71
N GLU C 160 -26.06 23.03 1.74
CA GLU C 160 -24.68 22.92 1.26
C GLU C 160 -24.69 22.87 -0.26
N GLY C 161 -24.65 24.03 -0.90
CA GLY C 161 -24.59 24.08 -2.34
C GLY C 161 -23.18 23.89 -2.87
N GLN C 162 -23.10 23.59 -4.17
CA GLN C 162 -21.82 23.41 -4.84
C GLN C 162 -21.50 24.60 -5.73
N VAL C 163 -20.36 24.52 -6.41
CA VAL C 163 -19.97 25.56 -7.35
C VAL C 163 -20.91 25.53 -8.55
N GLY C 164 -21.49 26.69 -8.87
CA GLY C 164 -22.43 26.79 -9.96
C GLY C 164 -23.84 26.38 -9.61
N GLN C 165 -24.11 26.05 -8.34
CA GLN C 165 -25.43 25.61 -7.91
C GLN C 165 -26.16 26.71 -7.14
N ALA C 166 -25.85 27.96 -7.51
CA ALA C 166 -26.44 29.10 -6.82
C ALA C 166 -27.94 29.20 -7.07
N ALA C 167 -28.37 29.06 -8.33
CA ALA C 167 -29.79 29.14 -8.64
C ALA C 167 -30.58 28.01 -8.00
N TYR C 168 -30.04 26.79 -8.05
CA TYR C 168 -30.73 25.65 -7.45
C TYR C 168 -30.85 25.79 -5.94
N SER C 169 -29.77 26.24 -5.29
CA SER C 169 -29.80 26.36 -3.84
C SER C 169 -30.78 27.42 -3.37
N ALA C 170 -30.87 28.53 -4.12
CA ALA C 170 -31.78 29.61 -3.73
C ALA C 170 -33.23 29.14 -3.76
N SER C 171 -33.60 28.39 -4.80
CA SER C 171 -34.97 27.87 -4.89
C SER C 171 -35.24 26.84 -3.81
N LYS C 172 -34.32 25.90 -3.63
CA LYS C 172 -34.50 24.89 -2.59
C LYS C 172 -34.41 25.49 -1.20
N GLY C 173 -33.57 26.51 -1.02
CA GLY C 173 -33.47 27.17 0.28
C GLY C 173 -34.76 27.87 0.68
N GLY C 174 -35.49 28.42 -0.29
CA GLY C 174 -36.75 29.06 0.02
C GLY C 174 -37.79 28.09 0.53
N ILE C 175 -37.83 26.88 -0.05
CA ILE C 175 -38.78 25.87 0.39
C ILE C 175 -38.51 25.48 1.84
N VAL C 176 -37.23 25.29 2.19
CA VAL C 176 -36.88 24.93 3.56
C VAL C 176 -37.28 26.03 4.52
N GLY C 177 -37.01 27.29 4.15
CA GLY C 177 -37.36 28.40 5.02
C GLY C 177 -38.86 28.58 5.19
N MET C 178 -39.62 28.35 4.12
CA MET C 178 -41.05 28.62 4.14
C MET C 178 -41.88 27.45 4.68
N THR C 179 -41.25 26.29 4.94
CA THR C 179 -42.02 25.14 5.40
C THR C 179 -42.58 25.37 6.79
N LEU C 180 -41.92 26.21 7.60
CA LEU C 180 -42.41 26.47 8.95
C LEU C 180 -43.58 27.45 8.97
N PRO C 181 -43.52 28.61 8.29
CA PRO C 181 -44.71 29.48 8.29
C PRO C 181 -45.95 28.81 7.71
N ILE C 182 -45.79 27.97 6.69
CA ILE C 182 -46.95 27.30 6.11
C ILE C 182 -47.53 26.29 7.11
N ALA C 183 -46.66 25.58 7.83
CA ALA C 183 -47.15 24.65 8.85
C ALA C 183 -47.91 25.39 9.94
N ARG C 184 -47.42 26.56 10.35
CA ARG C 184 -48.15 27.38 11.31
C ARG C 184 -49.42 27.95 10.69
N ASP C 185 -49.39 28.26 9.39
CA ASP C 185 -50.56 28.82 8.72
C ASP C 185 -51.71 27.82 8.69
N LEU C 186 -51.43 26.57 8.36
CA LEU C 186 -52.45 25.54 8.20
C LEU C 186 -52.67 24.72 9.45
N ALA C 187 -52.00 25.04 10.55
CA ALA C 187 -52.19 24.30 11.80
C ALA C 187 -53.63 24.36 12.32
N PRO C 188 -54.29 25.53 12.38
CA PRO C 188 -55.68 25.53 12.88
C PRO C 188 -56.64 24.68 12.05
N ILE C 189 -56.45 24.61 10.73
CA ILE C 189 -57.38 23.88 9.89
C ILE C 189 -57.01 22.40 9.86
N GLY C 190 -55.83 22.05 10.35
CA GLY C 190 -55.45 20.66 10.49
C GLY C 190 -54.76 20.06 9.28
N ILE C 191 -53.76 20.75 8.75
CA ILE C 191 -52.95 20.26 7.64
C ILE C 191 -51.49 20.24 8.08
N ARG C 192 -50.83 19.11 7.86
CA ARG C 192 -49.42 18.94 8.22
C ARG C 192 -48.56 19.17 6.98
N VAL C 193 -47.52 19.98 7.12
CA VAL C 193 -46.61 20.33 6.05
C VAL C 193 -45.22 19.83 6.40
N MET C 194 -44.60 19.08 5.50
CA MET C 194 -43.27 18.53 5.72
C MET C 194 -42.42 18.68 4.46
N THR C 195 -41.11 18.66 4.67
CA THR C 195 -40.13 18.78 3.60
C THR C 195 -39.11 17.66 3.72
N ILE C 196 -38.79 17.04 2.59
CA ILE C 196 -37.79 15.98 2.53
C ILE C 196 -36.60 16.50 1.73
N ALA C 197 -35.39 16.20 2.20
CA ALA C 197 -34.16 16.67 1.57
C ALA C 197 -33.38 15.49 1.01
N PRO C 198 -33.74 15.06 -0.22
CA PRO C 198 -33.08 13.93 -0.81
C PRO C 198 -31.67 14.38 -1.13
N GLY C 199 -30.71 13.47 -1.04
CA GLY C 199 -29.32 13.80 -1.40
C GLY C 199 -29.08 13.40 -2.83
N LEU C 200 -28.15 12.48 -3.06
CA LEU C 200 -27.82 12.09 -4.45
C LEU C 200 -28.63 10.84 -4.78
N PHE C 201 -29.80 11.01 -5.39
CA PHE C 201 -30.67 9.85 -5.67
C PHE C 201 -30.53 9.47 -7.14
N GLY C 202 -30.73 8.19 -7.45
CA GLY C 202 -30.53 7.71 -8.83
C GLY C 202 -31.73 8.03 -9.70
N THR C 203 -32.19 9.27 -9.64
CA THR C 203 -33.34 9.69 -10.47
C THR C 203 -32.87 9.72 -11.92
N PRO C 204 -33.77 9.60 -12.92
CA PRO C 204 -33.36 9.55 -14.31
C PRO C 204 -32.22 10.51 -14.64
N LEU C 205 -32.30 11.76 -14.18
CA LEU C 205 -31.29 12.77 -14.55
C LEU C 205 -29.88 12.35 -14.11
N LEU C 206 -29.71 11.91 -12.87
CA LEU C 206 -28.35 11.62 -12.37
C LEU C 206 -27.87 10.28 -12.90
N THR C 207 -28.78 9.39 -13.28
CA THR C 207 -28.34 8.10 -13.86
C THR C 207 -28.14 8.26 -15.37
N SER C 208 -27.63 9.42 -15.78
CA SER C 208 -27.40 9.67 -17.22
C SER C 208 -25.99 10.22 -17.40
N LEU C 209 -25.36 10.62 -16.29
CA LEU C 209 -23.98 11.17 -16.35
C LEU C 209 -23.04 10.02 -16.71
N PRO C 210 -21.85 10.28 -17.25
CA PRO C 210 -20.96 9.21 -17.67
C PRO C 210 -20.66 8.30 -16.47
N GLU C 211 -20.24 7.06 -16.72
CA GLU C 211 -20.05 6.10 -15.60
C GLU C 211 -19.01 6.60 -14.59
N LYS C 212 -17.80 6.93 -15.04
CA LYS C 212 -16.76 7.32 -14.06
C LYS C 212 -17.41 8.26 -13.06
N VAL C 213 -18.22 9.19 -13.55
CA VAL C 213 -18.85 10.18 -12.66
C VAL C 213 -19.79 9.43 -11.73
N CYS C 214 -20.66 8.60 -12.28
CA CYS C 214 -21.67 7.94 -11.41
C CYS C 214 -20.95 7.15 -10.32
N ASN C 215 -19.76 6.65 -10.57
CA ASN C 215 -19.11 5.80 -9.54
C ASN C 215 -18.37 6.69 -8.55
N PHE C 216 -18.04 7.92 -8.90
CA PHE C 216 -17.43 8.83 -7.91
C PHE C 216 -18.51 9.29 -6.95
N LEU C 217 -19.48 10.05 -7.43
CA LEU C 217 -20.52 10.60 -6.54
C LEU C 217 -20.93 9.53 -5.55
N ALA C 218 -21.28 8.37 -6.05
CA ALA C 218 -21.79 7.25 -5.25
C ALA C 218 -20.78 6.81 -4.21
N SER C 219 -19.49 6.84 -4.56
CA SER C 219 -18.45 6.45 -3.61
C SER C 219 -18.27 7.47 -2.50
N GLN C 220 -18.68 8.73 -2.72
CA GLN C 220 -18.51 9.75 -1.71
C GLN C 220 -19.53 9.65 -0.58
N VAL C 221 -20.61 8.92 -0.79
CA VAL C 221 -21.60 8.72 0.27
C VAL C 221 -21.01 7.81 1.33
N PRO C 222 -21.01 8.20 2.61
CA PRO C 222 -20.42 7.35 3.66
C PRO C 222 -21.07 5.97 3.73
N PHE C 223 -22.38 5.93 3.93
CA PHE C 223 -23.09 4.65 3.95
C PHE C 223 -24.57 4.85 3.68
N PRO C 224 -25.15 4.10 2.73
CA PRO C 224 -24.49 3.13 1.85
C PRO C 224 -23.72 3.82 0.72
N SER C 225 -22.60 3.24 0.28
CA SER C 225 -21.77 3.87 -0.75
C SER C 225 -22.37 3.59 -2.13
N ARG C 226 -23.53 4.19 -2.37
CA ARG C 226 -24.25 4.04 -3.62
C ARG C 226 -25.21 5.20 -3.79
N LEU C 227 -25.69 5.36 -5.01
CA LEU C 227 -26.67 6.41 -5.29
C LEU C 227 -28.00 6.08 -4.64
N GLY C 228 -28.80 7.11 -4.39
CA GLY C 228 -30.08 6.92 -3.75
C GLY C 228 -31.05 6.12 -4.62
N ASP C 229 -31.89 5.34 -3.95
CA ASP C 229 -32.91 4.54 -4.64
C ASP C 229 -34.25 5.23 -4.50
N PRO C 230 -34.92 5.57 -5.60
CA PRO C 230 -36.23 6.24 -5.48
C PRO C 230 -37.26 5.45 -4.71
N ALA C 231 -37.12 4.12 -4.64
CA ALA C 231 -38.02 3.33 -3.81
C ALA C 231 -37.88 3.70 -2.34
N GLU C 232 -36.65 3.98 -1.89
CA GLU C 232 -36.44 4.40 -0.51
C GLU C 232 -37.11 5.75 -0.24
N TYR C 233 -37.08 6.65 -1.22
CA TYR C 233 -37.75 7.93 -1.05
C TYR C 233 -39.26 7.75 -0.89
N ALA C 234 -39.83 6.80 -1.64
CA ALA C 234 -41.26 6.51 -1.49
C ALA C 234 -41.58 5.98 -0.10
N HIS C 235 -40.68 5.16 0.46
CA HIS C 235 -40.90 4.62 1.80
C HIS C 235 -40.96 5.73 2.84
N LEU C 236 -40.08 6.72 2.72
CA LEU C 236 -40.07 7.82 3.68
C LEU C 236 -41.36 8.63 3.58
N VAL C 237 -41.89 8.80 2.38
CA VAL C 237 -43.14 9.55 2.21
C VAL C 237 -44.29 8.83 2.92
N GLN C 238 -44.35 7.51 2.78
CA GLN C 238 -45.40 6.74 3.45
C GLN C 238 -45.28 6.85 4.97
N ALA C 239 -44.05 6.86 5.48
CA ALA C 239 -43.86 6.97 6.93
C ALA C 239 -44.37 8.31 7.44
N ILE C 240 -44.15 9.39 6.69
CA ILE C 240 -44.62 10.70 7.11
C ILE C 240 -46.14 10.74 7.14
N ILE C 241 -46.79 10.13 6.14
CA ILE C 241 -48.25 10.13 6.09
C ILE C 241 -48.83 9.40 7.29
N GLU C 242 -48.26 8.24 7.64
CA GLU C 242 -48.79 7.44 8.72
C GLU C 242 -48.56 8.09 10.09
N ASN C 243 -47.40 8.69 10.28
CA ASN C 243 -47.08 9.29 11.58
C ASN C 243 -47.84 10.60 11.74
N PRO C 244 -48.66 10.74 12.78
CA PRO C 244 -49.45 11.97 12.95
C PRO C 244 -48.74 13.10 13.68
N PHE C 245 -47.57 12.85 14.26
CA PHE C 245 -46.86 13.86 15.02
C PHE C 245 -45.70 14.50 14.25
N LEU C 246 -45.55 14.15 12.97
CA LEU C 246 -44.47 14.68 12.15
C LEU C 246 -44.97 15.95 11.44
N ASN C 247 -44.38 17.10 11.80
CA ASN C 247 -44.82 18.36 11.23
C ASN C 247 -43.69 19.38 11.32
N GLY C 248 -43.53 20.19 10.28
CA GLY C 248 -42.61 21.31 10.31
C GLY C 248 -41.15 20.94 10.46
N GLU C 249 -40.69 19.93 9.73
CA GLU C 249 -39.30 19.50 9.80
C GLU C 249 -38.79 19.23 8.40
N VAL C 250 -37.49 19.46 8.20
CA VAL C 250 -36.79 19.09 6.99
C VAL C 250 -35.93 17.87 7.30
N ILE C 251 -36.16 16.78 6.56
CA ILE C 251 -35.47 15.51 6.78
C ILE C 251 -34.53 15.28 5.61
N ARG C 252 -33.25 15.06 5.92
CA ARG C 252 -32.23 14.88 4.90
C ARG C 252 -32.09 13.40 4.58
N LEU C 253 -32.71 12.98 3.47
CA LEU C 253 -32.55 11.62 2.96
C LEU C 253 -31.34 11.59 2.03
N ASP C 254 -30.16 11.72 2.63
CA ASP C 254 -28.91 11.86 1.88
C ASP C 254 -27.93 10.73 2.15
N GLY C 255 -27.88 10.20 3.37
CA GLY C 255 -26.88 9.22 3.72
C GLY C 255 -25.65 9.77 4.40
N ALA C 256 -25.80 10.84 5.19
CA ALA C 256 -24.71 11.49 5.92
C ALA C 256 -23.62 12.03 4.99
N ILE C 257 -23.98 12.38 3.76
CA ILE C 257 -23.02 12.93 2.81
C ILE C 257 -23.01 14.45 2.92
N ARG C 258 -21.81 15.02 3.08
CA ARG C 258 -21.62 16.46 3.12
C ARG C 258 -20.93 16.89 1.84
N MET C 259 -21.58 17.76 1.08
CA MET C 259 -21.14 18.07 -0.27
C MET C 259 -19.97 19.06 -0.25
N GLN C 260 -19.02 18.86 -1.15
CA GLN C 260 -17.84 19.70 -1.24
C GLN C 260 -17.95 20.67 -2.41
N PRO C 261 -17.18 21.78 -2.38
CA PRO C 261 -17.17 22.73 -3.50
C PRO C 261 -16.80 22.07 -4.82
N SER D 7 -9.03 48.78 8.30
CA SER D 7 -9.87 49.96 8.44
C SER D 7 -10.75 50.15 7.22
N VAL D 8 -11.72 51.06 7.32
CA VAL D 8 -12.63 51.34 6.22
C VAL D 8 -12.36 52.72 5.61
N LYS D 9 -11.22 53.31 5.92
CA LYS D 9 -10.87 54.62 5.38
C LYS D 9 -10.55 54.51 3.90
N GLY D 10 -11.21 55.34 3.09
CA GLY D 10 -10.96 55.37 1.66
C GLY D 10 -11.74 54.34 0.85
N LEU D 11 -12.49 53.46 1.51
CA LEU D 11 -13.27 52.45 0.80
C LEU D 11 -14.48 53.07 0.14
N VAL D 12 -14.89 52.47 -0.97
CA VAL D 12 -16.09 52.88 -1.70
C VAL D 12 -17.12 51.76 -1.57
N ALA D 13 -18.32 52.12 -1.13
CA ALA D 13 -19.38 51.15 -0.86
C ALA D 13 -20.63 51.51 -1.65
N VAL D 14 -21.34 50.48 -2.09
CA VAL D 14 -22.63 50.63 -2.77
C VAL D 14 -23.69 49.99 -1.90
N ILE D 15 -24.67 50.80 -1.48
CA ILE D 15 -25.71 50.36 -0.56
C ILE D 15 -27.04 50.43 -1.28
N THR D 16 -27.69 49.28 -1.43
CA THR D 16 -29.01 49.23 -2.05
C THR D 16 -30.08 49.60 -1.03
N GLY D 17 -31.00 50.46 -1.43
CA GLY D 17 -32.02 50.92 -0.51
C GLY D 17 -31.49 51.72 0.65
N GLY D 18 -30.49 52.56 0.41
CA GLY D 18 -29.86 53.32 1.47
C GLY D 18 -30.46 54.68 1.73
N ALA D 19 -31.64 54.95 1.18
CA ALA D 19 -32.31 56.22 1.40
C ALA D 19 -33.13 56.23 2.69
N SER D 20 -33.32 55.07 3.30
CA SER D 20 -34.09 54.97 4.55
C SER D 20 -33.83 53.60 5.16
N GLY D 21 -34.25 53.46 6.41
CA GLY D 21 -34.14 52.17 7.09
C GLY D 21 -32.69 51.81 7.40
N LEU D 22 -32.40 50.52 7.32
CA LEU D 22 -31.07 50.03 7.67
C LEU D 22 -30.02 50.55 6.69
N GLY D 23 -30.37 50.70 5.41
CA GLY D 23 -29.40 51.15 4.43
C GLY D 23 -28.82 52.52 4.74
N LEU D 24 -29.67 53.45 5.19
CA LEU D 24 -29.19 54.78 5.54
C LEU D 24 -28.26 54.75 6.75
N ALA D 25 -28.56 53.89 7.73
CA ALA D 25 -27.75 53.84 8.94
C ALA D 25 -26.31 53.42 8.63
N THR D 26 -26.14 52.41 7.77
CA THR D 26 -24.79 52.01 7.36
C THR D 26 -24.10 53.11 6.58
N ALA D 27 -24.86 53.81 5.72
CA ALA D 27 -24.27 54.90 4.95
C ALA D 27 -23.76 56.02 5.85
N GLU D 28 -24.53 56.36 6.89
CA GLU D 28 -24.11 57.41 7.81
C GLU D 28 -22.82 57.02 8.53
N ARG D 29 -22.73 55.77 8.98
CA ARG D 29 -21.54 55.34 9.71
C ARG D 29 -20.32 55.26 8.80
N LEU D 30 -20.47 54.64 7.62
CA LEU D 30 -19.32 54.48 6.73
C LEU D 30 -18.79 55.83 6.25
N VAL D 31 -19.69 56.75 5.90
CA VAL D 31 -19.25 58.09 5.49
C VAL D 31 -18.58 58.80 6.66
N GLY D 32 -19.16 58.67 7.86
CA GLY D 32 -18.54 59.28 9.03
C GLY D 32 -17.17 58.74 9.34
N GLN D 33 -16.95 57.44 9.11
CA GLN D 33 -15.64 56.84 9.33
C GLN D 33 -14.62 57.26 8.28
N GLY D 34 -15.06 57.89 7.20
CA GLY D 34 -14.16 58.36 6.16
C GLY D 34 -14.31 57.67 4.82
N ALA D 35 -15.23 56.71 4.70
CA ALA D 35 -15.42 56.00 3.45
C ALA D 35 -16.35 56.79 2.53
N SER D 36 -16.56 56.26 1.33
CA SER D 36 -17.45 56.84 0.34
C SER D 36 -18.57 55.86 0.03
N ALA D 37 -19.80 56.37 -0.05
CA ALA D 37 -20.97 55.53 -0.24
C ALA D 37 -21.79 56.02 -1.42
N VAL D 38 -22.48 55.08 -2.07
CA VAL D 38 -23.39 55.37 -3.17
C VAL D 38 -24.75 54.79 -2.82
N LEU D 39 -25.76 55.63 -2.79
CA LEU D 39 -27.11 55.20 -2.45
C LEU D 39 -27.82 54.70 -3.70
N LEU D 40 -28.35 53.48 -3.63
CA LEU D 40 -29.03 52.84 -4.75
C LEU D 40 -30.44 52.48 -4.30
N ASP D 41 -31.41 53.33 -4.65
CA ASP D 41 -32.78 53.14 -4.20
C ASP D 41 -33.66 53.84 -5.23
N LEU D 42 -34.96 53.51 -5.20
CA LEU D 42 -35.89 54.03 -6.18
C LEU D 42 -35.96 55.56 -6.09
N PRO D 43 -36.16 56.23 -7.23
CA PRO D 43 -36.15 57.70 -7.24
C PRO D 43 -37.24 58.32 -6.38
N ASN D 44 -38.34 57.62 -6.13
CA ASN D 44 -39.45 58.17 -5.36
C ASN D 44 -39.15 58.24 -3.88
N SER D 45 -38.06 57.62 -3.42
CA SER D 45 -37.73 57.62 -2.00
C SER D 45 -37.07 58.91 -1.55
N GLY D 46 -36.75 59.80 -2.49
CA GLY D 46 -36.08 61.04 -2.14
C GLY D 46 -34.69 60.84 -1.57
N GLY D 47 -33.91 59.93 -2.16
CA GLY D 47 -32.56 59.68 -1.66
C GLY D 47 -31.58 60.79 -1.92
N GLU D 48 -31.89 61.68 -2.87
CA GLU D 48 -30.98 62.79 -3.16
C GLU D 48 -30.87 63.74 -1.97
N ALA D 49 -31.94 63.86 -1.18
CA ALA D 49 -31.86 64.69 0.03
C ALA D 49 -30.88 64.12 1.03
N GLN D 50 -30.88 62.79 1.22
CA GLN D 50 -29.94 62.16 2.13
C GLN D 50 -28.52 62.26 1.61
N ALA D 51 -28.34 62.11 0.29
CA ALA D 51 -27.00 62.21 -0.29
C ALA D 51 -26.42 63.60 -0.10
N LYS D 52 -27.22 64.64 -0.27
CA LYS D 52 -26.75 65.99 -0.02
C LYS D 52 -26.42 66.20 1.45
N LYS D 53 -27.22 65.64 2.35
CA LYS D 53 -26.98 65.80 3.77
C LYS D 53 -25.66 65.17 4.19
N LEU D 54 -25.34 63.99 3.67
CA LEU D 54 -24.16 63.26 4.11
C LEU D 54 -22.86 63.90 3.63
N GLY D 55 -22.91 64.73 2.60
CA GLY D 55 -21.74 65.44 2.12
C GLY D 55 -21.36 65.05 0.71
N ASN D 56 -20.14 65.40 0.34
CA ASN D 56 -19.64 65.15 -1.01
C ASN D 56 -19.21 63.71 -1.24
N ASN D 57 -19.06 62.93 -0.17
CA ASN D 57 -18.68 61.52 -0.31
C ASN D 57 -19.86 60.61 -0.58
N CYS D 58 -21.08 61.14 -0.59
CA CYS D 58 -22.27 60.35 -0.86
C CYS D 58 -22.93 60.84 -2.13
N VAL D 59 -23.24 59.90 -3.04
CA VAL D 59 -23.87 60.19 -4.31
C VAL D 59 -25.08 59.30 -4.46
N PHE D 60 -26.23 59.89 -4.78
CA PHE D 60 -27.47 59.15 -4.96
C PHE D 60 -27.58 58.65 -6.38
N ALA D 61 -27.81 57.36 -6.54
CA ALA D 61 -27.95 56.73 -7.86
C ALA D 61 -29.35 56.16 -7.99
N PRO D 62 -30.27 56.82 -8.69
CA PRO D 62 -31.63 56.28 -8.83
C PRO D 62 -31.66 55.07 -9.73
N ALA D 63 -32.02 53.92 -9.16
CA ALA D 63 -32.06 52.67 -9.91
C ALA D 63 -33.00 51.70 -9.22
N ASP D 64 -33.42 50.68 -9.97
CA ASP D 64 -34.28 49.63 -9.46
C ASP D 64 -33.51 48.32 -9.48
N VAL D 65 -33.52 47.62 -8.34
CA VAL D 65 -32.77 46.38 -8.23
C VAL D 65 -33.32 45.30 -9.14
N THR D 66 -34.63 45.27 -9.35
CA THR D 66 -35.24 44.24 -10.19
C THR D 66 -34.94 44.42 -11.67
N SER D 67 -34.42 45.58 -12.07
CA SER D 67 -34.11 45.86 -13.46
C SER D 67 -32.60 45.79 -13.68
N GLU D 68 -32.19 45.00 -14.67
CA GLU D 68 -30.76 44.86 -14.97
C GLU D 68 -30.17 46.16 -15.48
N LYS D 69 -30.90 46.88 -16.32
CA LYS D 69 -30.37 48.11 -16.92
C LYS D 69 -30.11 49.18 -15.86
N ASP D 70 -31.03 49.33 -14.90
CA ASP D 70 -30.87 50.38 -13.89
C ASP D 70 -29.65 50.13 -13.02
N VAL D 71 -29.41 48.88 -12.62
CA VAL D 71 -28.26 48.58 -11.78
C VAL D 71 -26.96 48.85 -12.54
N GLN D 72 -26.91 48.47 -13.82
CA GLN D 72 -25.71 48.69 -14.61
C GLN D 72 -25.42 50.18 -14.77
N THR D 73 -26.47 50.98 -14.97
CA THR D 73 -26.28 52.43 -15.08
C THR D 73 -25.75 53.01 -13.77
N ALA D 74 -26.31 52.57 -12.63
CA ALA D 74 -25.87 53.08 -11.34
C ALA D 74 -24.43 52.66 -11.05
N LEU D 75 -24.08 51.42 -11.39
CA LEU D 75 -22.70 50.96 -11.16
C LEU D 75 -21.71 51.76 -11.99
N ALA D 76 -22.08 52.09 -13.24
CA ALA D 76 -21.22 52.93 -14.06
C ALA D 76 -21.04 54.31 -13.44
N LEU D 77 -22.11 54.86 -12.87
CA LEU D 77 -22.01 56.15 -12.20
C LEU D 77 -21.07 56.08 -11.01
N ALA D 78 -21.16 54.99 -10.23
CA ALA D 78 -20.26 54.83 -9.08
C ALA D 78 -18.81 54.70 -9.54
N LYS D 79 -18.56 53.95 -10.61
CA LYS D 79 -17.20 53.83 -11.14
C LYS D 79 -16.69 55.16 -11.66
N GLY D 80 -17.55 55.92 -12.33
CA GLY D 80 -17.12 57.23 -12.83
C GLY D 80 -16.81 58.20 -11.71
N LYS D 81 -17.61 58.19 -10.64
CA LYS D 81 -17.43 59.15 -9.56
C LYS D 81 -16.21 58.81 -8.69
N PHE D 82 -16.02 57.53 -8.36
CA PHE D 82 -15.00 57.13 -7.41
C PHE D 82 -13.90 56.27 -7.99
N GLY D 83 -14.17 55.49 -9.02
CA GLY D 83 -13.16 54.70 -9.67
C GLY D 83 -13.10 53.24 -9.28
N ARG D 84 -13.74 52.85 -8.18
CA ARG D 84 -13.70 51.47 -7.74
C ARG D 84 -14.89 51.19 -6.83
N VAL D 85 -15.19 49.91 -6.66
CA VAL D 85 -16.23 49.45 -5.74
C VAL D 85 -15.62 48.36 -4.86
N ASP D 86 -15.72 48.52 -3.55
CA ASP D 86 -15.14 47.58 -2.60
C ASP D 86 -16.17 46.88 -1.72
N VAL D 87 -17.26 47.54 -1.36
CA VAL D 87 -18.26 46.96 -0.47
C VAL D 87 -19.62 47.07 -1.14
N ALA D 88 -20.39 45.99 -1.08
CA ALA D 88 -21.76 45.97 -1.58
C ALA D 88 -22.67 45.49 -0.46
N VAL D 89 -23.63 46.32 -0.07
CA VAL D 89 -24.56 46.01 1.00
C VAL D 89 -25.96 46.03 0.43
N ASN D 90 -26.71 44.94 0.64
CA ASN D 90 -28.07 44.81 0.14
C ASN D 90 -29.03 44.95 1.32
N CYS D 91 -29.55 46.16 1.51
CA CYS D 91 -30.52 46.45 2.56
C CYS D 91 -31.89 46.79 2.01
N ALA D 92 -32.12 46.51 0.74
CA ALA D 92 -33.41 46.81 0.11
C ALA D 92 -34.29 45.57 0.11
N GLY D 93 -35.58 45.78 0.33
CA GLY D 93 -36.54 44.70 0.36
C GLY D 93 -37.88 45.10 0.94
N ILE D 94 -38.94 44.57 0.34
CA ILE D 94 -40.30 44.83 0.80
C ILE D 94 -40.83 43.60 1.53
N ALA D 95 -41.94 43.77 2.24
CA ALA D 95 -42.56 42.69 2.99
C ALA D 95 -44.06 42.76 2.84
N VAL D 96 -44.70 41.59 2.89
CA VAL D 96 -46.15 41.48 2.81
C VAL D 96 -46.62 40.54 3.91
N ALA D 97 -47.88 40.69 4.31
CA ALA D 97 -48.47 39.84 5.35
C ALA D 97 -49.81 39.31 4.83
N SER D 98 -49.86 38.00 4.58
CA SER D 98 -51.07 37.35 4.11
C SER D 98 -50.97 35.86 4.37
N LYS D 99 -52.00 35.29 4.97
CA LYS D 99 -52.02 33.87 5.24
C LYS D 99 -52.10 33.07 3.95
N THR D 100 -51.54 31.85 3.98
CA THR D 100 -51.58 30.99 2.81
C THR D 100 -53.00 30.65 2.42
N TYR D 101 -53.83 30.30 3.41
CA TYR D 101 -55.23 29.98 3.15
C TYR D 101 -56.03 30.22 4.42
N ASN D 102 -57.13 30.94 4.29
CA ASN D 102 -58.03 31.25 5.41
C ASN D 102 -59.34 30.49 5.18
N LEU D 103 -59.50 29.37 5.89
CA LEU D 103 -60.69 28.55 5.68
C LEU D 103 -61.96 29.27 6.10
N LYS D 104 -61.92 29.97 7.23
CA LYS D 104 -63.12 30.65 7.72
C LYS D 104 -63.55 31.77 6.77
N LYS D 105 -62.61 32.58 6.30
CA LYS D 105 -62.93 33.68 5.40
C LYS D 105 -62.96 33.27 3.93
N GLY D 106 -62.53 32.04 3.62
CA GLY D 106 -62.50 31.61 2.23
C GLY D 106 -61.52 32.39 1.36
N GLN D 107 -60.40 32.80 1.92
CA GLN D 107 -59.41 33.59 1.20
C GLN D 107 -58.17 32.76 0.91
N THR D 108 -57.60 32.97 -0.27
CA THR D 108 -56.38 32.29 -0.69
C THR D 108 -55.32 33.33 -1.04
N HIS D 109 -54.07 33.02 -0.67
CA HIS D 109 -52.96 33.92 -0.97
C HIS D 109 -52.87 34.15 -2.48
N THR D 110 -52.79 35.41 -2.87
CA THR D 110 -52.68 35.75 -4.28
C THR D 110 -51.27 35.47 -4.79
N LEU D 111 -51.19 34.95 -6.02
CA LEU D 111 -49.90 34.61 -6.60
C LEU D 111 -49.09 35.85 -6.94
N GLU D 112 -49.76 36.94 -7.30
CA GLU D 112 -49.05 38.18 -7.65
C GLU D 112 -48.29 38.73 -6.45
N ASP D 113 -48.90 38.67 -5.26
CA ASP D 113 -48.22 39.14 -4.06
C ASP D 113 -46.98 38.32 -3.77
N PHE D 114 -47.07 36.99 -3.92
CA PHE D 114 -45.90 36.15 -3.70
C PHE D 114 -44.81 36.44 -4.73
N GLN D 115 -45.20 36.61 -6.00
CA GLN D 115 -44.21 36.89 -7.03
C GLN D 115 -43.54 38.24 -6.82
N ARG D 116 -44.33 39.25 -6.43
CA ARG D 116 -43.76 40.59 -6.24
C ARG D 116 -42.74 40.61 -5.11
N VAL D 117 -43.04 39.94 -4.00
CA VAL D 117 -42.09 39.89 -2.88
C VAL D 117 -40.83 39.13 -3.30
N LEU D 118 -41.00 38.01 -4.00
CA LEU D 118 -39.85 37.23 -4.45
C LEU D 118 -38.99 38.01 -5.43
N ASP D 119 -39.62 38.82 -6.28
CA ASP D 119 -38.88 39.57 -7.29
C ASP D 119 -37.95 40.59 -6.67
N VAL D 120 -38.36 41.26 -5.60
CA VAL D 120 -37.56 42.31 -5.00
C VAL D 120 -36.56 41.76 -4.00
N ASN D 121 -37.02 40.94 -3.06
CA ASN D 121 -36.15 40.48 -1.97
C ASN D 121 -35.09 39.52 -2.47
N LEU D 122 -35.49 38.51 -3.26
CA LEU D 122 -34.56 37.46 -3.69
C LEU D 122 -33.99 37.72 -5.07
N MET D 123 -34.87 37.92 -6.07
CA MET D 123 -34.39 38.17 -7.43
C MET D 123 -33.59 39.46 -7.50
N GLY D 124 -34.04 40.50 -6.80
CA GLY D 124 -33.31 41.76 -6.79
C GLY D 124 -31.94 41.64 -6.16
N THR D 125 -31.83 40.88 -5.06
CA THR D 125 -30.55 40.73 -4.39
C THR D 125 -29.54 40.01 -5.27
N PHE D 126 -29.97 38.93 -5.92
CA PHE D 126 -29.07 38.20 -6.80
C PHE D 126 -28.71 39.03 -8.03
N ASN D 127 -29.64 39.84 -8.52
CA ASN D 127 -29.35 40.70 -9.67
C ASN D 127 -28.23 41.68 -9.34
N VAL D 128 -28.25 42.26 -8.15
CA VAL D 128 -27.20 43.18 -7.74
C VAL D 128 -25.88 42.43 -7.59
N ILE D 129 -25.90 41.28 -6.91
CA ILE D 129 -24.67 40.58 -6.57
C ILE D 129 -23.91 40.18 -7.84
N ARG D 130 -24.63 39.63 -8.82
CA ARG D 130 -23.97 39.19 -10.05
C ARG D 130 -23.40 40.36 -10.85
N LEU D 131 -23.90 41.57 -10.64
CA LEU D 131 -23.43 42.71 -11.41
C LEU D 131 -22.28 43.45 -10.72
N VAL D 132 -22.36 43.62 -9.40
CA VAL D 132 -21.29 44.33 -8.70
C VAL D 132 -20.00 43.52 -8.76
N ALA D 133 -20.11 42.18 -8.70
CA ALA D 133 -18.92 41.33 -8.74
C ALA D 133 -18.12 41.54 -10.02
N GLY D 134 -18.81 41.76 -11.15
CA GLY D 134 -18.10 42.10 -12.36
C GLY D 134 -17.32 43.40 -12.23
N GLU D 135 -17.93 44.41 -11.62
CA GLU D 135 -17.17 45.62 -11.27
C GLU D 135 -16.14 45.33 -10.19
N MET D 136 -16.51 44.51 -9.21
CA MET D 136 -15.62 44.19 -8.10
C MET D 136 -14.44 43.33 -8.52
N GLY D 137 -14.58 42.58 -9.62
CA GLY D 137 -13.49 41.70 -10.06
C GLY D 137 -12.31 42.42 -10.66
N GLN D 138 -12.50 43.65 -11.14
CA GLN D 138 -11.44 44.40 -11.78
C GLN D 138 -10.50 45.08 -10.80
N ASN D 139 -10.82 45.04 -9.49
CA ASN D 139 -9.96 45.66 -8.50
C ASN D 139 -8.67 44.87 -8.32
N GLU D 140 -7.58 45.59 -8.11
CA GLU D 140 -6.31 44.93 -7.82
C GLU D 140 -6.39 44.24 -6.47
N PRO D 141 -5.93 42.99 -6.37
CA PRO D 141 -6.04 42.27 -5.09
C PRO D 141 -5.28 42.98 -3.98
N ASP D 142 -5.88 42.99 -2.80
CA ASP D 142 -5.24 43.53 -1.60
C ASP D 142 -4.13 42.57 -1.18
N GLN D 143 -3.18 43.09 -0.40
CA GLN D 143 -2.04 42.26 0.02
C GLN D 143 -2.49 41.03 0.79
N GLY D 144 -3.68 41.06 1.39
CA GLY D 144 -4.27 39.89 1.98
C GLY D 144 -5.04 39.02 1.01
N GLY D 145 -5.04 39.36 -0.27
CA GLY D 145 -5.74 38.60 -1.28
C GLY D 145 -7.20 38.96 -1.48
N GLN D 146 -7.72 39.92 -0.72
CA GLN D 146 -9.13 40.27 -0.79
C GLN D 146 -9.39 41.31 -1.88
N ARG D 147 -10.48 41.11 -2.61
CA ARG D 147 -10.93 42.10 -3.60
C ARG D 147 -12.09 42.93 -3.11
N GLY D 148 -12.88 42.44 -2.16
CA GLY D 148 -14.01 43.20 -1.65
C GLY D 148 -14.91 42.32 -0.82
N VAL D 149 -15.91 42.95 -0.22
CA VAL D 149 -16.85 42.29 0.67
C VAL D 149 -18.26 42.56 0.16
N ILE D 150 -19.10 41.54 0.16
CA ILE D 150 -20.52 41.65 -0.18
C ILE D 150 -21.32 41.18 1.02
N ILE D 151 -22.25 42.02 1.49
CA ILE D 151 -23.05 41.74 2.67
C ILE D 151 -24.52 41.77 2.26
N ASN D 152 -25.24 40.71 2.60
CA ASN D 152 -26.67 40.60 2.34
C ASN D 152 -27.45 40.79 3.64
N THR D 153 -28.78 40.90 3.50
CA THR D 153 -29.67 41.05 4.64
C THR D 153 -30.90 40.19 4.44
N ALA D 154 -31.05 39.16 5.27
CA ALA D 154 -32.23 38.31 5.27
C ALA D 154 -32.74 38.24 6.70
N SER D 155 -34.04 38.51 6.89
CA SER D 155 -34.61 38.59 8.22
C SER D 155 -34.61 37.21 8.88
N VAL D 156 -34.86 37.22 10.20
CA VAL D 156 -34.89 35.98 10.96
C VAL D 156 -36.07 35.10 10.59
N ALA D 157 -36.99 35.63 9.76
CA ALA D 157 -38.10 34.80 9.27
C ALA D 157 -37.62 33.65 8.40
N ALA D 158 -36.39 33.71 7.90
CA ALA D 158 -35.83 32.62 7.12
C ALA D 158 -35.71 31.33 7.93
N PHE D 159 -35.59 31.45 9.25
CA PHE D 159 -35.55 30.30 10.15
C PHE D 159 -36.88 30.08 10.87
N GLU D 160 -37.51 31.15 11.34
CA GLU D 160 -38.73 31.08 12.15
C GLU D 160 -39.72 32.12 11.64
N GLY D 161 -40.56 31.71 10.69
CA GLY D 161 -41.58 32.61 10.18
C GLY D 161 -42.81 32.61 11.07
N GLN D 162 -43.65 33.63 10.86
CA GLN D 162 -44.89 33.77 11.60
C GLN D 162 -46.08 33.43 10.71
N VAL D 163 -47.28 33.53 11.29
CA VAL D 163 -48.51 33.32 10.53
C VAL D 163 -48.66 34.42 9.51
N GLY D 164 -48.88 34.05 8.26
CA GLY D 164 -49.02 34.99 7.17
C GLY D 164 -47.70 35.52 6.63
N GLN D 165 -46.57 35.01 7.10
CA GLN D 165 -45.25 35.46 6.67
C GLN D 165 -44.61 34.45 5.74
N ALA D 166 -45.45 33.74 4.98
CA ALA D 166 -44.96 32.71 4.07
C ALA D 166 -44.15 33.31 2.92
N ALA D 167 -44.66 34.36 2.30
CA ALA D 167 -43.96 34.99 1.18
C ALA D 167 -42.64 35.60 1.63
N TYR D 168 -42.64 36.28 2.79
CA TYR D 168 -41.42 36.91 3.28
C TYR D 168 -40.36 35.87 3.63
N SER D 169 -40.78 34.77 4.28
CA SER D 169 -39.83 33.75 4.69
C SER D 169 -39.21 33.05 3.50
N ALA D 170 -39.99 32.81 2.45
CA ALA D 170 -39.47 32.13 1.27
C ALA D 170 -38.37 32.95 0.61
N SER D 171 -38.58 34.26 0.49
CA SER D 171 -37.57 35.13 -0.12
C SER D 171 -36.33 35.22 0.76
N LYS D 172 -36.52 35.44 2.06
CA LYS D 172 -35.38 35.51 2.97
C LYS D 172 -34.70 34.16 3.12
N GLY D 173 -35.47 33.07 3.07
CA GLY D 173 -34.86 31.75 3.15
C GLY D 173 -33.95 31.44 1.98
N GLY D 174 -34.30 31.93 0.78
CA GLY D 174 -33.45 31.71 -0.37
C GLY D 174 -32.10 32.40 -0.24
N ILE D 175 -32.09 33.60 0.33
CA ILE D 175 -30.83 34.33 0.52
C ILE D 175 -29.91 33.56 1.46
N VAL D 176 -30.47 33.03 2.55
CA VAL D 176 -29.67 32.28 3.51
C VAL D 176 -29.10 31.02 2.85
N GLY D 177 -29.93 30.32 2.07
CA GLY D 177 -29.46 29.12 1.41
C GLY D 177 -28.41 29.37 0.35
N MET D 178 -28.54 30.48 -0.38
CA MET D 178 -27.66 30.77 -1.50
C MET D 178 -26.37 31.48 -1.09
N THR D 179 -26.25 31.91 0.17
CA THR D 179 -25.06 32.64 0.59
C THR D 179 -23.82 31.76 0.55
N LEU D 180 -23.99 30.44 0.72
CA LEU D 180 -22.84 29.54 0.69
C LEU D 180 -22.35 29.26 -0.72
N PRO D 181 -23.21 28.90 -1.69
CA PRO D 181 -22.69 28.70 -3.05
C PRO D 181 -22.04 29.93 -3.65
N ILE D 182 -22.57 31.12 -3.34
CA ILE D 182 -21.97 32.35 -3.87
C ILE D 182 -20.60 32.58 -3.24
N ALA D 183 -20.47 32.30 -1.95
CA ALA D 183 -19.16 32.43 -1.31
C ALA D 183 -18.15 31.48 -1.91
N ARG D 184 -18.57 30.24 -2.21
CA ARG D 184 -17.70 29.31 -2.90
C ARG D 184 -17.45 29.74 -4.35
N ASP D 185 -18.45 30.36 -4.98
CA ASP D 185 -18.30 30.81 -6.36
C ASP D 185 -17.23 31.89 -6.48
N LEU D 186 -17.24 32.87 -5.58
CA LEU D 186 -16.34 34.01 -5.65
C LEU D 186 -15.08 33.83 -4.81
N ALA D 187 -14.90 32.66 -4.19
CA ALA D 187 -13.69 32.43 -3.40
C ALA D 187 -12.41 32.53 -4.21
N PRO D 188 -12.28 31.91 -5.40
CA PRO D 188 -11.02 32.05 -6.15
C PRO D 188 -10.68 33.48 -6.51
N ILE D 189 -11.67 34.32 -6.81
CA ILE D 189 -11.39 35.69 -7.24
C ILE D 189 -11.18 36.59 -6.03
N GLY D 190 -11.54 36.12 -4.84
CA GLY D 190 -11.25 36.85 -3.62
C GLY D 190 -12.33 37.82 -3.19
N ILE D 191 -13.58 37.35 -3.16
CA ILE D 191 -14.71 38.14 -2.69
C ILE D 191 -15.38 37.39 -1.56
N ARG D 192 -15.61 38.08 -0.44
CA ARG D 192 -16.26 37.50 0.73
C ARG D 192 -17.74 37.86 0.72
N VAL D 193 -18.58 36.86 0.93
CA VAL D 193 -20.04 37.03 0.93
C VAL D 193 -20.56 36.67 2.31
N MET D 194 -21.35 37.57 2.89
CA MET D 194 -21.92 37.37 4.22
C MET D 194 -23.37 37.79 4.25
N THR D 195 -24.11 37.23 5.20
CA THR D 195 -25.52 37.52 5.40
C THR D 195 -25.76 37.86 6.86
N ILE D 196 -26.53 38.92 7.10
CA ILE D 196 -26.91 39.35 8.44
C ILE D 196 -28.41 39.13 8.60
N ALA D 197 -28.80 38.62 9.77
CA ALA D 197 -30.20 38.29 10.06
C ALA D 197 -30.72 39.20 11.17
N PRO D 198 -31.14 40.43 10.84
CA PRO D 198 -31.71 41.31 11.87
C PRO D 198 -33.03 40.80 12.38
N GLY D 199 -33.31 41.05 13.66
CA GLY D 199 -34.57 40.68 14.25
C GLY D 199 -35.61 41.77 14.09
N LEU D 200 -36.14 42.27 15.20
CA LEU D 200 -37.08 43.38 15.18
C LEU D 200 -36.28 44.68 15.32
N PHE D 201 -36.30 45.49 14.28
CA PHE D 201 -35.52 46.72 14.23
C PHE D 201 -36.43 47.93 14.02
N GLY D 202 -36.03 49.07 14.56
CA GLY D 202 -36.84 50.27 14.47
C GLY D 202 -36.85 50.92 13.10
N THR D 203 -37.07 50.12 12.06
CA THR D 203 -37.15 50.64 10.71
C THR D 203 -38.57 51.11 10.41
N PRO D 204 -38.74 51.97 9.41
CA PRO D 204 -40.11 52.34 8.99
C PRO D 204 -40.96 51.14 8.59
N LEU D 205 -40.33 50.07 8.10
CA LEU D 205 -41.08 48.87 7.74
C LEU D 205 -41.75 48.25 8.96
N LEU D 206 -41.18 48.45 10.15
CA LEU D 206 -41.74 47.89 11.36
C LEU D 206 -42.61 48.87 12.12
N THR D 207 -42.31 50.17 12.06
CA THR D 207 -43.10 51.16 12.78
C THR D 207 -44.47 51.41 12.16
N GLU D 211 -49.22 50.91 17.64
CA GLU D 211 -48.24 51.23 18.67
C GLU D 211 -48.21 50.16 19.76
N LYS D 212 -49.36 49.58 20.08
CA LYS D 212 -49.41 48.55 21.12
C LYS D 212 -48.60 47.31 20.71
N VAL D 213 -48.60 47.00 19.41
CA VAL D 213 -47.83 45.86 18.92
C VAL D 213 -46.34 46.08 19.13
N CYS D 214 -45.85 47.29 18.84
CA CYS D 214 -44.43 47.57 18.97
C CYS D 214 -43.96 47.41 20.41
N ASN D 215 -44.75 47.89 21.37
CA ASN D 215 -44.39 47.73 22.78
C ASN D 215 -44.36 46.25 23.17
N PHE D 216 -45.35 45.49 22.71
CA PHE D 216 -45.37 44.06 23.01
C PHE D 216 -44.19 43.33 22.36
N LEU D 217 -43.90 43.66 21.10
CA LEU D 217 -42.79 43.01 20.40
C LEU D 217 -41.46 43.37 21.04
N ALA D 218 -41.30 44.64 21.44
CA ALA D 218 -40.06 45.04 22.12
C ALA D 218 -39.91 44.33 23.45
N SER D 219 -41.00 44.11 24.16
CA SER D 219 -40.94 43.41 25.45
C SER D 219 -40.64 41.93 25.28
N GLN D 220 -40.91 41.35 24.11
CA GLN D 220 -40.67 39.93 23.89
C GLN D 220 -39.20 39.61 23.67
N VAL D 221 -38.38 40.61 23.37
CA VAL D 221 -36.94 40.38 23.21
C VAL D 221 -36.33 40.12 24.58
N PRO D 222 -35.59 39.02 24.77
CA PRO D 222 -35.01 38.72 26.08
C PRO D 222 -34.10 39.82 26.58
N PHE D 223 -33.08 40.17 25.81
CA PHE D 223 -32.18 41.25 26.19
C PHE D 223 -31.44 41.80 24.97
N PRO D 224 -31.45 43.11 24.75
CA PRO D 224 -32.18 44.13 25.52
C PRO D 224 -33.66 44.13 25.19
N SER D 225 -34.53 44.45 26.16
CA SER D 225 -35.98 44.42 25.94
C SER D 225 -36.41 45.71 25.24
N ARG D 226 -35.99 45.84 23.98
CA ARG D 226 -36.31 46.99 23.17
C ARG D 226 -36.15 46.63 21.71
N LEU D 227 -36.70 47.47 20.84
CA LEU D 227 -36.57 47.27 19.41
C LEU D 227 -35.13 47.52 18.97
N GLY D 228 -34.76 46.91 17.84
CA GLY D 228 -33.42 47.06 17.34
C GLY D 228 -33.11 48.49 16.92
N ASP D 229 -31.85 48.87 17.10
CA ASP D 229 -31.37 50.19 16.72
C ASP D 229 -30.60 50.08 15.41
N PRO D 230 -31.00 50.80 14.36
CA PRO D 230 -30.26 50.69 13.09
C PRO D 230 -28.80 51.07 13.20
N ALA D 231 -28.43 51.88 14.19
CA ALA D 231 -27.01 52.18 14.40
C ALA D 231 -26.24 50.92 14.77
N GLU D 232 -26.85 50.04 15.56
CA GLU D 232 -26.20 48.78 15.90
C GLU D 232 -25.99 47.91 14.67
N TYR D 233 -26.96 47.91 13.75
CA TYR D 233 -26.80 47.16 12.50
C TYR D 233 -25.64 47.68 11.69
N ALA D 234 -25.45 49.00 11.67
CA ALA D 234 -24.31 49.58 10.95
C ALA D 234 -22.99 49.15 11.58
N HIS D 235 -22.95 49.04 12.91
CA HIS D 235 -21.73 48.61 13.59
C HIS D 235 -21.34 47.19 13.19
N LEU D 236 -22.33 46.29 13.08
CA LEU D 236 -22.02 44.92 12.69
C LEU D 236 -21.49 44.86 11.26
N VAL D 237 -22.00 45.70 10.38
CA VAL D 237 -21.52 45.73 9.00
C VAL D 237 -20.06 46.13 8.96
N GLN D 238 -19.68 47.15 9.74
CA GLN D 238 -18.29 47.58 9.78
C GLN D 238 -17.37 46.49 10.31
N ALA D 239 -17.85 45.73 11.31
CA ALA D 239 -17.04 44.65 11.86
C ALA D 239 -16.77 43.57 10.82
N ILE D 240 -17.77 43.25 10.00
CA ILE D 240 -17.61 42.24 8.96
C ILE D 240 -16.57 42.70 7.94
N ILE D 241 -16.61 43.97 7.56
CA ILE D 241 -15.68 44.50 6.57
C ILE D 241 -14.25 44.41 7.08
N GLU D 242 -14.04 44.78 8.35
CA GLU D 242 -12.68 44.80 8.90
C GLU D 242 -12.13 43.40 9.10
N ASN D 243 -12.97 42.47 9.55
CA ASN D 243 -12.50 41.11 9.82
C ASN D 243 -12.29 40.36 8.51
N PRO D 244 -11.08 39.86 8.23
CA PRO D 244 -10.84 39.19 6.95
C PRO D 244 -11.18 37.70 6.93
N PHE D 245 -11.49 37.10 8.09
CA PHE D 245 -11.78 35.67 8.16
C PHE D 245 -13.27 35.37 8.25
N LEU D 246 -14.13 36.38 8.13
CA LEU D 246 -15.57 36.19 8.20
C LEU D 246 -16.10 35.95 6.80
N ASN D 247 -16.63 34.75 6.55
CA ASN D 247 -17.11 34.39 5.23
C ASN D 247 -18.13 33.26 5.34
N GLY D 248 -19.19 33.35 4.55
CA GLY D 248 -20.16 32.25 4.43
C GLY D 248 -20.90 31.92 5.70
N GLU D 249 -21.38 32.93 6.43
CA GLU D 249 -22.12 32.72 7.65
C GLU D 249 -23.33 33.65 7.68
N VAL D 250 -24.40 33.18 8.32
CA VAL D 250 -25.57 34.00 8.62
C VAL D 250 -25.54 34.33 10.10
N ILE D 251 -25.54 35.63 10.41
CA ILE D 251 -25.45 36.13 11.77
C ILE D 251 -26.79 36.74 12.15
N ARG D 252 -27.37 36.26 13.25
CA ARG D 252 -28.69 36.70 13.70
C ARG D 252 -28.52 37.88 14.64
N LEU D 253 -28.72 39.09 14.13
CA LEU D 253 -28.74 40.30 14.95
C LEU D 253 -30.16 40.52 15.46
N ASP D 254 -30.59 39.65 16.35
CA ASP D 254 -31.96 39.63 16.85
C ASP D 254 -32.09 39.90 18.33
N GLY D 255 -31.14 39.44 19.13
CA GLY D 255 -31.25 39.55 20.57
C GLY D 255 -31.79 38.33 21.27
N ALA D 256 -31.51 37.13 20.74
CA ALA D 256 -31.94 35.86 21.29
C ALA D 256 -33.46 35.73 21.33
N ILE D 257 -34.16 36.40 20.43
CA ILE D 257 -35.62 36.33 20.37
C ILE D 257 -36.03 35.21 19.43
N ARG D 258 -36.90 34.33 19.90
CA ARG D 258 -37.46 33.25 19.10
C ARG D 258 -38.92 33.56 18.83
N MET D 259 -39.28 33.67 17.55
CA MET D 259 -40.58 34.20 17.17
C MET D 259 -41.66 33.13 17.30
N GLN D 260 -42.84 33.54 17.75
CA GLN D 260 -43.95 32.63 17.96
C GLN D 260 -44.97 32.75 16.83
N PRO D 261 -45.82 31.74 16.62
CA PRO D 261 -46.88 31.81 15.62
C PRO D 261 -47.82 33.00 15.83
N GLY E 26 34.00 -17.52 -40.57
CA GLY E 26 35.00 -18.03 -39.64
C GLY E 26 34.83 -17.50 -38.22
N PRO E 27 35.39 -18.20 -37.25
CA PRO E 27 35.28 -17.75 -35.86
C PRO E 27 36.08 -16.48 -35.61
N ASN E 28 35.63 -15.71 -34.63
CA ASN E 28 36.29 -14.44 -34.31
C ASN E 28 37.32 -14.58 -33.21
N THR E 29 37.22 -15.60 -32.36
CA THR E 29 38.21 -15.84 -31.31
C THR E 29 38.56 -17.31 -31.25
N VAL E 30 39.85 -17.59 -31.01
CA VAL E 30 40.37 -18.94 -30.89
C VAL E 30 41.54 -18.89 -29.92
N TYR E 31 41.50 -19.73 -28.89
CA TYR E 31 42.58 -19.77 -27.90
C TYR E 31 42.72 -21.18 -27.38
N LEU E 32 43.90 -21.46 -26.84
CA LEU E 32 44.20 -22.74 -26.21
C LEU E 32 44.14 -22.60 -24.70
N GLN E 33 44.11 -23.74 -24.02
CA GLN E 33 44.06 -23.76 -22.56
C GLN E 33 44.70 -25.04 -22.07
N VAL E 34 45.44 -24.94 -20.96
CA VAL E 34 46.17 -26.06 -20.39
C VAL E 34 45.35 -26.56 -19.20
N VAL E 35 44.61 -27.65 -19.40
CA VAL E 35 43.85 -28.25 -18.30
C VAL E 35 44.80 -28.90 -17.30
N ALA E 36 45.76 -29.67 -17.80
CA ALA E 36 46.76 -30.32 -16.97
C ALA E 36 48.14 -30.03 -17.52
N ALA E 37 49.07 -29.71 -16.62
CA ALA E 37 50.39 -29.19 -17.00
C ALA E 37 51.47 -30.27 -17.03
N GLY E 38 51.10 -31.53 -17.21
CA GLY E 38 52.08 -32.59 -17.31
C GLY E 38 52.58 -33.16 -16.00
N SER E 39 52.01 -32.75 -14.87
CA SER E 39 52.46 -33.24 -13.58
C SER E 39 52.24 -34.74 -13.47
N ARG E 40 53.01 -35.37 -12.58
CA ARG E 40 52.97 -36.83 -12.47
C ARG E 40 51.59 -37.34 -12.08
N ASP E 41 50.83 -36.54 -11.34
CA ASP E 41 49.52 -36.96 -10.85
C ASP E 41 48.37 -36.54 -11.77
N SER E 42 48.65 -35.84 -12.86
CA SER E 42 47.58 -35.34 -13.71
C SER E 42 47.79 -35.54 -15.20
N GLY E 43 49.01 -35.84 -15.67
CA GLY E 43 49.22 -35.95 -17.09
C GLY E 43 49.14 -34.60 -17.78
N ALA E 44 49.02 -34.64 -19.10
CA ALA E 44 48.96 -33.43 -19.92
C ALA E 44 47.71 -33.46 -20.78
N ALA E 45 47.10 -32.29 -20.93
CA ALA E 45 45.89 -32.15 -21.74
C ALA E 45 45.70 -30.69 -22.10
N LEU E 46 45.29 -30.45 -23.34
CA LEU E 46 44.98 -29.12 -23.85
C LEU E 46 43.47 -28.99 -24.05
N TYR E 47 43.04 -27.79 -24.46
CA TYR E 47 41.62 -27.54 -24.70
C TYR E 47 41.52 -26.40 -25.71
N VAL E 48 41.22 -26.76 -26.96
CA VAL E 48 41.05 -25.78 -28.02
C VAL E 48 39.61 -25.29 -28.00
N PHE E 49 39.43 -23.97 -27.91
CA PHE E 49 38.12 -23.36 -27.85
C PHE E 49 37.87 -22.52 -29.10
N SER E 50 36.68 -22.65 -29.66
CA SER E 50 36.25 -21.83 -30.78
C SER E 50 34.74 -21.65 -30.71
N GLU E 51 34.26 -20.60 -31.38
CA GLU E 51 32.83 -20.33 -31.37
C GLU E 51 32.05 -21.43 -32.08
N PHE E 52 32.68 -22.13 -33.01
CA PHE E 52 32.01 -23.16 -33.79
C PHE E 52 32.33 -24.58 -33.35
N ASN E 53 33.50 -24.82 -32.77
CA ASN E 53 33.91 -26.16 -32.39
C ASN E 53 34.78 -26.10 -31.14
N ARG E 54 34.88 -27.25 -30.47
CA ARG E 54 35.79 -27.43 -29.34
C ARG E 54 36.55 -28.73 -29.52
N TYR E 55 37.80 -28.73 -29.06
CA TYR E 55 38.67 -29.89 -29.22
C TYR E 55 39.40 -30.16 -27.92
N LEU E 56 39.76 -31.44 -27.73
CA LEU E 56 40.48 -31.89 -26.55
C LEU E 56 41.65 -32.76 -26.98
N PHE E 57 42.73 -32.70 -26.22
CA PHE E 57 43.94 -33.45 -26.51
C PHE E 57 44.37 -34.25 -25.30
N ASN E 58 44.62 -35.55 -25.50
CA ASN E 58 45.20 -36.42 -24.48
C ASN E 58 44.34 -36.46 -23.22
N CYS E 59 43.13 -37.01 -23.40
CA CYS E 59 42.22 -37.16 -22.27
C CYS E 59 42.72 -38.26 -21.35
N GLY E 60 43.52 -37.89 -20.35
CA GLY E 60 44.06 -38.84 -19.41
C GLY E 60 43.19 -39.02 -18.19
N GLU E 61 43.76 -39.69 -17.19
CA GLU E 61 43.04 -39.93 -15.94
C GLU E 61 42.88 -38.63 -15.17
N GLY E 62 41.67 -38.40 -14.64
CA GLY E 62 41.39 -37.22 -13.87
C GLY E 62 41.11 -35.97 -14.67
N VAL E 63 41.15 -36.06 -16.01
CA VAL E 63 40.88 -34.89 -16.84
C VAL E 63 39.43 -34.46 -16.69
N GLN E 64 38.51 -35.44 -16.59
CA GLN E 64 37.10 -35.11 -16.42
C GLN E 64 36.86 -34.33 -15.14
N ARG E 65 37.50 -34.75 -14.04
CA ARG E 65 37.33 -34.03 -12.78
C ARG E 65 37.90 -32.62 -12.86
N LEU E 66 39.08 -32.47 -13.48
CA LEU E 66 39.70 -31.15 -13.56
C LEU E 66 38.88 -30.20 -14.41
N MET E 67 38.39 -30.67 -15.56
CA MET E 67 37.60 -29.81 -16.43
C MET E 67 36.29 -29.42 -15.78
N GLN E 68 35.65 -30.35 -15.08
CA GLN E 68 34.41 -30.03 -14.36
C GLN E 68 34.65 -29.02 -13.25
N GLU E 69 35.78 -29.16 -12.54
CA GLU E 69 36.07 -28.25 -11.45
C GLU E 69 36.25 -26.82 -11.94
N HIS E 70 36.93 -26.64 -13.08
CA HIS E 70 37.20 -25.32 -13.62
C HIS E 70 36.14 -24.86 -14.62
N LYS E 71 34.99 -25.52 -14.65
CA LYS E 71 33.84 -25.12 -15.47
C LYS E 71 34.23 -25.04 -16.95
N LEU E 72 34.60 -26.20 -17.51
CA LEU E 72 34.91 -26.35 -18.92
C LEU E 72 33.79 -27.16 -19.57
N LYS E 73 33.01 -26.51 -20.42
CA LYS E 73 31.84 -27.15 -21.01
C LYS E 73 32.25 -28.24 -21.99
N VAL E 74 31.46 -29.32 -22.00
CA VAL E 74 31.66 -30.45 -22.91
C VAL E 74 30.51 -30.60 -23.89
N ALA E 75 29.65 -29.59 -23.99
CA ALA E 75 28.42 -29.72 -24.79
C ALA E 75 28.74 -29.95 -26.26
N ARG E 76 29.72 -29.21 -26.80
CA ARG E 76 30.05 -29.28 -28.21
C ARG E 76 31.47 -29.79 -28.43
N LEU E 77 31.85 -30.82 -27.68
CA LEU E 77 33.16 -31.47 -27.83
C LEU E 77 33.08 -32.46 -29.00
N ASP E 78 33.23 -31.92 -30.20
CA ASP E 78 33.05 -32.73 -31.40
C ASP E 78 34.14 -33.79 -31.53
N ASN E 79 35.40 -33.40 -31.41
CA ASN E 79 36.53 -34.29 -31.65
C ASN E 79 37.44 -34.35 -30.43
N ILE E 80 38.02 -35.52 -30.19
CA ILE E 80 39.02 -35.73 -29.16
C ILE E 80 40.25 -36.33 -29.82
N PHE E 81 41.39 -35.67 -29.64
CA PHE E 81 42.64 -36.09 -30.27
C PHE E 81 43.53 -36.74 -29.22
N LEU E 82 44.00 -37.96 -29.51
CA LEU E 82 44.90 -38.69 -28.63
C LEU E 82 46.25 -38.82 -29.32
N THR E 83 47.30 -38.33 -28.66
CA THR E 83 48.62 -38.26 -29.28
C THR E 83 49.38 -39.59 -29.21
N ARG E 84 48.92 -40.53 -28.40
CA ARG E 84 49.63 -41.80 -28.26
C ARG E 84 48.70 -42.82 -27.63
N MET E 85 48.76 -44.05 -28.13
CA MET E 85 47.98 -45.16 -27.57
C MET E 85 48.66 -45.60 -26.28
N HIS E 86 48.29 -44.94 -25.19
CA HIS E 86 48.88 -45.23 -23.89
C HIS E 86 47.88 -44.83 -22.81
N TRP E 87 47.94 -45.54 -21.68
CA TRP E 87 46.97 -45.30 -20.62
C TRP E 87 47.09 -43.92 -20.01
N SER E 88 48.27 -43.29 -20.09
CA SER E 88 48.41 -41.92 -19.62
C SER E 88 47.66 -40.93 -20.51
N ASN E 89 47.21 -41.36 -21.69
CA ASN E 89 46.48 -40.49 -22.60
C ASN E 89 45.05 -40.96 -22.88
N VAL E 90 44.69 -42.18 -22.49
CA VAL E 90 43.35 -42.71 -22.76
C VAL E 90 42.73 -43.20 -21.47
N GLY E 91 43.34 -42.86 -20.33
CA GLY E 91 42.86 -43.36 -19.06
C GLY E 91 41.45 -42.89 -18.73
N GLY E 92 41.18 -41.60 -18.95
CA GLY E 92 39.89 -41.04 -18.63
C GLY E 92 38.93 -41.02 -19.81
N LEU E 93 39.24 -41.80 -20.85
CA LEU E 93 38.41 -41.81 -22.04
C LEU E 93 37.02 -42.36 -21.75
N SER E 94 36.93 -43.42 -20.94
CA SER E 94 35.64 -44.00 -20.62
C SER E 94 34.75 -43.02 -19.86
N GLY E 95 35.33 -42.28 -18.92
CA GLY E 95 34.56 -41.31 -18.17
C GLY E 95 34.01 -40.20 -19.05
N MET E 96 34.83 -39.70 -19.97
CA MET E 96 34.37 -38.68 -20.91
C MET E 96 33.26 -39.20 -21.79
N ILE E 97 33.40 -40.44 -22.28
CA ILE E 97 32.36 -41.04 -23.12
C ILE E 97 31.05 -41.15 -22.35
N LEU E 98 31.07 -41.63 -21.12
CA LEU E 98 29.75 -41.78 -20.47
C LEU E 98 29.23 -40.38 -20.13
N THR E 99 30.09 -39.38 -20.11
CA THR E 99 29.60 -38.05 -19.72
C THR E 99 29.06 -37.37 -20.96
N LEU E 100 29.84 -37.26 -22.01
CA LEU E 100 29.25 -36.71 -23.23
C LEU E 100 27.89 -37.39 -23.43
N LYS E 101 27.76 -38.71 -23.26
CA LYS E 101 26.45 -39.36 -23.56
C LYS E 101 25.38 -38.72 -22.72
N GLU E 102 25.56 -38.71 -21.40
CA GLU E 102 24.56 -38.11 -20.49
C GLU E 102 24.37 -36.66 -20.89
N THR E 103 25.32 -36.12 -21.65
CA THR E 103 25.13 -34.76 -22.13
C THR E 103 24.16 -34.71 -23.30
N GLY E 104 23.98 -35.80 -24.03
CA GLY E 104 23.09 -35.84 -25.16
C GLY E 104 23.73 -35.65 -26.51
N LEU E 105 25.06 -35.68 -26.59
CA LEU E 105 25.74 -35.52 -27.87
C LEU E 105 25.44 -36.72 -28.78
N PRO E 106 24.99 -36.50 -30.02
CA PRO E 106 24.67 -37.65 -30.87
C PRO E 106 25.89 -38.44 -31.30
N LYS E 107 26.95 -37.78 -31.74
CA LYS E 107 28.13 -38.45 -32.27
C LYS E 107 29.39 -37.78 -31.77
N CYS E 108 30.38 -38.59 -31.41
CA CYS E 108 31.70 -38.11 -31.04
C CYS E 108 32.73 -38.83 -31.90
N VAL E 109 33.72 -38.08 -32.38
CA VAL E 109 34.73 -38.59 -33.30
C VAL E 109 36.08 -38.57 -32.59
N LEU E 110 36.76 -39.71 -32.57
CA LEU E 110 38.08 -39.83 -31.98
C LEU E 110 39.15 -39.85 -33.07
N SER E 111 40.30 -39.27 -32.77
CA SER E 111 41.41 -39.21 -33.71
C SER E 111 42.69 -39.64 -33.01
N GLY E 112 43.50 -40.45 -33.68
CA GLY E 112 44.73 -40.94 -33.11
C GLY E 112 45.17 -42.24 -33.74
N PRO E 113 45.84 -43.09 -32.95
CA PRO E 113 46.32 -44.36 -33.47
C PRO E 113 45.16 -45.24 -33.88
N PRO E 114 45.35 -46.12 -34.87
CA PRO E 114 44.26 -46.99 -35.33
C PRO E 114 43.83 -48.03 -34.30
N GLN E 115 44.57 -48.18 -33.20
CA GLN E 115 44.22 -49.16 -32.18
C GLN E 115 42.98 -48.76 -31.39
N LEU E 116 42.46 -47.55 -31.59
CA LEU E 116 41.31 -47.08 -30.82
C LEU E 116 40.10 -48.00 -31.05
N GLU E 117 39.93 -48.52 -32.26
CA GLU E 117 38.80 -49.39 -32.54
C GLU E 117 38.85 -50.64 -31.66
N LYS E 118 40.03 -51.25 -31.53
CA LYS E 118 40.17 -52.38 -30.62
C LYS E 118 39.97 -51.95 -29.17
N TYR E 119 40.44 -50.75 -28.82
CA TYR E 119 40.25 -50.26 -27.46
C TYR E 119 38.77 -50.08 -27.14
N LEU E 120 38.00 -49.54 -28.07
CA LEU E 120 36.57 -49.34 -27.85
C LEU E 120 35.86 -50.67 -27.64
N GLU E 121 36.29 -51.71 -28.35
CA GLU E 121 35.71 -53.03 -28.15
C GLU E 121 35.99 -53.54 -26.74
N ALA E 122 37.20 -53.31 -26.23
CA ALA E 122 37.55 -53.78 -24.89
C ALA E 122 36.77 -53.03 -23.82
N ILE E 123 36.40 -51.78 -24.07
CA ILE E 123 35.66 -51.00 -23.09
C ILE E 123 34.31 -51.63 -22.82
N LYS E 124 33.66 -52.15 -23.86
CA LYS E 124 32.34 -52.75 -23.72
C LYS E 124 32.32 -54.00 -22.85
N ILE E 125 33.48 -54.58 -22.53
CA ILE E 125 33.52 -55.80 -21.75
C ILE E 125 32.95 -55.55 -20.35
N PHE E 126 33.43 -54.50 -19.69
CA PHE E 126 32.96 -54.17 -18.35
C PHE E 126 31.81 -53.16 -18.34
N SER E 127 31.76 -52.27 -19.33
CA SER E 127 30.64 -51.35 -19.47
C SER E 127 29.55 -52.01 -20.29
N GLY E 128 28.53 -51.23 -20.68
CA GLY E 128 27.48 -51.73 -21.52
C GLY E 128 27.81 -51.56 -22.99
N PRO E 129 26.80 -51.66 -23.85
CA PRO E 129 27.03 -51.41 -25.28
C PRO E 129 27.08 -49.94 -25.67
N LEU E 130 26.59 -49.05 -24.80
CA LEU E 130 26.60 -47.61 -25.04
C LEU E 130 25.92 -47.27 -26.37
N LYS E 131 24.67 -47.73 -26.50
CA LYS E 131 23.95 -47.57 -27.76
C LYS E 131 23.61 -46.11 -28.02
N GLY E 132 23.40 -45.34 -26.96
CA GLY E 132 22.99 -43.94 -27.09
C GLY E 132 23.91 -43.09 -27.95
N ILE E 133 25.14 -42.89 -27.49
CA ILE E 133 26.08 -42.05 -28.23
C ILE E 133 26.71 -42.86 -29.36
N GLU E 134 27.20 -42.14 -30.37
CA GLU E 134 27.84 -42.73 -31.54
C GLU E 134 29.33 -42.42 -31.51
N LEU E 135 30.15 -43.42 -31.82
CA LEU E 135 31.60 -43.29 -31.79
C LEU E 135 32.16 -43.43 -33.20
N ALA E 136 33.11 -42.55 -33.54
CA ALA E 136 33.79 -42.59 -34.83
C ALA E 136 35.29 -42.46 -34.59
N VAL E 137 36.07 -43.11 -35.46
CA VAL E 137 37.52 -43.12 -35.35
C VAL E 137 38.11 -42.57 -36.65
N ARG E 138 39.05 -41.65 -36.52
CA ARG E 138 39.78 -41.08 -37.66
C ARG E 138 41.27 -41.36 -37.45
N PRO E 139 41.76 -42.51 -37.91
CA PRO E 139 43.18 -42.81 -37.76
C PRO E 139 44.03 -41.90 -38.64
N HIS E 140 45.34 -41.95 -38.38
CA HIS E 140 46.27 -41.14 -39.16
C HIS E 140 46.24 -41.49 -40.64
N SER E 141 46.07 -42.78 -40.96
CA SER E 141 46.01 -43.20 -42.35
C SER E 141 44.75 -42.69 -43.06
N ALA E 142 43.72 -42.30 -42.31
CA ALA E 142 42.51 -41.77 -42.90
C ALA E 142 42.78 -40.42 -43.54
N PRO E 143 41.97 -40.01 -44.51
CA PRO E 143 42.17 -38.69 -45.14
C PRO E 143 42.03 -37.57 -44.12
N GLU E 144 42.58 -36.41 -44.49
CA GLU E 144 42.60 -35.28 -43.57
C GLU E 144 41.18 -34.82 -43.26
N TYR E 145 41.02 -34.26 -42.06
CA TYR E 145 39.73 -33.78 -41.60
C TYR E 145 39.77 -32.27 -41.47
N GLU E 146 38.75 -31.60 -42.01
CA GLU E 146 38.63 -30.15 -41.93
C GLU E 146 37.31 -29.80 -41.27
N ASP E 147 37.28 -28.63 -40.63
CA ASP E 147 36.09 -28.18 -39.92
C ASP E 147 35.72 -26.78 -40.36
N GLU E 148 34.68 -26.22 -39.75
CA GLU E 148 34.27 -24.85 -40.04
C GLU E 148 35.26 -23.82 -39.49
N THR E 149 36.21 -24.24 -38.66
CA THR E 149 37.14 -23.31 -38.03
C THR E 149 38.59 -23.75 -38.08
N MET E 150 38.90 -25.01 -38.42
CA MET E 150 40.26 -25.49 -38.30
C MET E 150 40.47 -26.70 -39.20
N THR E 151 41.64 -26.78 -39.80
CA THR E 151 42.08 -27.95 -40.56
C THR E 151 43.17 -28.67 -39.76
N VAL E 152 43.02 -29.97 -39.59
CA VAL E 152 43.88 -30.76 -38.71
C VAL E 152 44.60 -31.80 -39.56
N TYR E 153 45.91 -31.93 -39.34
CA TYR E 153 46.73 -32.94 -40.00
C TYR E 153 47.36 -33.84 -38.96
N GLN E 154 47.27 -35.15 -39.18
CA GLN E 154 47.86 -36.15 -38.29
C GLN E 154 49.20 -36.60 -38.86
N ILE E 155 50.22 -36.60 -38.02
CA ILE E 155 51.58 -36.96 -38.41
C ILE E 155 51.96 -38.24 -37.67
N PRO E 156 51.99 -39.39 -38.32
CA PRO E 156 52.42 -40.61 -37.66
C PRO E 156 53.94 -40.66 -37.52
N ILE E 157 54.41 -40.98 -36.32
CA ILE E 157 55.83 -41.05 -36.02
C ILE E 157 56.11 -42.42 -35.39
N HIS E 158 57.07 -43.14 -35.96
CA HIS E 158 57.48 -44.45 -35.47
C HIS E 158 58.87 -44.34 -34.85
N SER E 159 59.01 -44.87 -33.63
CA SER E 159 60.28 -44.84 -32.94
C SER E 159 61.28 -45.78 -33.59
N GLU E 160 62.56 -45.58 -33.26
CA GLU E 160 63.60 -46.46 -33.75
C GLU E 160 63.46 -47.85 -33.13
N GLN E 161 63.87 -48.86 -33.89
CA GLN E 161 63.77 -50.26 -33.49
C GLN E 161 62.32 -50.64 -33.15
N VAL E 206 46.12 -55.40 -33.75
CA VAL E 206 47.58 -55.49 -33.81
C VAL E 206 48.22 -54.47 -32.88
N ARG E 207 48.88 -54.96 -31.84
CA ARG E 207 49.52 -54.07 -30.87
C ARG E 207 50.76 -53.43 -31.49
N ASP E 208 50.88 -52.11 -31.31
CA ASP E 208 52.06 -51.37 -31.74
C ASP E 208 52.49 -50.48 -30.58
N SER E 209 53.69 -50.70 -30.08
CA SER E 209 54.20 -49.97 -28.92
C SER E 209 55.20 -48.88 -29.29
N SER E 210 55.33 -48.56 -30.57
CA SER E 210 56.29 -47.56 -31.02
C SER E 210 55.66 -46.56 -31.99
N LEU E 211 54.40 -46.22 -31.79
CA LEU E 211 53.69 -45.28 -32.64
C LEU E 211 53.24 -44.08 -31.81
N VAL E 212 53.55 -42.88 -32.29
CA VAL E 212 53.15 -41.64 -31.65
C VAL E 212 52.65 -40.70 -32.74
N VAL E 213 51.49 -40.08 -32.52
CA VAL E 213 50.85 -39.21 -33.50
C VAL E 213 51.01 -37.77 -33.04
N ALA E 214 51.52 -36.92 -33.93
CA ALA E 214 51.62 -35.49 -33.69
C ALA E 214 50.65 -34.74 -34.59
N PHE E 215 50.10 -33.66 -34.06
CA PHE E 215 49.04 -32.91 -34.74
C PHE E 215 49.54 -31.54 -35.15
N ILE E 216 49.14 -31.12 -36.35
CA ILE E 216 49.42 -29.78 -36.87
C ILE E 216 48.09 -29.18 -37.29
N CYS E 217 47.59 -28.23 -36.52
CA CYS E 217 46.28 -27.65 -36.74
C CYS E 217 46.44 -26.29 -37.42
N LYS E 218 45.79 -26.11 -38.56
CA LYS E 218 45.84 -24.87 -39.32
C LYS E 218 44.45 -24.23 -39.32
N LEU E 219 44.39 -22.97 -38.91
CA LEU E 219 43.13 -22.24 -38.90
C LEU E 219 42.74 -21.81 -40.30
N HIS E 220 41.44 -21.59 -40.49
CA HIS E 220 40.94 -21.10 -41.76
C HIS E 220 41.23 -19.61 -41.93
N LEU E 221 41.56 -19.22 -43.15
CA LEU E 221 41.82 -17.81 -43.43
C LEU E 221 40.54 -17.01 -43.28
N LYS E 222 40.61 -15.92 -42.54
CA LYS E 222 39.47 -15.06 -42.29
C LYS E 222 39.54 -13.82 -43.19
N ARG E 223 38.37 -13.30 -43.54
CA ARG E 223 38.28 -12.14 -44.42
C ARG E 223 38.63 -10.87 -43.63
N GLY E 224 38.51 -9.73 -44.27
CA GLY E 224 38.72 -8.44 -43.62
C GLY E 224 37.44 -7.63 -43.62
N ASN E 225 37.20 -6.94 -42.51
CA ASN E 225 36.00 -6.11 -42.39
C ASN E 225 36.09 -4.90 -43.32
N PHE E 226 34.95 -4.55 -43.91
CA PHE E 226 34.86 -3.36 -44.73
C PHE E 226 35.01 -2.13 -43.84
N LEU E 227 35.87 -1.20 -44.25
CA LEU E 227 36.06 0.02 -43.47
C LEU E 227 34.81 0.90 -43.59
N VAL E 228 33.98 0.86 -42.54
CA VAL E 228 32.68 1.51 -42.59
C VAL E 228 32.79 3.02 -42.73
N LEU E 229 33.94 3.61 -42.38
CA LEU E 229 34.13 5.05 -42.54
C LEU E 229 34.29 5.46 -44.00
N LYS E 230 34.41 4.49 -44.92
CA LYS E 230 34.54 4.81 -46.34
C LYS E 230 33.25 5.41 -46.90
N ALA E 231 32.14 5.33 -46.17
CA ALA E 231 30.87 5.85 -46.66
C ALA E 231 30.93 7.34 -46.97
N LYS E 232 31.87 8.06 -46.36
CA LYS E 232 32.04 9.48 -46.65
C LYS E 232 32.70 9.73 -47.99
N GLU E 233 33.22 8.69 -48.66
CA GLU E 233 33.95 8.87 -49.91
C GLU E 233 33.31 8.07 -51.04
N MET E 234 32.74 6.92 -50.73
CA MET E 234 32.14 6.08 -51.76
C MET E 234 30.83 6.68 -52.25
N GLY E 235 30.50 6.39 -53.51
CA GLY E 235 29.22 6.76 -54.08
C GLY E 235 28.10 5.78 -53.86
N LEU E 236 28.37 4.70 -53.12
CA LEU E 236 27.34 3.71 -52.87
C LEU E 236 26.24 4.29 -51.98
N PRO E 237 24.97 3.94 -52.23
CA PRO E 237 23.90 4.40 -51.33
C PRO E 237 24.00 3.73 -49.98
N VAL E 238 24.35 4.50 -48.96
CA VAL E 238 24.56 3.94 -47.63
C VAL E 238 23.23 3.51 -47.02
N GLY E 239 23.26 2.44 -46.23
CA GLY E 239 22.06 1.95 -45.59
C GLY E 239 21.10 1.24 -46.50
N THR E 240 21.57 0.76 -47.65
CA THR E 240 20.71 0.08 -48.62
C THR E 240 21.25 -1.32 -48.87
N ALA E 241 20.53 -2.08 -49.70
CA ALA E 241 20.93 -3.44 -50.04
C ALA E 241 22.12 -3.47 -50.99
N ALA E 242 22.52 -2.32 -51.54
CA ALA E 242 23.67 -2.29 -52.45
C ALA E 242 24.97 -2.66 -51.75
N ILE E 243 24.99 -2.68 -50.42
CA ILE E 243 26.19 -3.09 -49.70
C ILE E 243 26.46 -4.58 -49.86
N ALA E 244 25.44 -5.39 -50.13
CA ALA E 244 25.63 -6.83 -50.23
C ALA E 244 26.58 -7.23 -51.36
N PRO E 245 26.42 -6.75 -52.61
CA PRO E 245 27.47 -7.03 -53.60
C PRO E 245 28.81 -6.42 -53.24
N ILE E 246 28.81 -5.26 -52.57
CA ILE E 246 30.06 -4.68 -52.09
C ILE E 246 30.70 -5.58 -51.03
N ILE E 247 29.88 -6.10 -50.11
CA ILE E 247 30.39 -6.99 -49.07
C ILE E 247 30.99 -8.25 -49.70
N ALA E 248 30.29 -8.81 -50.69
CA ALA E 248 30.82 -9.98 -51.38
C ALA E 248 32.10 -9.65 -52.16
N ALA E 249 32.36 -8.37 -52.39
CA ALA E 249 33.55 -7.97 -53.14
C ALA E 249 34.70 -7.61 -52.21
N VAL E 250 34.46 -6.69 -51.26
CA VAL E 250 35.55 -6.19 -50.43
C VAL E 250 36.06 -7.27 -49.48
N LYS E 251 35.16 -8.11 -48.95
CA LYS E 251 35.58 -9.15 -48.04
C LYS E 251 36.40 -10.23 -48.74
N ASP E 252 36.24 -10.36 -50.05
CA ASP E 252 37.02 -11.31 -50.84
C ASP E 252 38.20 -10.65 -51.55
N GLY E 253 38.48 -9.38 -51.25
CA GLY E 253 39.59 -8.68 -51.85
C GLY E 253 39.25 -7.86 -53.08
N LYS E 254 38.06 -8.02 -53.63
CA LYS E 254 37.65 -7.29 -54.82
C LYS E 254 37.04 -5.94 -54.45
N SER E 255 36.65 -5.19 -55.48
CA SER E 255 35.99 -3.91 -55.29
C SER E 255 35.26 -3.53 -56.57
N ILE E 256 34.10 -2.90 -56.41
CA ILE E 256 33.29 -2.46 -57.54
C ILE E 256 33.74 -1.03 -57.85
N THR E 257 34.55 -0.88 -58.90
CA THR E 257 35.11 0.43 -59.24
C THR E 257 34.08 1.35 -59.86
N HIS E 258 32.95 0.79 -60.33
CA HIS E 258 31.92 1.63 -60.93
C HIS E 258 31.21 2.49 -59.91
N GLU E 259 31.27 2.14 -58.63
CA GLU E 259 30.73 2.97 -57.56
C GLU E 259 31.69 4.07 -57.12
N GLY E 260 32.73 4.35 -57.91
CA GLY E 260 33.77 5.27 -57.51
C GLY E 260 35.02 5.11 -58.33
N ARG E 261 36.17 4.95 -57.67
CA ARG E 261 37.41 4.63 -58.35
C ARG E 261 38.13 3.40 -57.78
N GLU E 262 37.68 2.85 -56.66
CA GLU E 262 38.40 1.78 -55.98
C GLU E 262 38.29 0.46 -56.72
N ILE E 263 39.41 -0.04 -57.23
CA ILE E 263 39.41 -1.32 -57.93
C ILE E 263 39.72 -2.50 -57.02
N LEU E 264 40.27 -2.25 -55.83
CA LEU E 264 40.64 -3.32 -54.92
C LEU E 264 40.15 -2.99 -53.52
N ALA E 265 39.97 -4.04 -52.71
CA ALA E 265 39.49 -3.87 -51.35
C ALA E 265 40.51 -3.22 -50.45
N GLU E 266 41.77 -3.13 -50.88
CA GLU E 266 42.80 -2.55 -50.03
C GLU E 266 42.50 -1.10 -49.69
N GLU E 267 41.72 -0.42 -50.54
CA GLU E 267 41.35 0.96 -50.29
C GLU E 267 40.30 1.13 -49.20
N LEU E 268 39.42 0.13 -49.01
CA LEU E 268 38.26 0.33 -48.16
C LEU E 268 37.95 -0.86 -47.26
N CYS E 269 38.84 -1.86 -47.21
CA CYS E 269 38.58 -3.07 -46.44
C CYS E 269 39.79 -3.45 -45.60
N THR E 270 39.52 -4.08 -44.47
CA THR E 270 40.58 -4.51 -43.57
C THR E 270 41.40 -5.62 -44.23
N PRO E 271 42.72 -5.63 -44.03
CA PRO E 271 43.53 -6.74 -44.54
C PRO E 271 43.11 -8.05 -43.93
N PRO E 272 42.74 -9.03 -44.75
CA PRO E 272 42.34 -10.34 -44.22
C PRO E 272 43.48 -11.00 -43.45
N ASP E 273 43.12 -11.70 -42.37
CA ASP E 273 44.11 -12.33 -41.51
C ASP E 273 44.46 -13.72 -42.05
N PRO E 274 45.72 -13.98 -42.39
CA PRO E 274 46.11 -15.34 -42.77
C PRO E 274 46.02 -16.28 -41.57
N GLY E 275 45.71 -17.54 -41.88
CA GLY E 275 45.61 -18.55 -40.84
C GLY E 275 46.89 -18.79 -40.08
N ALA E 276 46.82 -18.79 -38.76
CA ALA E 276 47.97 -19.06 -37.91
C ALA E 276 47.85 -20.47 -37.34
N ALA E 277 48.90 -21.25 -37.50
CA ALA E 277 48.88 -22.67 -37.15
C ALA E 277 49.65 -22.93 -35.86
N PHE E 278 49.25 -23.97 -35.15
CA PHE E 278 49.94 -24.43 -33.96
C PHE E 278 50.12 -25.94 -34.04
N VAL E 279 51.20 -26.42 -33.42
CA VAL E 279 51.60 -27.83 -33.51
C VAL E 279 51.71 -28.41 -32.11
N VAL E 280 51.15 -29.60 -31.92
CA VAL E 280 51.26 -30.34 -30.67
C VAL E 280 52.17 -31.54 -30.92
N VAL E 281 53.26 -31.62 -30.16
CA VAL E 281 54.28 -32.64 -30.34
C VAL E 281 54.42 -33.41 -29.04
N GLU E 282 54.42 -34.74 -29.15
CA GLU E 282 54.63 -35.64 -28.01
C GLU E 282 55.88 -36.47 -28.29
N CYS E 283 56.85 -36.40 -27.37
CA CYS E 283 58.10 -37.15 -27.49
C CYS E 283 58.33 -37.91 -26.19
N PRO E 284 57.74 -39.09 -26.04
CA PRO E 284 57.80 -39.79 -24.74
C PRO E 284 59.20 -40.19 -24.32
N ASP E 285 60.14 -40.35 -25.24
CA ASP E 285 61.47 -40.81 -24.88
C ASP E 285 62.47 -40.34 -25.93
N GLU E 286 63.75 -40.57 -25.63
CA GLU E 286 64.82 -40.17 -26.54
C GLU E 286 64.76 -40.92 -27.86
N SER E 287 64.17 -42.12 -27.87
CA SER E 287 64.12 -42.92 -29.09
C SER E 287 63.31 -42.25 -30.19
N PHE E 288 62.46 -41.28 -29.86
CA PHE E 288 61.64 -40.58 -30.84
C PHE E 288 62.28 -39.31 -31.36
N ILE E 289 63.45 -38.92 -30.84
CA ILE E 289 64.03 -37.63 -31.20
C ILE E 289 64.40 -37.60 -32.68
N GLN E 290 65.14 -38.61 -33.14
CA GLN E 290 65.54 -38.63 -34.55
C GLN E 290 64.37 -38.71 -35.50
N PRO E 291 63.37 -39.59 -35.32
CA PRO E 291 62.23 -39.59 -36.26
C PRO E 291 61.52 -38.24 -36.34
N ILE E 292 61.43 -37.51 -35.23
CA ILE E 292 60.85 -36.17 -35.28
C ILE E 292 61.71 -35.25 -36.13
N CYS E 293 63.03 -35.30 -35.95
CA CYS E 293 63.94 -34.44 -36.70
C CYS E 293 63.93 -34.78 -38.18
N GLU E 294 63.91 -36.07 -38.52
CA GLU E 294 63.99 -36.49 -39.91
C GLU E 294 62.66 -36.41 -40.64
N ASN E 295 61.58 -36.03 -39.96
CA ASN E 295 60.27 -35.96 -40.61
C ASN E 295 60.26 -34.86 -41.67
N ALA E 296 59.88 -35.23 -42.89
CA ALA E 296 59.87 -34.27 -43.99
C ALA E 296 58.66 -33.34 -43.90
N THR E 297 57.52 -33.84 -43.41
CA THR E 297 56.32 -33.03 -43.33
C THR E 297 56.51 -31.85 -42.38
N PHE E 298 57.26 -32.05 -41.29
CA PHE E 298 57.56 -30.94 -40.40
C PHE E 298 58.36 -29.85 -41.09
N GLN E 299 59.33 -30.25 -41.93
CA GLN E 299 60.14 -29.28 -42.65
C GLN E 299 59.33 -28.43 -43.61
N ARG E 300 58.14 -28.89 -44.01
CA ARG E 300 57.28 -28.09 -44.88
C ARG E 300 56.84 -26.80 -44.17
N TYR E 301 56.52 -26.89 -42.89
CA TYR E 301 56.09 -25.73 -42.13
C TYR E 301 57.23 -25.07 -41.37
N GLN E 302 58.20 -25.86 -40.91
CA GLN E 302 59.29 -25.33 -40.10
C GLN E 302 60.21 -24.42 -40.92
N GLY E 303 60.82 -24.98 -41.96
CA GLY E 303 61.74 -24.22 -42.78
C GLY E 303 61.09 -23.54 -43.95
N LYS E 304 60.15 -22.63 -43.68
CA LYS E 304 59.42 -21.91 -44.72
C LYS E 304 58.77 -20.69 -44.08
N ALA E 305 58.29 -19.78 -44.92
CA ALA E 305 57.54 -18.63 -44.49
C ALA E 305 56.03 -18.83 -44.59
N ASP E 306 55.58 -20.05 -44.92
CA ASP E 306 54.17 -20.33 -45.10
C ASP E 306 53.48 -20.36 -43.74
N ALA E 307 52.96 -19.22 -43.30
CA ALA E 307 52.26 -19.07 -42.03
C ALA E 307 53.07 -19.68 -40.89
N PRO E 308 54.15 -19.01 -40.45
CA PRO E 308 55.00 -19.59 -39.38
C PRO E 308 54.19 -19.98 -38.16
N VAL E 309 54.48 -21.18 -37.61
CA VAL E 309 53.70 -21.74 -36.52
C VAL E 309 53.70 -20.79 -35.33
N ALA E 310 52.51 -20.43 -34.86
CA ALA E 310 52.39 -19.45 -33.77
C ALA E 310 52.91 -20.04 -32.46
N LEU E 311 52.60 -21.30 -32.19
CA LEU E 311 52.91 -21.90 -30.90
C LEU E 311 53.08 -23.41 -31.08
N VAL E 312 54.08 -23.96 -30.39
CA VAL E 312 54.32 -25.40 -30.38
C VAL E 312 54.26 -25.88 -28.93
N VAL E 313 53.36 -26.81 -28.66
CA VAL E 313 53.22 -27.40 -27.32
C VAL E 313 54.06 -28.66 -27.26
N HIS E 314 54.97 -28.72 -26.30
CA HIS E 314 55.86 -29.85 -26.14
C HIS E 314 55.50 -30.60 -24.86
N MET E 315 55.20 -31.88 -24.99
CA MET E 315 54.94 -32.76 -23.85
C MET E 315 55.99 -33.87 -23.90
N ALA E 316 57.16 -33.60 -23.31
CA ALA E 316 58.27 -34.54 -23.31
C ALA E 316 59.07 -34.32 -22.04
N PRO E 317 59.68 -35.38 -21.49
CA PRO E 317 60.49 -35.21 -20.28
C PRO E 317 61.65 -34.26 -20.51
N ALA E 318 62.05 -33.58 -19.43
CA ALA E 318 63.11 -32.58 -19.52
C ALA E 318 64.41 -33.16 -20.06
N SER E 319 64.67 -34.45 -19.79
CA SER E 319 65.87 -35.09 -20.34
C SER E 319 65.85 -35.10 -21.86
N VAL E 320 64.67 -35.22 -22.46
CA VAL E 320 64.57 -35.13 -23.92
C VAL E 320 64.85 -33.71 -24.38
N LEU E 321 64.37 -32.71 -23.63
CA LEU E 321 64.49 -31.33 -24.07
C LEU E 321 65.95 -30.88 -24.15
N VAL E 322 66.78 -31.30 -23.21
CA VAL E 322 68.17 -30.85 -23.17
C VAL E 322 69.01 -31.41 -24.30
N ASP E 323 68.47 -32.34 -25.09
CA ASP E 323 69.22 -32.91 -26.20
C ASP E 323 69.48 -31.84 -27.26
N SER E 324 70.70 -31.86 -27.81
CA SER E 324 71.08 -30.84 -28.78
C SER E 324 70.24 -30.94 -30.05
N ARG E 325 70.00 -32.15 -30.53
CA ARG E 325 69.21 -32.33 -31.75
C ARG E 325 67.80 -31.78 -31.59
N TYR E 326 67.18 -32.06 -30.44
CA TYR E 326 65.85 -31.49 -30.17
C TYR E 326 65.93 -29.97 -30.05
N GLN E 327 66.98 -29.45 -29.39
CA GLN E 327 67.11 -28.01 -29.23
C GLN E 327 67.21 -27.31 -30.57
N GLN E 328 68.00 -27.87 -31.50
CA GLN E 328 68.08 -27.28 -32.83
C GLN E 328 66.77 -27.43 -33.59
N TRP E 329 66.00 -28.49 -33.29
CA TRP E 329 64.73 -28.69 -33.99
C TRP E 329 63.73 -27.58 -33.68
N MET E 330 63.62 -27.21 -32.41
CA MET E 330 62.70 -26.14 -32.04
C MET E 330 63.16 -24.79 -32.60
N GLU E 331 64.46 -24.52 -32.55
CA GLU E 331 64.97 -23.24 -32.99
C GLU E 331 64.80 -23.03 -34.50
N ARG E 332 64.65 -24.10 -35.27
CA ARG E 332 64.48 -23.96 -36.70
C ARG E 332 63.08 -23.49 -37.09
N PHE E 333 62.14 -23.45 -36.14
CA PHE E 333 60.78 -23.01 -36.43
C PHE E 333 60.69 -21.50 -36.61
N GLY E 334 61.75 -20.75 -36.31
CA GLY E 334 61.73 -19.31 -36.43
C GLY E 334 61.76 -18.63 -35.08
N PRO E 335 62.12 -17.34 -35.08
CA PRO E 335 62.21 -16.61 -33.81
C PRO E 335 60.85 -16.26 -33.23
N ASP E 336 59.86 -16.04 -34.10
CA ASP E 336 58.53 -15.65 -33.64
C ASP E 336 57.75 -16.80 -33.03
N THR E 337 58.17 -18.05 -33.28
CA THR E 337 57.44 -19.20 -32.77
C THR E 337 57.59 -19.30 -31.26
N GLN E 338 56.47 -19.47 -30.56
CA GLN E 338 56.49 -19.69 -29.13
C GLN E 338 56.70 -21.18 -28.83
N HIS E 339 56.94 -21.49 -27.56
CA HIS E 339 57.17 -22.86 -27.14
C HIS E 339 56.60 -23.05 -25.75
N LEU E 340 55.58 -23.91 -25.63
CA LEU E 340 54.94 -24.23 -24.36
C LEU E 340 55.29 -25.67 -23.99
N VAL E 341 55.74 -25.87 -22.76
CA VAL E 341 56.25 -27.16 -22.32
C VAL E 341 55.46 -27.62 -21.11
N LEU E 342 54.97 -28.86 -21.15
CA LEU E 342 54.36 -29.54 -20.02
C LEU E 342 55.19 -30.80 -19.75
N ASN E 343 56.18 -30.67 -18.87
CA ASN E 343 57.23 -31.68 -18.75
C ASN E 343 57.41 -32.11 -17.30
N GLU E 344 56.30 -32.24 -16.57
CA GLU E 344 56.29 -32.79 -15.21
C GLU E 344 57.10 -31.93 -14.24
N ASN E 345 57.64 -30.81 -14.71
CA ASN E 345 58.35 -29.87 -13.87
C ASN E 345 57.46 -28.73 -13.39
N CYS E 346 56.18 -28.75 -13.73
CA CYS E 346 55.26 -27.71 -13.32
C CYS E 346 55.06 -27.72 -11.81
N ALA E 347 54.86 -26.53 -11.24
CA ALA E 347 54.56 -26.35 -9.83
C ALA E 347 53.25 -25.57 -9.75
N SER E 348 52.13 -26.28 -9.81
CA SER E 348 50.82 -25.66 -9.81
C SER E 348 49.80 -26.60 -9.20
N VAL E 349 48.93 -26.06 -8.35
CA VAL E 349 47.89 -26.85 -7.72
C VAL E 349 46.78 -27.09 -8.71
N HIS E 350 46.39 -28.36 -8.88
CA HIS E 350 45.34 -28.71 -9.83
C HIS E 350 43.96 -28.75 -9.18
N ASN E 351 43.86 -29.27 -7.96
CA ASN E 351 42.59 -29.38 -7.25
C ASN E 351 42.58 -28.35 -6.14
N LEU E 352 42.09 -27.15 -6.45
CA LEU E 352 42.05 -26.08 -5.47
C LEU E 352 41.05 -26.38 -4.36
N ARG E 353 39.87 -26.87 -4.72
CA ARG E 353 38.86 -27.18 -3.71
C ARG E 353 39.33 -28.28 -2.77
N SER E 354 39.98 -29.31 -3.31
CA SER E 354 40.50 -30.38 -2.46
C SER E 354 41.56 -29.84 -1.50
N HIS E 355 42.44 -28.96 -1.98
CA HIS E 355 43.44 -28.35 -1.11
C HIS E 355 42.78 -27.46 -0.05
N LYS E 356 41.73 -26.74 -0.43
CA LYS E 356 41.05 -25.87 0.52
C LYS E 356 40.45 -26.66 1.67
N ILE E 357 39.74 -27.75 1.35
CA ILE E 357 39.06 -28.52 2.38
C ILE E 357 40.07 -29.22 3.28
N GLN E 358 41.12 -29.80 2.70
CA GLN E 358 42.12 -30.51 3.49
C GLN E 358 42.84 -29.57 4.45
N THR E 359 43.17 -28.36 3.98
CA THR E 359 43.79 -27.37 4.87
C THR E 359 42.86 -26.98 6.00
N GLN E 360 41.57 -26.81 5.70
CA GLN E 360 40.61 -26.42 6.73
C GLN E 360 40.43 -27.55 7.75
N LEU E 361 40.31 -28.79 7.28
CA LEU E 361 40.16 -29.91 8.20
C LEU E 361 41.43 -30.15 9.01
N ASN E 362 42.60 -29.87 8.42
CA ASN E 362 43.85 -30.04 9.15
C ASN E 362 43.90 -29.13 10.38
N LEU E 363 43.18 -28.01 10.35
CA LEU E 363 43.10 -27.14 11.52
C LEU E 363 42.40 -27.81 12.70
N ILE E 364 41.62 -28.85 12.46
CA ILE E 364 40.95 -29.56 13.54
C ILE E 364 41.89 -30.58 14.18
N HIS E 365 42.35 -31.54 13.41
CA HIS E 365 43.25 -32.57 13.89
C HIS E 365 44.31 -32.86 12.84
N PRO E 366 45.57 -32.46 13.08
CA PRO E 366 46.60 -32.65 12.05
C PRO E 366 46.82 -34.10 11.65
N ASP E 367 46.77 -35.03 12.61
CA ASP E 367 47.06 -36.43 12.28
C ASP E 367 45.91 -37.07 11.52
N ILE E 368 44.67 -36.82 11.93
CA ILE E 368 43.52 -37.40 11.25
C ILE E 368 43.39 -36.84 9.84
N PHE E 369 43.71 -35.55 9.67
CA PHE E 369 43.60 -34.87 8.38
C PHE E 369 44.96 -34.27 8.05
N PRO E 370 45.90 -35.09 7.55
CA PRO E 370 47.22 -34.58 7.22
C PRO E 370 47.17 -33.64 6.02
N LEU E 371 48.16 -32.76 5.95
CA LEU E 371 48.26 -31.82 4.85
C LEU E 371 48.70 -32.53 3.57
N LEU E 372 48.28 -31.98 2.42
CA LEU E 372 48.65 -32.52 1.13
C LEU E 372 50.01 -31.97 0.71
N THR E 373 50.39 -32.21 -0.54
CA THR E 373 51.66 -31.72 -1.06
C THR E 373 51.51 -31.22 -2.50
N VAL E 386 67.36 -21.36 -25.90
CA VAL E 386 66.07 -21.30 -26.58
C VAL E 386 64.97 -20.93 -25.59
N PRO E 387 64.23 -19.87 -25.90
CA PRO E 387 63.14 -19.46 -25.00
C PRO E 387 62.06 -20.52 -24.89
N MET E 388 61.46 -20.62 -23.71
CA MET E 388 60.38 -21.57 -23.48
C MET E 388 59.53 -21.07 -22.32
N VAL E 389 58.30 -21.58 -22.26
CA VAL E 389 57.36 -21.24 -21.20
C VAL E 389 56.85 -22.54 -20.60
N GLN E 390 57.02 -22.70 -19.30
CA GLN E 390 56.52 -23.89 -18.61
C GLN E 390 55.03 -23.75 -18.38
N GLY E 391 54.29 -24.81 -18.67
CA GLY E 391 52.84 -24.74 -18.59
C GLY E 391 52.34 -24.67 -17.17
N GLU E 392 51.17 -24.05 -17.01
CA GLU E 392 50.48 -23.95 -15.74
C GLU E 392 49.00 -24.24 -15.98
N CYS E 393 48.28 -24.48 -14.88
CA CYS E 393 46.85 -24.72 -14.97
C CYS E 393 46.12 -23.46 -15.44
N LEU E 394 45.19 -23.63 -16.37
CA LEU E 394 44.34 -22.57 -16.91
C LEU E 394 45.14 -21.51 -17.68
N LEU E 395 46.35 -21.83 -18.12
CA LEU E 395 47.09 -20.91 -18.97
C LEU E 395 46.50 -20.87 -20.37
N LYS E 396 46.39 -19.69 -20.94
CA LYS E 396 45.72 -19.48 -22.22
C LYS E 396 46.63 -18.76 -23.21
N TYR E 397 46.27 -18.86 -24.49
CA TYR E 397 47.02 -18.19 -25.54
C TYR E 397 46.06 -17.98 -26.72
N GLN E 398 45.69 -16.73 -26.97
CA GLN E 398 44.77 -16.42 -28.05
C GLN E 398 45.45 -16.55 -29.41
N LEU E 399 44.67 -16.95 -30.41
CA LEU E 399 45.20 -17.07 -31.76
C LEU E 399 44.44 -16.26 -32.80
N ARG E 400 43.10 -16.23 -32.73
CA ARG E 400 42.31 -15.57 -33.76
C ARG E 400 42.28 -14.05 -33.57
N PRO E 401 41.86 -13.52 -32.40
CA PRO E 401 41.86 -12.05 -32.25
C PRO E 401 43.25 -11.47 -32.42
N ARG E 402 44.18 -11.94 -31.59
CA ARG E 402 45.59 -11.61 -31.69
C ARG E 402 46.38 -12.82 -31.22
N ARG E 403 47.66 -12.64 -30.94
CA ARG E 403 48.54 -13.71 -30.47
C ARG E 403 49.30 -13.24 -29.24
N GLU E 404 48.75 -13.52 -28.05
CA GLU E 404 49.39 -13.14 -26.80
C GLU E 404 49.25 -14.26 -25.79
N TRP E 405 50.20 -14.31 -24.85
CA TRP E 405 50.11 -15.19 -23.69
C TRP E 405 49.11 -14.55 -22.73
N GLN E 406 47.88 -15.04 -22.76
CA GLN E 406 46.79 -14.41 -22.02
C GLN E 406 47.08 -14.36 -20.53
N ARG E 407 47.14 -15.53 -19.89
CA ARG E 407 47.53 -15.67 -18.48
C ARG E 407 46.69 -14.75 -17.59
N ASP E 408 45.38 -15.04 -17.56
CA ASP E 408 44.45 -14.30 -16.72
C ASP E 408 43.74 -15.17 -15.68
N ALA E 409 43.58 -16.46 -15.92
CA ALA E 409 42.88 -17.35 -15.00
C ALA E 409 43.83 -18.31 -14.30
N ILE E 410 45.11 -17.94 -14.19
CA ILE E 410 46.09 -18.81 -13.53
C ILE E 410 45.69 -19.04 -12.09
N ILE E 411 45.65 -20.30 -11.67
CA ILE E 411 45.26 -20.63 -10.31
C ILE E 411 46.33 -20.14 -9.34
N THR E 412 45.89 -19.74 -8.15
CA THR E 412 46.79 -19.25 -7.11
C THR E 412 46.41 -19.91 -5.79
N CYS E 413 47.32 -20.70 -5.24
CA CYS E 413 47.08 -21.43 -4.00
C CYS E 413 47.73 -20.67 -2.85
N ASN E 414 46.94 -20.35 -1.83
CA ASN E 414 47.42 -19.64 -0.66
C ASN E 414 46.71 -20.21 0.57
N PRO E 415 47.40 -21.04 1.37
CA PRO E 415 46.76 -21.59 2.57
C PRO E 415 46.34 -20.55 3.58
N GLU E 416 47.01 -19.39 3.59
CA GLU E 416 46.66 -18.34 4.56
C GLU E 416 45.24 -17.84 4.35
N GLU E 417 44.83 -17.66 3.09
CA GLU E 417 43.46 -17.24 2.83
C GLU E 417 42.47 -18.32 3.26
N PHE E 418 42.81 -19.59 3.03
CA PHE E 418 41.88 -20.67 3.35
C PHE E 418 41.64 -20.77 4.86
N ILE E 419 42.71 -20.69 5.65
CA ILE E 419 42.56 -20.77 7.10
C ILE E 419 41.85 -19.54 7.64
N VAL E 420 42.04 -18.37 7.01
CA VAL E 420 41.32 -17.17 7.43
C VAL E 420 39.83 -17.35 7.22
N GLU E 421 39.44 -17.88 6.07
CA GLU E 421 38.02 -18.13 5.80
C GLU E 421 37.45 -19.16 6.76
N ALA E 422 38.22 -20.21 7.06
CA ALA E 422 37.76 -21.21 8.02
C ALA E 422 37.61 -20.62 9.41
N LEU E 423 38.58 -19.79 9.83
CA LEU E 423 38.54 -19.21 11.16
C LEU E 423 37.41 -18.21 11.33
N GLN E 424 37.03 -17.53 10.24
CA GLN E 424 35.96 -16.53 10.30
C GLN E 424 34.57 -17.14 10.27
N LEU E 425 34.46 -18.47 10.23
CA LEU E 425 33.17 -19.11 10.24
C LEU E 425 32.45 -18.85 11.57
N PRO E 426 31.12 -18.76 11.55
CA PRO E 426 30.39 -18.36 12.76
C PRO E 426 30.61 -19.28 13.95
N ASN E 427 30.72 -20.59 13.73
CA ASN E 427 30.79 -21.55 14.82
C ASN E 427 32.04 -22.42 14.80
N PHE E 428 32.87 -22.31 13.77
CA PHE E 428 34.04 -23.19 13.65
C PHE E 428 35.05 -22.94 14.77
N GLN E 429 35.29 -21.67 15.11
CA GLN E 429 36.35 -21.36 16.06
C GLN E 429 36.06 -21.89 17.46
N GLN E 430 34.84 -21.65 17.95
CA GLN E 430 34.49 -22.12 19.29
C GLN E 430 34.41 -23.64 19.34
N SER E 431 33.94 -24.27 18.25
CA SER E 431 33.81 -25.72 18.24
C SER E 431 35.17 -26.40 18.34
N VAL E 432 36.14 -25.96 17.53
CA VAL E 432 37.46 -26.55 17.57
C VAL E 432 38.15 -26.21 18.89
N GLN E 433 37.84 -25.05 19.47
CA GLN E 433 38.39 -24.71 20.78
C GLN E 433 37.92 -25.69 21.85
N GLU E 434 36.63 -26.03 21.82
CA GLU E 434 36.09 -26.94 22.81
C GLU E 434 36.69 -28.34 22.67
N TYR E 435 36.84 -28.82 21.43
CA TYR E 435 37.41 -30.14 21.22
C TYR E 435 38.87 -30.19 21.65
N ARG E 436 39.65 -29.16 21.33
CA ARG E 436 41.09 -29.20 21.62
C ARG E 436 41.35 -29.13 23.12
N ARG E 437 40.57 -28.35 23.86
CA ARG E 437 40.77 -28.28 25.30
C ARG E 437 40.36 -29.55 26.03
N SER E 438 39.63 -30.45 25.36
CA SER E 438 39.26 -31.72 25.99
C SER E 438 40.50 -32.55 26.31
N ALA E 439 41.47 -32.59 25.41
CA ALA E 439 42.70 -33.33 25.64
C ALA E 439 43.65 -32.53 26.53
N GLN E 451 51.44 -46.37 15.19
CA GLN E 451 50.65 -47.57 15.41
C GLN E 451 50.14 -48.14 14.09
N TYR E 452 49.89 -49.45 14.08
CA TYR E 452 49.40 -50.15 12.90
C TYR E 452 48.28 -51.09 13.31
N PRO E 453 47.33 -51.36 12.40
CA PRO E 453 47.20 -50.84 11.04
C PRO E 453 46.58 -49.44 10.98
N GLU E 454 46.76 -48.74 9.87
CA GLU E 454 46.14 -47.44 9.65
C GLU E 454 45.42 -47.45 8.32
N ILE E 455 44.31 -46.73 8.24
CA ILE E 455 43.46 -46.70 7.06
C ILE E 455 43.48 -45.30 6.47
N ILE E 456 43.68 -45.21 5.16
CA ILE E 456 43.67 -43.95 4.43
C ILE E 456 42.55 -44.02 3.40
N PHE E 457 41.63 -43.07 3.45
CA PHE E 457 40.48 -43.04 2.54
C PHE E 457 40.82 -42.13 1.37
N LEU E 458 41.29 -42.73 0.27
CA LEU E 458 41.68 -41.93 -0.89
C LEU E 458 40.47 -41.36 -1.61
N GLY E 459 39.36 -42.10 -1.63
CA GLY E 459 38.16 -41.63 -2.31
C GLY E 459 36.88 -42.22 -1.75
N THR E 460 35.85 -41.38 -1.63
CA THR E 460 34.55 -41.77 -1.07
C THR E 460 33.42 -41.26 -1.95
N GLY E 461 33.54 -41.48 -3.26
CA GLY E 461 32.50 -41.09 -4.19
C GLY E 461 31.92 -42.29 -4.89
N SER E 462 30.62 -42.22 -5.17
CA SER E 462 29.90 -43.38 -5.68
C SER E 462 30.05 -43.53 -7.19
N ALA E 463 29.57 -42.56 -7.96
CA ALA E 463 29.41 -42.72 -9.40
C ALA E 463 30.36 -41.83 -10.21
N ILE E 464 30.31 -40.53 -10.00
CA ILE E 464 31.08 -39.60 -10.82
C ILE E 464 32.09 -38.87 -9.94
N PRO E 465 33.28 -38.56 -10.46
CA PRO E 465 34.20 -37.71 -9.71
C PRO E 465 33.60 -36.32 -9.48
N MET E 466 33.87 -35.76 -8.31
CA MET E 466 33.33 -34.45 -7.97
C MET E 466 34.44 -33.50 -7.52
N LYS E 467 34.06 -32.29 -7.13
CA LYS E 467 35.05 -31.29 -6.74
C LYS E 467 35.81 -31.73 -5.49
N ILE E 468 35.12 -32.35 -4.55
CA ILE E 468 35.72 -32.70 -3.26
C ILE E 468 35.97 -34.19 -3.11
N ARG E 469 35.13 -35.05 -3.66
CA ARG E 469 35.24 -36.49 -3.48
C ARG E 469 35.59 -37.16 -4.79
N ASN E 470 36.62 -37.99 -4.77
CA ASN E 470 36.97 -38.84 -5.91
C ASN E 470 36.18 -40.14 -5.81
N VAL E 471 36.35 -41.02 -6.79
CA VAL E 471 35.64 -42.29 -6.81
C VAL E 471 36.19 -43.19 -5.71
N SER E 472 35.50 -44.29 -5.42
CA SER E 472 35.82 -45.13 -4.28
C SER E 472 37.24 -45.65 -4.34
N ALA E 473 37.94 -45.58 -3.22
CA ALA E 473 39.31 -46.06 -3.06
C ALA E 473 39.64 -46.08 -1.58
N THR E 474 40.47 -47.04 -1.18
CA THR E 474 40.83 -47.18 0.23
C THR E 474 42.16 -47.92 0.32
N LEU E 475 43.09 -47.38 1.10
CA LEU E 475 44.39 -47.98 1.33
C LEU E 475 44.51 -48.46 2.77
N VAL E 476 45.05 -49.65 2.95
CA VAL E 476 45.24 -50.25 4.27
C VAL E 476 46.73 -50.54 4.45
N ASN E 477 47.29 -50.08 5.56
CA ASN E 477 48.70 -50.27 5.88
C ASN E 477 48.79 -51.28 7.03
N ILE E 478 48.91 -52.56 6.67
CA ILE E 478 49.01 -53.61 7.68
C ILE E 478 50.33 -53.46 8.46
N SER E 479 51.43 -53.30 7.75
CA SER E 479 52.75 -53.18 8.34
C SER E 479 53.47 -52.01 7.69
N PRO E 480 54.54 -51.51 8.32
CA PRO E 480 55.33 -50.45 7.66
C PRO E 480 55.91 -50.86 6.33
N ASP E 481 56.02 -52.17 6.05
CA ASP E 481 56.61 -52.65 4.82
C ASP E 481 55.60 -53.23 3.84
N THR E 482 54.34 -53.40 4.24
CA THR E 482 53.33 -53.98 3.35
C THR E 482 52.07 -53.14 3.41
N SER E 483 51.32 -53.18 2.31
CA SER E 483 50.07 -52.43 2.22
C SER E 483 49.12 -53.16 1.28
N LEU E 484 47.83 -52.87 1.44
CA LEU E 484 46.79 -53.47 0.61
C LEU E 484 45.84 -52.39 0.15
N LEU E 485 45.56 -52.36 -1.15
CA LEU E 485 44.61 -51.41 -1.73
C LEU E 485 43.25 -52.10 -1.83
N LEU E 486 42.23 -51.47 -1.25
CA LEU E 486 40.92 -52.10 -1.14
C LEU E 486 40.02 -51.83 -2.34
N ASP E 487 40.30 -50.81 -3.13
CA ASP E 487 39.54 -50.50 -4.33
C ASP E 487 40.32 -49.49 -5.15
N CYS E 488 40.38 -49.71 -6.46
CA CYS E 488 41.17 -48.88 -7.37
C CYS E 488 40.23 -48.19 -8.34
N GLY E 489 39.70 -47.03 -7.95
CA GLY E 489 38.86 -46.25 -8.84
C GLY E 489 39.67 -45.42 -9.81
N GLU E 490 38.96 -44.78 -10.73
CA GLU E 490 39.62 -43.93 -11.72
C GLU E 490 40.36 -42.79 -11.05
N GLY E 491 41.61 -42.58 -11.45
CA GLY E 491 42.42 -41.54 -10.86
C GLY E 491 42.82 -41.78 -9.42
N THR E 492 42.83 -43.04 -8.99
CA THR E 492 43.22 -43.33 -7.61
C THR E 492 44.67 -42.95 -7.34
N PHE E 493 45.56 -43.27 -8.29
CA PHE E 493 46.98 -42.92 -8.11
C PHE E 493 47.18 -41.42 -7.98
N GLY E 494 46.37 -40.62 -8.69
CA GLY E 494 46.49 -39.18 -8.57
C GLY E 494 46.22 -38.70 -7.16
N GLN E 495 45.19 -39.25 -6.51
CA GLN E 495 44.92 -38.92 -5.12
C GLN E 495 46.04 -39.44 -4.22
N LEU E 496 46.53 -40.64 -4.50
CA LEU E 496 47.64 -41.18 -3.71
C LEU E 496 48.89 -40.34 -3.85
N CYS E 497 49.20 -39.89 -5.06
CA CYS E 497 50.38 -39.05 -5.27
C CYS E 497 50.25 -37.72 -4.52
N ARG E 498 49.04 -37.13 -4.55
CA ARG E 498 48.83 -35.88 -3.83
C ARG E 498 48.98 -36.07 -2.33
N HIS E 499 48.50 -37.21 -1.81
CA HIS E 499 48.50 -37.43 -0.37
C HIS E 499 49.90 -37.62 0.18
N TYR E 500 50.77 -38.31 -0.56
CA TYR E 500 52.08 -38.68 -0.06
C TYR E 500 53.22 -37.85 -0.66
N GLY E 501 52.97 -37.11 -1.72
CA GLY E 501 54.02 -36.31 -2.33
C GLY E 501 55.12 -37.19 -2.89
N ASP E 502 56.36 -36.90 -2.49
CA ASP E 502 57.51 -37.65 -2.97
C ASP E 502 57.60 -39.06 -2.39
N GLN E 503 56.78 -39.38 -1.39
CA GLN E 503 56.82 -40.69 -0.76
C GLN E 503 56.03 -41.76 -1.52
N VAL E 504 55.43 -41.40 -2.66
CA VAL E 504 54.61 -42.35 -3.39
C VAL E 504 55.45 -43.53 -3.86
N ASP E 505 56.70 -43.28 -4.25
CA ASP E 505 57.55 -44.37 -4.74
C ASP E 505 57.77 -45.43 -3.67
N ARG E 506 58.04 -44.99 -2.43
CA ARG E 506 58.19 -45.94 -1.34
C ARG E 506 56.88 -46.66 -1.04
N VAL E 507 55.76 -45.93 -1.10
CA VAL E 507 54.46 -46.52 -0.81
C VAL E 507 54.12 -47.61 -1.82
N LEU E 508 54.38 -47.36 -3.10
CA LEU E 508 54.09 -48.34 -4.13
C LEU E 508 54.88 -49.62 -3.93
N GLY E 509 56.08 -49.52 -3.35
CA GLY E 509 56.85 -50.71 -3.06
C GLY E 509 56.17 -51.61 -2.04
N THR E 510 55.48 -51.00 -1.07
CA THR E 510 54.78 -51.75 -0.03
C THR E 510 53.44 -52.30 -0.50
N LEU E 511 52.97 -51.92 -1.69
CA LEU E 511 51.70 -52.40 -2.20
C LEU E 511 51.81 -53.91 -2.47
N ALA E 512 51.07 -54.70 -1.69
CA ALA E 512 51.12 -56.15 -1.80
C ALA E 512 50.00 -56.73 -2.65
N ALA E 513 48.77 -56.27 -2.45
CA ALA E 513 47.64 -56.81 -3.20
C ALA E 513 46.58 -55.73 -3.37
N VAL E 514 45.75 -55.92 -4.40
CA VAL E 514 44.65 -55.02 -4.71
C VAL E 514 43.39 -55.85 -4.87
N PHE E 515 42.32 -55.43 -4.19
CA PHE E 515 41.04 -56.13 -4.21
C PHE E 515 40.04 -55.30 -4.99
N VAL E 516 39.35 -55.96 -5.93
CA VAL E 516 38.32 -55.31 -6.74
C VAL E 516 37.00 -56.02 -6.45
N SER E 517 36.00 -55.24 -6.04
CA SER E 517 34.69 -55.77 -5.64
C SER E 517 33.65 -55.30 -6.66
N HIS E 518 33.23 -56.24 -7.52
CA HIS E 518 32.19 -56.03 -8.54
C HIS E 518 32.68 -55.08 -9.63
N LEU E 519 32.33 -55.39 -10.87
CA LEU E 519 33.01 -54.83 -12.03
C LEU E 519 32.34 -53.59 -12.59
N HIS E 520 31.70 -52.79 -11.75
CA HIS E 520 31.20 -51.49 -12.21
C HIS E 520 32.36 -50.58 -12.58
N ALA E 521 32.09 -49.61 -13.43
CA ALA E 521 33.08 -48.60 -13.74
C ALA E 521 33.37 -47.77 -12.49
N ASN E 522 34.47 -47.01 -12.55
CA ASN E 522 34.93 -46.14 -11.48
C ASN E 522 35.30 -46.92 -10.22
N HIS E 523 35.23 -48.25 -10.28
CA HIS E 523 35.70 -49.11 -9.22
C HIS E 523 36.97 -49.87 -9.58
N HIS E 524 37.26 -50.04 -10.87
CA HIS E 524 38.43 -50.76 -11.32
C HIS E 524 39.21 -50.06 -12.42
N THR E 525 38.69 -48.97 -12.99
CA THR E 525 39.32 -48.34 -14.14
C THR E 525 40.68 -47.73 -13.81
N GLY E 526 40.94 -47.44 -12.53
CA GLY E 526 42.22 -46.89 -12.14
C GLY E 526 43.33 -47.90 -11.98
N LEU E 527 43.04 -49.18 -12.16
CA LEU E 527 44.06 -50.21 -11.99
C LEU E 527 45.24 -50.06 -12.94
N PRO E 528 45.06 -49.85 -14.26
CA PRO E 528 46.24 -49.74 -15.14
C PRO E 528 47.18 -48.62 -14.74
N SER E 529 46.66 -47.50 -14.23
CA SER E 529 47.53 -46.41 -13.79
C SER E 529 48.41 -46.86 -12.63
N ILE E 530 47.85 -47.61 -11.69
CA ILE E 530 48.64 -48.08 -10.55
C ILE E 530 49.76 -49.01 -11.00
N LEU E 531 49.45 -49.94 -11.90
CA LEU E 531 50.44 -50.93 -12.33
C LEU E 531 51.62 -50.26 -13.03
N LEU E 532 51.34 -49.31 -13.92
CA LEU E 532 52.42 -48.64 -14.64
C LEU E 532 53.27 -47.80 -13.69
N GLN E 533 52.63 -47.09 -12.75
CA GLN E 533 53.39 -46.31 -11.78
C GLN E 533 54.16 -47.22 -10.84
N ARG E 534 53.59 -48.37 -10.47
CA ARG E 534 54.30 -49.31 -9.60
C ARG E 534 55.57 -49.82 -10.27
N GLU E 535 55.50 -50.13 -11.57
CA GLU E 535 56.69 -50.55 -12.30
C GLU E 535 57.74 -49.44 -12.32
N ARG E 536 57.31 -48.20 -12.56
CA ARG E 536 58.25 -47.08 -12.55
C ARG E 536 58.85 -46.88 -11.17
N ALA E 537 58.02 -46.98 -10.12
CA ALA E 537 58.53 -46.80 -8.76
C ALA E 537 59.53 -47.90 -8.40
N LEU E 538 59.25 -49.15 -8.76
CA LEU E 538 60.19 -50.22 -8.48
C LEU E 538 61.49 -50.03 -9.23
N ALA E 539 61.41 -49.60 -10.50
CA ALA E 539 62.62 -49.33 -11.26
C ALA E 539 63.43 -48.19 -10.64
N SER E 540 62.74 -47.12 -10.20
CA SER E 540 63.43 -46.02 -9.55
C SER E 540 64.04 -46.46 -8.21
N LEU E 541 63.31 -47.25 -7.44
CA LEU E 541 63.78 -47.70 -6.14
C LEU E 541 64.76 -48.88 -6.22
N GLY E 542 64.91 -49.50 -7.39
CA GLY E 542 65.83 -50.61 -7.55
C GLY E 542 65.36 -51.87 -6.86
N LYS E 543 64.23 -52.41 -7.31
CA LYS E 543 63.65 -53.62 -6.75
C LYS E 543 63.25 -54.56 -7.87
N PRO E 544 63.24 -55.87 -7.61
CA PRO E 544 62.78 -56.82 -8.64
C PRO E 544 61.30 -56.62 -8.95
N LEU E 545 60.95 -56.88 -10.20
CA LEU E 545 59.57 -56.72 -10.67
C LEU E 545 58.80 -57.99 -10.37
N HIS E 546 58.26 -58.06 -9.15
CA HIS E 546 57.41 -59.22 -8.97
C HIS E 546 55.96 -58.85 -9.25
N PRO E 547 55.21 -59.73 -9.92
CA PRO E 547 53.83 -59.40 -10.27
C PRO E 547 52.96 -59.19 -9.04
N LEU E 548 52.02 -58.26 -9.16
CA LEU E 548 51.09 -57.96 -8.08
C LEU E 548 49.99 -59.01 -8.02
N LEU E 549 49.37 -59.11 -6.85
CA LEU E 549 48.27 -60.04 -6.63
C LEU E 549 46.96 -59.28 -6.64
N VAL E 550 46.03 -59.71 -7.49
CA VAL E 550 44.74 -59.05 -7.67
C VAL E 550 43.64 -60.05 -7.39
N VAL E 551 42.70 -59.67 -6.53
CA VAL E 551 41.51 -60.46 -6.23
C VAL E 551 40.33 -59.74 -6.83
N ALA E 552 39.68 -60.36 -7.81
CA ALA E 552 38.62 -59.71 -8.57
C ALA E 552 37.79 -60.79 -9.25
N PRO E 553 36.57 -60.46 -9.69
CA PRO E 553 35.78 -61.43 -10.46
C PRO E 553 36.48 -61.81 -11.75
N ASN E 554 36.21 -63.03 -12.21
CA ASN E 554 36.86 -63.56 -13.40
C ASN E 554 36.52 -62.74 -14.65
N GLN E 555 35.41 -61.99 -14.63
CA GLN E 555 35.06 -61.16 -15.77
C GLN E 555 36.13 -60.10 -16.05
N LEU E 556 36.85 -59.67 -15.02
CA LEU E 556 37.91 -58.68 -15.21
C LEU E 556 39.05 -59.21 -16.06
N LYS E 557 39.21 -60.54 -16.14
CA LYS E 557 40.29 -61.12 -16.93
C LYS E 557 40.15 -60.77 -18.40
N ALA E 558 38.92 -60.87 -18.93
CA ALA E 558 38.71 -60.58 -20.35
C ALA E 558 39.01 -59.13 -20.68
N TRP E 559 38.63 -58.20 -19.81
CA TRP E 559 38.86 -56.78 -20.06
C TRP E 559 40.35 -56.48 -20.15
N LEU E 560 41.12 -56.96 -19.18
CA LEU E 560 42.57 -56.72 -19.21
C LEU E 560 43.25 -57.51 -20.33
N GLN E 561 42.77 -58.72 -20.60
CA GLN E 561 43.37 -59.54 -21.65
C GLN E 561 43.26 -58.85 -23.02
N GLN E 562 42.09 -58.32 -23.32
CA GLN E 562 41.91 -57.62 -24.60
C GLN E 562 42.77 -56.36 -24.68
N TYR E 563 42.83 -55.58 -23.60
CA TYR E 563 43.67 -54.39 -23.59
C TYR E 563 45.14 -54.77 -23.73
N HIS E 564 45.57 -55.83 -23.04
CA HIS E 564 46.96 -56.27 -23.12
C HIS E 564 47.31 -56.74 -24.52
N ASN E 565 46.40 -57.47 -25.16
CA ASN E 565 46.70 -58.03 -26.47
C ASN E 565 46.65 -56.98 -27.58
N GLN E 566 45.74 -56.02 -27.48
CA GLN E 566 45.49 -55.12 -28.60
C GLN E 566 46.18 -53.77 -28.47
N CYS E 567 46.26 -53.22 -27.26
CA CYS E 567 46.70 -51.84 -27.08
C CYS E 567 48.08 -51.73 -26.43
N GLN E 568 48.27 -52.30 -25.25
CA GLN E 568 49.49 -52.07 -24.49
C GLN E 568 49.69 -53.19 -23.48
N GLU E 569 50.93 -53.64 -23.34
CA GLU E 569 51.24 -54.80 -22.50
C GLU E 569 51.08 -54.44 -21.03
N VAL E 570 50.17 -55.14 -20.35
CA VAL E 570 49.88 -54.90 -18.94
C VAL E 570 50.01 -56.18 -18.14
N LEU E 571 49.49 -57.29 -18.68
CA LEU E 571 49.30 -58.52 -17.92
C LEU E 571 50.59 -59.07 -17.33
N HIS E 572 51.74 -58.71 -17.87
CA HIS E 572 53.00 -59.19 -17.29
C HIS E 572 53.34 -58.55 -15.96
N HIS E 573 52.43 -57.79 -15.35
CA HIS E 573 52.68 -57.12 -14.09
C HIS E 573 51.84 -57.63 -12.93
N ILE E 574 50.87 -58.52 -13.19
CA ILE E 574 49.94 -58.96 -12.17
C ILE E 574 49.80 -60.47 -12.19
N SER E 575 49.33 -61.02 -11.07
CA SER E 575 48.96 -62.43 -10.94
C SER E 575 47.57 -62.45 -10.28
N MET E 576 46.53 -62.49 -11.11
CA MET E 576 45.17 -62.31 -10.65
C MET E 576 44.60 -63.60 -10.08
N ILE E 577 43.88 -63.47 -8.97
CA ILE E 577 43.23 -64.58 -8.28
C ILE E 577 41.73 -64.36 -8.37
N PRO E 578 40.96 -65.32 -8.86
CA PRO E 578 39.49 -65.15 -8.89
C PRO E 578 38.92 -64.99 -7.48
N ALA E 579 37.90 -64.14 -7.37
CA ALA E 579 37.30 -63.87 -6.08
C ALA E 579 36.54 -65.08 -5.55
N LYS E 580 35.95 -65.88 -6.43
CA LYS E 580 35.17 -67.03 -5.99
C LYS E 580 36.03 -68.08 -5.30
N CYS E 581 37.32 -68.15 -5.65
CA CYS E 581 38.20 -69.15 -5.05
C CYS E 581 38.49 -68.88 -3.59
N LEU E 582 38.22 -67.68 -3.10
CA LEU E 582 38.46 -67.33 -1.71
C LEU E 582 37.21 -67.36 -0.86
N GLN E 583 36.13 -67.96 -1.37
CA GLN E 583 34.90 -68.07 -0.59
C GLN E 583 35.08 -69.04 0.57
N GLU E 584 34.17 -68.95 1.54
CA GLU E 584 34.23 -69.85 2.68
C GLU E 584 34.02 -71.30 2.26
N GLY E 585 33.06 -71.54 1.37
CA GLY E 585 32.81 -72.88 0.88
C GLY E 585 33.49 -73.16 -0.45
N ALA E 586 34.49 -72.36 -0.80
CA ALA E 586 35.16 -72.49 -2.07
C ALA E 586 36.04 -73.74 -2.09
N GLU E 587 36.44 -74.13 -3.30
CA GLU E 587 37.30 -75.29 -3.51
C GLU E 587 38.51 -74.87 -4.34
N ILE E 588 39.62 -75.59 -4.14
CA ILE E 588 40.86 -75.29 -4.85
C ILE E 588 40.68 -75.66 -6.32
N SER E 589 40.57 -74.64 -7.17
CA SER E 589 40.40 -74.89 -8.60
C SER E 589 41.68 -75.42 -9.22
N SER E 590 42.81 -74.79 -8.91
CA SER E 590 44.11 -75.19 -9.46
C SER E 590 45.18 -75.05 -8.38
N PRO E 591 46.21 -75.89 -8.42
CA PRO E 591 47.32 -75.72 -7.47
C PRO E 591 48.02 -74.38 -7.60
N ALA E 592 48.08 -73.82 -8.81
CA ALA E 592 48.67 -72.49 -8.98
C ALA E 592 47.86 -71.44 -8.23
N VAL E 593 46.53 -71.54 -8.27
CA VAL E 593 45.68 -70.65 -7.48
C VAL E 593 45.95 -70.83 -6.00
N GLU E 594 46.09 -72.09 -5.55
CA GLU E 594 46.43 -72.34 -4.16
C GLU E 594 47.80 -71.78 -3.82
N ARG E 595 48.76 -71.89 -4.73
CA ARG E 595 50.08 -71.31 -4.50
C ARG E 595 50.00 -69.79 -4.39
N LEU E 596 49.18 -69.16 -5.24
CA LEU E 596 49.09 -67.70 -5.24
C LEU E 596 48.45 -67.19 -3.95
N ILE E 597 47.35 -67.82 -3.52
CA ILE E 597 46.67 -67.37 -2.31
C ILE E 597 47.54 -67.58 -1.08
N SER E 598 48.33 -68.66 -1.06
CA SER E 598 49.31 -68.85 0.01
C SER E 598 50.36 -67.75 -0.02
N SER E 599 50.79 -67.34 -1.21
CA SER E 599 51.72 -66.23 -1.32
C SER E 599 51.09 -64.94 -0.84
N LEU E 600 49.81 -64.73 -1.14
CA LEU E 600 49.11 -63.53 -0.69
C LEU E 600 49.06 -63.47 0.83
N LEU E 601 48.75 -64.60 1.48
CA LEU E 601 48.71 -64.63 2.93
C LEU E 601 50.08 -64.35 3.53
N ARG E 602 51.14 -64.94 2.95
CA ARG E 602 52.48 -64.70 3.45
C ARG E 602 52.91 -63.26 3.21
N THR E 603 52.64 -62.73 2.02
CA THR E 603 53.07 -61.37 1.70
C THR E 603 52.37 -60.34 2.58
N CYS E 604 51.06 -60.50 2.78
CA CYS E 604 50.30 -59.56 3.60
C CYS E 604 50.28 -59.91 5.07
N ASP E 605 50.89 -61.04 5.46
CA ASP E 605 50.96 -61.52 6.84
C ASP E 605 49.58 -61.77 7.45
N LEU E 606 48.53 -61.81 6.63
CA LEU E 606 47.20 -62.05 7.14
C LEU E 606 47.03 -63.50 7.59
N GLU E 607 46.18 -63.70 8.59
CA GLU E 607 45.87 -65.04 9.05
C GLU E 607 44.94 -65.76 8.07
N GLU E 608 43.98 -65.05 7.50
CA GLU E 608 43.04 -65.64 6.56
C GLU E 608 42.38 -64.54 5.74
N PHE E 609 41.98 -64.87 4.53
CA PHE E 609 41.24 -63.99 3.66
C PHE E 609 39.95 -64.68 3.22
N GLN E 610 38.84 -63.94 3.27
CA GLN E 610 37.54 -64.51 2.92
C GLN E 610 36.77 -63.54 2.05
N THR E 611 35.87 -64.10 1.24
CA THR E 611 34.99 -63.31 0.38
C THR E 611 33.60 -63.90 0.42
N CYS E 612 32.60 -63.05 0.13
CA CYS E 612 31.22 -63.50 0.08
C CYS E 612 30.49 -62.70 -1.00
N LEU E 613 29.40 -63.27 -1.50
CA LEU E 613 28.62 -62.66 -2.56
C LEU E 613 27.57 -61.76 -1.95
N VAL E 614 27.72 -60.45 -2.15
CA VAL E 614 26.75 -59.48 -1.68
C VAL E 614 25.69 -59.26 -2.75
N ARG E 615 24.56 -58.69 -2.35
CA ARG E 615 23.41 -58.51 -3.25
C ARG E 615 23.42 -57.08 -3.79
N HIS E 616 24.35 -56.83 -4.71
CA HIS E 616 24.39 -55.57 -5.46
C HIS E 616 24.19 -55.79 -6.95
N CYS E 617 24.99 -56.67 -7.55
CA CYS E 617 24.89 -56.98 -8.97
C CYS E 617 25.35 -58.43 -9.16
N LYS E 618 25.55 -58.82 -10.42
CA LYS E 618 26.05 -60.15 -10.71
C LYS E 618 27.53 -60.23 -10.38
N HIS E 619 27.91 -61.20 -9.56
CA HIS E 619 29.29 -61.41 -9.13
C HIS E 619 29.83 -60.18 -8.39
N ALA E 620 29.13 -59.81 -7.32
CA ALA E 620 29.56 -58.75 -6.42
C ALA E 620 30.06 -59.38 -5.13
N PHE E 621 31.27 -59.00 -4.72
CA PHE E 621 31.97 -59.68 -3.63
C PHE E 621 32.33 -58.70 -2.53
N GLY E 622 32.24 -59.16 -1.29
CA GLY E 622 32.82 -58.47 -0.15
C GLY E 622 34.20 -58.99 0.15
N CYS E 623 34.71 -58.65 1.33
CA CYS E 623 36.02 -59.13 1.74
C CYS E 623 36.13 -59.05 3.25
N ALA E 624 37.12 -59.76 3.78
CA ALA E 624 37.42 -59.75 5.21
C ALA E 624 38.87 -60.17 5.40
N LEU E 625 39.60 -59.43 6.24
CA LEU E 625 40.98 -59.71 6.54
C LEU E 625 41.15 -59.90 8.04
N VAL E 626 41.85 -60.96 8.43
CA VAL E 626 42.18 -61.22 9.82
C VAL E 626 43.70 -61.32 9.94
N HIS E 627 44.28 -60.55 10.85
CA HIS E 627 45.71 -60.56 11.07
C HIS E 627 46.06 -61.49 12.22
N THR E 628 47.34 -61.87 12.28
CA THR E 628 47.81 -62.68 13.39
C THR E 628 47.67 -61.95 14.72
N SER E 629 47.68 -60.61 14.69
CA SER E 629 47.46 -59.83 15.90
C SER E 629 46.04 -60.04 16.43
N GLY E 630 45.09 -60.37 15.56
CA GLY E 630 43.73 -60.68 15.96
C GLY E 630 42.68 -59.71 15.48
N TRP E 631 43.06 -58.53 14.98
CA TRP E 631 42.07 -57.57 14.51
C TRP E 631 41.54 -57.97 13.14
N LYS E 632 40.25 -57.73 12.93
CA LYS E 632 39.57 -58.11 11.70
C LYS E 632 38.95 -56.88 11.05
N VAL E 633 39.15 -56.73 9.75
CA VAL E 633 38.60 -55.63 8.98
C VAL E 633 37.70 -56.21 7.88
N VAL E 634 36.49 -55.67 7.76
CA VAL E 634 35.50 -56.14 6.82
C VAL E 634 35.14 -55.01 5.86
N TYR E 635 35.24 -55.28 4.57
CA TYR E 635 34.86 -54.33 3.53
C TYR E 635 33.67 -54.88 2.76
N SER E 636 32.63 -54.07 2.60
CA SER E 636 31.42 -54.53 1.94
C SER E 636 31.40 -54.13 0.47
N GLY E 637 31.68 -52.86 0.17
CA GLY E 637 31.54 -52.36 -1.17
C GLY E 637 30.09 -52.07 -1.51
N ASP E 638 29.84 -51.90 -2.80
CA ASP E 638 28.47 -51.76 -3.28
C ASP E 638 27.66 -52.99 -2.91
N THR E 639 26.55 -52.78 -2.21
CA THR E 639 25.74 -53.89 -1.72
C THR E 639 24.42 -53.36 -1.18
N MET E 640 23.60 -54.28 -0.69
CA MET E 640 22.38 -54.04 0.06
C MET E 640 22.48 -54.80 1.38
N PRO E 641 21.65 -54.47 2.38
CA PRO E 641 21.66 -55.24 3.62
C PRO E 641 21.57 -56.74 3.39
N CYS E 642 22.64 -57.46 3.71
CA CYS E 642 22.75 -58.88 3.43
C CYS E 642 23.13 -59.65 4.69
N GLU E 643 22.80 -60.94 4.71
CA GLU E 643 23.06 -61.79 5.85
C GLU E 643 24.36 -62.56 5.75
N ALA E 644 24.80 -62.91 4.54
CA ALA E 644 26.07 -63.61 4.39
C ALA E 644 27.23 -62.76 4.86
N LEU E 645 27.20 -61.46 4.58
CA LEU E 645 28.24 -60.56 5.05
C LEU E 645 28.24 -60.50 6.58
N VAL E 646 27.07 -60.45 7.20
CA VAL E 646 26.99 -60.37 8.66
C VAL E 646 27.57 -61.64 9.28
N ARG E 647 27.20 -62.80 8.73
CA ARG E 647 27.71 -64.07 9.26
C ARG E 647 29.22 -64.16 9.10
N MET E 648 29.74 -63.77 7.94
CA MET E 648 31.17 -63.90 7.67
C MET E 648 31.99 -62.90 8.47
N GLY E 649 31.49 -61.69 8.64
CA GLY E 649 32.25 -60.64 9.28
C GLY E 649 31.96 -60.45 10.75
N LYS E 650 31.54 -61.53 11.41
CA LYS E 650 31.18 -61.45 12.83
C LYS E 650 32.37 -60.99 13.67
N ASP E 651 32.09 -60.13 14.65
CA ASP E 651 33.09 -59.63 15.59
C ASP E 651 34.23 -58.90 14.88
N ALA E 652 33.88 -58.10 13.88
CA ALA E 652 34.88 -57.33 13.16
C ALA E 652 35.36 -56.16 14.00
N THR E 653 36.67 -55.88 13.92
CA THR E 653 37.22 -54.73 14.64
C THR E 653 36.79 -53.42 14.01
N LEU E 654 36.77 -53.34 12.69
CA LEU E 654 36.34 -52.16 11.98
C LEU E 654 35.60 -52.57 10.72
N LEU E 655 34.46 -51.93 10.46
CA LEU E 655 33.62 -52.24 9.31
C LEU E 655 33.49 -51.03 8.41
N ILE E 656 33.67 -51.24 7.11
CA ILE E 656 33.44 -50.21 6.11
C ILE E 656 32.23 -50.65 5.28
N HIS E 657 31.20 -49.82 5.25
CA HIS E 657 29.94 -50.18 4.60
C HIS E 657 29.48 -49.06 3.68
N GLU E 658 28.77 -49.45 2.63
CA GLU E 658 28.22 -48.48 1.68
C GLU E 658 27.08 -47.70 2.30
N ALA E 659 27.07 -46.39 2.08
CA ALA E 659 26.04 -45.49 2.61
C ALA E 659 25.57 -44.55 1.51
N THR E 660 25.20 -45.11 0.36
CA THR E 660 24.90 -44.30 -0.82
C THR E 660 23.78 -43.30 -0.54
N LEU E 661 22.69 -43.76 0.06
CA LEU E 661 21.50 -42.95 0.23
C LEU E 661 21.12 -42.86 1.71
N GLU E 662 20.12 -42.03 1.99
CA GLU E 662 19.57 -41.87 3.32
C GLU E 662 18.23 -42.60 3.43
N ASP E 663 17.53 -42.38 4.54
CA ASP E 663 16.25 -43.05 4.77
C ASP E 663 15.14 -42.51 3.86
N GLY E 664 15.34 -41.33 3.27
CA GLY E 664 14.29 -40.73 2.46
C GLY E 664 13.97 -41.51 1.20
N LEU E 665 15.01 -42.04 0.54
CA LEU E 665 14.86 -42.71 -0.74
C LEU E 665 15.22 -44.19 -0.63
N GLU E 666 14.70 -44.85 0.42
CA GLU E 666 14.94 -46.28 0.57
C GLU E 666 14.36 -47.08 -0.58
N GLU E 667 13.27 -46.60 -1.19
CA GLU E 667 12.71 -47.27 -2.36
C GLU E 667 13.68 -47.20 -3.53
N GLU E 668 14.29 -46.04 -3.75
CA GLU E 668 15.28 -45.90 -4.81
C GLU E 668 16.50 -46.78 -4.54
N ALA E 669 16.91 -46.88 -3.28
CA ALA E 669 18.04 -47.73 -2.93
C ALA E 669 17.76 -49.18 -3.27
N VAL E 670 16.54 -49.66 -2.99
CA VAL E 670 16.16 -51.01 -3.37
C VAL E 670 16.17 -51.16 -4.88
N GLU E 671 15.62 -50.17 -5.59
CA GLU E 671 15.59 -50.23 -7.05
C GLU E 671 16.99 -50.18 -7.64
N LYS E 672 17.87 -49.35 -7.09
CA LYS E 672 19.22 -49.19 -7.59
C LYS E 672 20.21 -50.13 -6.90
N THR E 673 19.73 -51.04 -6.05
CA THR E 673 20.55 -52.03 -5.35
C THR E 673 21.65 -51.35 -4.54
N HIS E 674 21.21 -50.53 -3.58
CA HIS E 674 22.12 -49.84 -2.69
C HIS E 674 21.50 -49.82 -1.30
N SER E 675 22.33 -49.51 -0.31
CA SER E 675 21.91 -49.47 1.09
C SER E 675 21.83 -48.02 1.57
N THR E 676 20.92 -47.80 2.52
CA THR E 676 20.73 -46.48 3.10
C THR E 676 21.60 -46.31 4.35
N THR E 677 21.52 -45.13 4.96
CA THR E 677 22.34 -44.84 6.13
C THR E 677 21.95 -45.71 7.32
N SER E 678 20.66 -45.76 7.64
CA SER E 678 20.22 -46.58 8.77
C SER E 678 20.37 -48.06 8.47
N GLN E 679 20.21 -48.47 7.22
CA GLN E 679 20.40 -49.87 6.85
C GLN E 679 21.83 -50.32 7.13
N ALA E 680 22.81 -49.49 6.76
CA ALA E 680 24.20 -49.81 7.06
C ALA E 680 24.45 -49.85 8.57
N ILE E 681 23.87 -48.89 9.29
CA ILE E 681 24.04 -48.87 10.75
C ILE E 681 23.43 -50.12 11.38
N SER E 682 22.23 -50.50 10.93
CA SER E 682 21.58 -51.70 11.46
C SER E 682 22.39 -52.95 11.15
N VAL E 683 22.94 -53.03 9.95
CA VAL E 683 23.74 -54.20 9.57
C VAL E 683 24.97 -54.30 10.45
N GLY E 684 25.66 -53.17 10.67
CA GLY E 684 26.85 -53.19 11.49
C GLY E 684 26.57 -53.54 12.94
N MET E 685 25.50 -52.97 13.51
CA MET E 685 25.16 -53.28 14.89
C MET E 685 24.76 -54.74 15.05
N ARG E 686 24.01 -55.28 14.09
CA ARG E 686 23.66 -56.69 14.13
C ARG E 686 24.90 -57.57 14.04
N MET E 687 25.84 -57.21 13.17
CA MET E 687 27.10 -57.93 13.05
C MET E 687 27.99 -57.75 14.28
N ASN E 688 27.74 -56.72 15.09
CA ASN E 688 28.45 -56.46 16.33
C ASN E 688 29.94 -56.18 16.07
N ALA E 689 30.18 -55.15 15.27
CA ALA E 689 31.53 -54.67 15.02
C ALA E 689 31.89 -53.57 16.01
N GLU E 690 33.19 -53.48 16.31
CA GLU E 690 33.65 -52.48 17.27
C GLU E 690 33.42 -51.07 16.75
N PHE E 691 33.68 -50.83 15.47
CA PHE E 691 33.49 -49.51 14.87
C PHE E 691 32.91 -49.67 13.47
N ILE E 692 32.19 -48.65 13.03
CA ILE E 692 31.52 -48.64 11.73
C ILE E 692 31.95 -47.42 10.96
N MET E 693 32.32 -47.61 9.69
CA MET E 693 32.71 -46.53 8.80
C MET E 693 31.88 -46.61 7.53
N LEU E 694 31.61 -45.45 6.94
CA LEU E 694 30.76 -45.35 5.76
C LEU E 694 31.48 -44.62 4.64
N ASN E 695 31.14 -44.99 3.40
CA ASN E 695 31.75 -44.39 2.22
C ASN E 695 30.79 -44.58 1.05
N HIS E 696 31.29 -44.36 -0.17
CA HIS E 696 30.52 -44.53 -1.39
C HIS E 696 29.28 -43.65 -1.40
N PHE E 697 29.44 -42.41 -0.94
CA PHE E 697 28.32 -41.47 -0.88
C PHE E 697 27.91 -41.04 -2.27
N SER E 698 26.61 -40.78 -2.43
CA SER E 698 26.03 -40.48 -3.73
C SER E 698 26.43 -39.08 -4.20
N GLN E 699 26.24 -38.85 -5.51
CA GLN E 699 26.50 -37.53 -6.07
C GLN E 699 25.51 -36.50 -5.57
N ARG E 700 24.34 -36.95 -5.10
CA ARG E 700 23.38 -36.04 -4.48
C ARG E 700 24.01 -35.29 -3.31
N TYR E 701 24.89 -35.96 -2.57
CA TYR E 701 25.56 -35.34 -1.43
C TYR E 701 26.76 -34.55 -1.91
N ALA E 702 26.88 -33.31 -1.43
CA ALA E 702 27.96 -32.43 -1.85
C ALA E 702 29.20 -32.57 -0.96
N LYS E 703 29.05 -32.28 0.34
CA LYS E 703 30.19 -32.29 1.24
C LYS E 703 30.04 -33.29 2.37
N VAL E 704 28.94 -33.24 3.13
CA VAL E 704 28.78 -34.08 4.31
C VAL E 704 27.44 -34.79 4.24
N PRO E 705 27.30 -35.93 4.91
CA PRO E 705 26.00 -36.61 4.96
C PRO E 705 25.15 -36.15 6.13
N LEU E 706 23.94 -36.70 6.24
CA LEU E 706 23.05 -36.37 7.35
C LEU E 706 23.48 -37.11 8.60
N PHE E 707 23.58 -36.37 9.71
CA PHE E 707 24.02 -36.95 10.98
C PHE E 707 22.79 -37.27 11.81
N SER E 708 22.25 -38.46 11.60
CA SER E 708 21.05 -38.89 12.30
C SER E 708 21.34 -39.10 13.79
N PRO E 709 20.31 -39.03 14.64
CA PRO E 709 20.51 -39.32 16.06
C PRO E 709 21.01 -40.73 16.32
N ASN E 710 20.83 -41.65 15.37
CA ASN E 710 21.36 -43.00 15.51
C ASN E 710 22.88 -43.03 15.49
N PHE E 711 23.54 -41.94 15.12
CA PHE E 711 24.99 -41.88 15.10
C PHE E 711 25.54 -42.02 16.53
N SER E 712 26.09 -43.18 16.84
CA SER E 712 26.63 -43.45 18.16
C SER E 712 28.14 -43.24 18.14
N GLU E 713 28.80 -43.61 19.25
CA GLU E 713 30.26 -43.52 19.32
C GLU E 713 30.95 -44.49 18.37
N LYS E 714 30.22 -45.49 17.86
CA LYS E 714 30.80 -46.47 16.94
C LYS E 714 30.68 -46.06 15.49
N VAL E 715 29.73 -45.21 15.15
CA VAL E 715 29.48 -44.81 13.77
C VAL E 715 30.34 -43.62 13.42
N GLY E 716 31.11 -43.73 12.35
CA GLY E 716 31.93 -42.62 11.88
C GLY E 716 31.61 -42.23 10.46
N VAL E 717 32.36 -41.28 9.91
CA VAL E 717 32.20 -40.83 8.53
C VAL E 717 33.59 -40.71 7.91
N ALA E 718 33.63 -40.73 6.58
CA ALA E 718 34.87 -40.74 5.84
C ALA E 718 34.96 -39.53 4.92
N PHE E 719 36.17 -39.00 4.81
CA PHE E 719 36.49 -37.92 3.89
C PHE E 719 37.77 -38.27 3.14
N ASP E 720 37.96 -37.60 2.01
CA ASP E 720 39.15 -37.85 1.19
C ASP E 720 40.41 -37.50 1.96
N HIS E 721 41.42 -38.36 1.85
CA HIS E 721 42.76 -38.15 2.41
C HIS E 721 42.78 -38.14 3.93
N MET E 722 41.80 -38.75 4.59
CA MET E 722 41.84 -38.86 6.04
C MET E 722 42.53 -40.15 6.46
N LYS E 723 43.18 -40.11 7.61
CA LYS E 723 43.90 -41.25 8.17
C LYS E 723 43.23 -41.67 9.47
N VAL E 724 42.91 -42.95 9.58
CA VAL E 724 42.23 -43.50 10.74
C VAL E 724 43.07 -44.66 11.27
N CYS E 725 43.41 -44.59 12.55
CA CYS E 725 44.07 -45.68 13.26
C CYS E 725 43.14 -46.24 14.32
N PHE E 726 43.52 -47.41 14.85
CA PHE E 726 42.68 -48.07 15.84
C PHE E 726 42.58 -47.27 17.12
N GLY E 727 43.58 -46.45 17.43
CA GLY E 727 43.53 -45.62 18.61
C GLY E 727 42.67 -44.36 18.47
N ASP E 728 42.22 -44.06 17.26
CA ASP E 728 41.43 -42.86 17.00
C ASP E 728 39.93 -43.10 17.11
N PHE E 729 39.49 -44.31 17.44
CA PHE E 729 38.06 -44.59 17.52
C PHE E 729 37.34 -43.73 18.55
N PRO E 730 37.82 -43.59 19.80
CA PRO E 730 37.13 -42.69 20.74
C PRO E 730 37.14 -41.23 20.30
N THR E 731 38.11 -40.82 19.50
CA THR E 731 38.20 -39.42 19.10
C THR E 731 37.16 -39.08 18.03
N MET E 732 36.84 -40.05 17.17
CA MET E 732 35.97 -39.80 16.02
C MET E 732 34.61 -39.18 16.39
N PRO E 733 33.88 -39.68 17.40
CA PRO E 733 32.63 -38.99 17.76
C PRO E 733 32.83 -37.57 18.22
N LYS E 734 33.96 -37.26 18.86
CA LYS E 734 34.22 -35.90 19.33
C LYS E 734 34.35 -34.91 18.17
N LEU E 735 34.68 -35.39 16.97
CA LEU E 735 34.86 -34.51 15.82
C LEU E 735 33.55 -34.09 15.18
N ILE E 736 32.42 -34.63 15.63
CA ILE E 736 31.14 -34.29 15.00
C ILE E 736 30.80 -32.81 15.11
N PRO E 737 30.93 -32.16 16.27
CA PRO E 737 30.58 -30.73 16.35
C PRO E 737 31.44 -29.87 15.43
N PRO E 738 32.79 -30.01 15.44
CA PRO E 738 33.57 -29.17 14.51
C PRO E 738 33.22 -29.40 13.05
N LEU E 739 32.94 -30.64 12.66
CA LEU E 739 32.53 -30.90 11.27
C LEU E 739 31.19 -30.25 10.96
N LYS E 740 30.27 -30.25 11.92
CA LYS E 740 29.00 -29.55 11.72
C LYS E 740 29.23 -28.06 11.52
N ALA E 741 30.13 -27.46 12.32
CA ALA E 741 30.41 -26.04 12.21
C ALA E 741 31.07 -25.71 10.87
N LEU E 742 32.01 -26.54 10.44
CA LEU E 742 32.72 -26.27 9.19
C LEU E 742 31.81 -26.39 7.98
N PHE E 743 30.69 -27.10 8.13
CA PHE E 743 29.74 -27.32 7.05
C PHE E 743 28.33 -26.97 7.48
N ALA E 744 28.18 -25.81 8.12
CA ALA E 744 26.85 -25.40 8.57
C ALA E 744 25.98 -24.93 7.41
N GLY E 745 26.55 -24.14 6.50
CA GLY E 745 25.75 -23.57 5.42
C GLY E 745 25.23 -24.61 4.45
N ASP E 746 26.10 -25.53 4.04
CA ASP E 746 25.72 -26.50 3.01
C ASP E 746 24.70 -27.50 3.54
N ILE E 747 24.87 -27.95 4.78
CA ILE E 747 23.91 -28.88 5.38
C ILE E 747 22.56 -28.19 5.56
N GLU E 748 22.57 -26.89 5.84
CA GLU E 748 21.32 -26.13 5.85
C GLU E 748 20.71 -26.06 4.46
N GLU E 749 21.55 -25.84 3.43
CA GLU E 749 21.07 -25.84 2.06
C GLU E 749 20.53 -27.21 1.66
N MET E 750 21.24 -28.28 2.05
CA MET E 750 20.75 -29.63 1.77
C MET E 750 19.44 -29.90 2.48
N GLU E 751 19.33 -29.47 3.74
CA GLU E 751 18.09 -29.65 4.48
C GLU E 751 16.96 -28.85 3.84
N GLU E 752 17.26 -27.63 3.39
CA GLU E 752 16.23 -26.81 2.73
C GLU E 752 15.74 -27.46 1.45
N ARG E 753 16.64 -28.01 0.65
CA ARG E 753 16.25 -28.69 -0.58
C ARG E 753 15.39 -29.91 -0.27
N ARG E 754 15.78 -30.69 0.76
CA ARG E 754 14.99 -31.85 1.14
C ARG E 754 13.61 -31.45 1.62
N GLU E 755 13.53 -30.35 2.39
CA GLU E 755 12.23 -29.88 2.86
C GLU E 755 11.35 -29.46 1.69
N LYS E 756 11.92 -28.75 0.71
CA LYS E 756 11.15 -28.35 -0.46
C LYS E 756 10.70 -29.56 -1.26
N ARG E 757 11.57 -30.57 -1.38
CA ARG E 757 11.18 -31.79 -2.07
C ARG E 757 10.04 -32.50 -1.34
N GLU E 758 10.11 -32.55 -0.02
CA GLU E 758 9.02 -33.15 0.76
C GLU E 758 7.74 -32.37 0.60
N LEU E 759 7.83 -31.03 0.60
CA LEU E 759 6.63 -30.21 0.41
C LEU E 759 6.02 -30.43 -0.97
N ARG E 760 6.87 -30.53 -1.99
CA ARG E 760 6.37 -30.80 -3.33
C ARG E 760 5.71 -32.17 -3.41
N GLN E 761 6.31 -33.17 -2.74
CA GLN E 761 5.73 -34.51 -2.73
C GLN E 761 4.37 -34.51 -2.04
N VAL E 762 4.25 -33.80 -0.92
CA VAL E 762 2.98 -33.73 -0.21
C VAL E 762 1.93 -33.00 -1.05
N ARG E 763 2.33 -31.88 -1.65
CA ARG E 763 1.41 -31.09 -2.45
C ARG E 763 1.13 -31.71 -3.83
N ALA E 764 1.86 -32.75 -4.21
CA ALA E 764 1.63 -33.41 -5.48
C ALA E 764 0.34 -34.23 -5.45
N ALA F 4 33.90 13.47 -28.75
CA ALA F 4 33.46 14.16 -29.98
C ALA F 4 33.81 13.31 -31.20
N ALA F 5 34.76 12.37 -31.06
CA ALA F 5 35.01 11.43 -32.19
C ALA F 5 33.68 10.69 -32.30
N THR F 6 32.93 10.74 -31.21
CA THR F 6 31.60 10.11 -31.20
C THR F 6 30.82 10.67 -32.38
N ARG F 7 31.05 11.94 -32.73
CA ARG F 7 30.22 12.52 -33.81
C ARG F 7 30.26 11.58 -35.00
N GLU F 8 31.44 11.41 -35.59
CA GLU F 8 31.55 10.54 -36.79
C GLU F 8 31.12 9.14 -36.39
N PHE F 9 31.68 8.63 -35.29
CA PHE F 9 31.36 7.23 -34.92
C PHE F 9 29.89 7.01 -35.20
N ILE F 10 29.05 7.97 -34.81
CA ILE F 10 27.58 7.82 -34.95
C ILE F 10 27.12 8.25 -36.33
N GLU F 11 27.38 9.51 -36.69
CA GLU F 11 26.81 9.88 -37.99
C GLU F 11 26.90 8.75 -39.00
N MET F 12 28.05 8.07 -39.07
CA MET F 12 28.20 6.99 -40.04
C MET F 12 27.27 5.83 -39.71
N TRP F 13 27.10 5.51 -38.43
CA TRP F 13 26.14 4.48 -38.04
C TRP F 13 24.71 4.92 -38.34
N ARG F 14 24.43 6.23 -38.19
CA ARG F 14 23.14 6.75 -38.61
C ARG F 14 22.94 6.59 -40.11
N LEU F 15 24.01 6.80 -40.89
CA LEU F 15 23.93 6.52 -42.32
C LEU F 15 23.69 5.04 -42.56
N LEU F 16 24.34 4.17 -41.79
CA LEU F 16 24.06 2.74 -41.87
C LEU F 16 22.72 2.38 -41.26
N GLY F 17 22.17 3.24 -40.41
CA GLY F 17 20.91 2.94 -39.75
C GLY F 17 20.97 1.75 -38.81
N ARG F 18 22.04 1.66 -38.03
CA ARG F 18 22.25 0.52 -37.13
C ARG F 18 21.67 0.76 -35.75
N GLU F 19 20.40 1.14 -35.70
CA GLU F 19 19.66 1.36 -34.46
C GLU F 19 20.36 2.39 -33.57
N VAL F 20 20.47 3.61 -34.10
CA VAL F 20 21.15 4.69 -33.41
C VAL F 20 20.25 5.93 -33.38
N PRO F 21 20.38 6.81 -32.41
CA PRO F 21 19.49 7.98 -32.34
C PRO F 21 19.68 8.92 -33.50
N GLU F 22 18.58 9.58 -33.89
CA GLU F 22 18.64 10.57 -34.96
C GLU F 22 19.50 11.76 -34.57
N HIS F 23 19.34 12.24 -33.34
CA HIS F 23 20.12 13.37 -32.85
C HIS F 23 20.74 13.02 -31.49
N ILE F 24 21.36 14.01 -30.84
CA ILE F 24 22.00 13.79 -29.56
C ILE F 24 22.14 15.13 -28.85
N THR F 25 22.11 15.10 -27.53
CA THR F 25 22.36 16.27 -26.70
C THR F 25 23.71 16.16 -26.01
N GLU F 26 24.16 17.27 -25.44
CA GLU F 26 25.49 17.32 -24.85
C GLU F 26 25.58 16.44 -23.60
N GLU F 27 24.61 16.56 -22.70
CA GLU F 27 24.69 15.85 -21.42
C GLU F 27 24.69 14.33 -21.63
N GLU F 28 23.86 13.83 -22.53
CA GLU F 28 23.86 12.39 -22.80
C GLU F 28 25.09 11.97 -23.59
N LEU F 29 25.67 12.89 -24.37
CA LEU F 29 26.91 12.58 -25.08
C LEU F 29 28.05 12.35 -24.10
N LYS F 30 28.14 13.16 -23.04
CA LYS F 30 29.14 12.94 -22.01
C LYS F 30 28.92 11.61 -21.32
N THR F 31 27.67 11.24 -21.07
CA THR F 31 27.37 9.93 -20.52
C THR F 31 27.79 8.82 -21.47
N LEU F 32 27.71 9.07 -22.78
CA LEU F 32 28.10 8.06 -23.76
C LEU F 32 29.59 7.76 -23.68
N MET F 33 30.42 8.80 -23.60
CA MET F 33 31.85 8.58 -23.46
C MET F 33 32.23 8.08 -22.07
N GLU F 34 31.31 8.14 -21.11
CA GLU F 34 31.52 7.54 -19.80
C GLU F 34 31.19 6.06 -19.77
N CYS F 35 30.81 5.48 -20.92
CA CYS F 35 30.62 4.05 -21.07
C CYS F 35 31.87 3.47 -21.71
N VAL F 36 32.52 2.55 -21.00
CA VAL F 36 33.82 2.05 -21.46
C VAL F 36 33.68 0.88 -22.44
N SER F 37 32.63 0.08 -22.32
CA SER F 37 32.43 -1.06 -23.20
C SER F 37 31.61 -0.66 -24.41
N ASN F 38 31.98 -1.21 -25.57
CA ASN F 38 31.20 -0.97 -26.78
C ASN F 38 29.78 -1.48 -26.64
N THR F 39 29.59 -2.58 -25.90
CA THR F 39 28.24 -3.07 -25.64
C THR F 39 27.43 -2.06 -24.85
N ALA F 40 28.05 -1.45 -23.82
CA ALA F 40 27.36 -0.42 -23.06
C ALA F 40 27.00 0.77 -23.94
N LYS F 41 27.93 1.19 -24.81
CA LYS F 41 27.62 2.26 -25.76
C LYS F 41 26.55 1.81 -26.74
N LYS F 42 26.62 0.57 -27.22
CA LYS F 42 25.61 0.05 -28.14
C LYS F 42 24.24 0.00 -27.48
N LYS F 43 24.17 -0.48 -26.24
CA LYS F 43 22.91 -0.50 -25.51
C LYS F 43 22.42 0.92 -25.23
N TYR F 44 23.33 1.82 -24.86
CA TYR F 44 22.94 3.21 -24.60
C TYR F 44 22.42 3.88 -25.87
N LEU F 45 23.09 3.67 -27.00
CA LEU F 45 22.63 4.24 -28.25
C LEU F 45 21.28 3.69 -28.65
N LYS F 46 21.07 2.38 -28.46
CA LYS F 46 19.76 1.80 -28.76
C LYS F 46 18.69 2.37 -27.85
N TYR F 47 19.03 2.64 -26.59
CA TYR F 47 18.09 3.27 -25.68
C TYR F 47 17.69 4.66 -26.18
N LEU F 48 18.67 5.43 -26.65
CA LEU F 48 18.35 6.73 -27.25
C LEU F 48 17.58 6.54 -28.56
N TYR F 49 17.95 5.53 -29.35
CA TYR F 49 17.30 5.33 -30.64
C TYR F 49 15.82 5.02 -30.46
N THR F 50 15.48 4.14 -29.51
CA THR F 50 14.08 3.80 -29.30
C THR F 50 13.31 4.94 -28.63
N LYS F 51 14.01 5.78 -27.87
CA LYS F 51 13.37 6.94 -27.25
C LYS F 51 12.88 7.91 -28.31
N GLU F 52 13.70 8.16 -29.34
CA GLU F 52 13.31 9.07 -30.41
C GLU F 52 12.15 8.50 -31.21
N LYS F 53 12.18 7.20 -31.50
CA LYS F 53 11.16 6.59 -32.35
C LYS F 53 9.79 6.64 -31.69
N VAL F 54 9.71 6.31 -30.40
CA VAL F 54 8.42 6.34 -29.71
C VAL F 54 7.93 7.77 -29.56
N LYS F 55 8.86 8.71 -29.36
CA LYS F 55 8.47 10.12 -29.27
C LYS F 55 7.93 10.62 -30.60
N LYS F 56 8.56 10.23 -31.71
CA LYS F 56 8.10 10.68 -33.02
C LYS F 56 6.81 9.97 -33.42
N ALA F 57 6.69 8.67 -33.10
CA ALA F 57 5.50 7.92 -33.48
C ALA F 57 4.26 8.44 -32.77
N ARG F 58 4.38 8.77 -31.48
CA ARG F 58 3.23 9.24 -30.72
C ARG F 58 2.80 10.64 -31.15
N GLN F 59 3.70 11.42 -31.76
CA GLN F 59 3.33 12.75 -32.22
C GLN F 59 2.29 12.70 -33.34
N ILE F 60 2.36 11.69 -34.20
CA ILE F 60 1.40 11.56 -35.30
C ILE F 60 -0.02 11.35 -34.78
N LYS F 61 -0.17 10.77 -33.59
CA LYS F 61 -1.50 10.56 -33.03
C LYS F 61 -2.23 11.88 -32.78
N LYS F 62 -1.49 12.92 -32.39
CA LYS F 62 -2.11 14.23 -32.20
C LYS F 62 -2.68 14.76 -33.50
N GLU F 63 -1.96 14.57 -34.61
CA GLU F 63 -2.47 15.02 -35.90
C GLU F 63 -3.73 14.27 -36.30
N MET F 64 -3.78 12.96 -36.01
CA MET F 64 -4.99 12.19 -36.30
C MET F 64 -6.18 12.69 -35.49
N LYS F 65 -5.97 12.99 -34.20
CA LYS F 65 -7.05 13.50 -33.37
C LYS F 65 -7.52 14.87 -33.83
N ALA F 66 -6.64 15.65 -34.47
CA ALA F 66 -7.03 16.97 -34.96
C ALA F 66 -8.03 16.89 -36.10
N ALA F 67 -8.15 15.73 -36.73
CA ALA F 67 -9.12 15.55 -37.81
C ALA F 67 -10.56 15.45 -37.31
N ALA F 68 -10.76 15.26 -36.01
CA ALA F 68 -12.11 15.16 -35.46
C ALA F 68 -12.78 16.53 -35.40
N LYS F 87 -30.34 24.08 -21.96
CA LYS F 87 -30.63 22.77 -21.39
C LYS F 87 -30.55 22.84 -19.87
N ASN F 88 -30.81 21.71 -19.22
CA ASN F 88 -30.80 21.61 -17.76
C ASN F 88 -29.76 20.58 -17.33
N PHE F 89 -28.79 21.03 -16.54
CA PHE F 89 -27.76 20.18 -15.98
C PHE F 89 -27.70 20.40 -14.48
N LEU F 90 -27.38 19.34 -13.74
CA LEU F 90 -27.29 19.48 -12.29
C LEU F 90 -25.92 19.98 -11.85
N PHE F 91 -24.84 19.55 -12.52
CA PHE F 91 -23.50 19.90 -12.09
C PHE F 91 -22.70 20.47 -13.25
N LEU F 92 -21.53 21.01 -12.92
CA LEU F 92 -20.58 21.49 -13.90
C LEU F 92 -19.45 20.48 -14.08
N ARG F 93 -18.86 20.47 -15.27
CA ARG F 93 -17.77 19.54 -15.60
C ARG F 93 -16.48 20.06 -14.97
N LEU F 94 -16.37 19.85 -13.66
CA LEU F 94 -15.22 20.23 -12.85
C LEU F 94 -14.76 19.06 -12.00
N TRP F 95 -14.60 17.91 -12.65
CA TRP F 95 -14.56 16.64 -11.93
C TRP F 95 -13.14 16.23 -11.55
N ASP F 96 -12.15 16.55 -12.39
CA ASP F 96 -10.77 16.22 -12.04
C ASP F 96 -10.36 16.94 -10.76
N ARG F 97 -10.91 18.13 -10.52
CA ARG F 97 -10.66 18.82 -9.26
C ARG F 97 -11.33 18.11 -8.09
N ASN F 98 -12.59 17.71 -8.25
CA ASN F 98 -13.34 17.11 -7.15
C ASN F 98 -12.75 15.76 -6.74
N MET F 99 -12.35 14.94 -7.72
CA MET F 99 -11.72 13.66 -7.38
C MET F 99 -10.41 13.89 -6.64
N ASP F 100 -9.62 14.88 -7.06
CA ASP F 100 -8.36 15.17 -6.37
C ASP F 100 -8.61 15.62 -4.94
N ILE F 101 -9.61 16.47 -4.73
CA ILE F 101 -9.90 16.97 -3.39
C ILE F 101 -10.38 15.84 -2.49
N ALA F 102 -11.28 14.98 -3.00
CA ALA F 102 -11.79 13.87 -2.21
C ALA F 102 -10.68 12.90 -1.83
N MET F 103 -9.79 12.59 -2.78
CA MET F 103 -8.64 11.73 -2.47
C MET F 103 -7.72 12.41 -1.46
N GLY F 104 -7.62 13.74 -1.52
CA GLY F 104 -6.84 14.45 -0.51
C GLY F 104 -7.43 14.33 0.87
N TRP F 105 -8.75 14.45 0.98
CA TRP F 105 -9.41 14.32 2.28
C TRP F 105 -9.22 12.91 2.85
N LYS F 106 -9.37 11.89 2.00
CA LYS F 106 -9.14 10.52 2.46
C LYS F 106 -7.70 10.32 2.90
N GLY F 107 -6.75 10.86 2.14
CA GLY F 107 -5.35 10.73 2.53
C GLY F 107 -5.03 11.41 3.84
N ALA F 108 -5.63 12.59 4.08
CA ALA F 108 -5.39 13.30 5.33
C ALA F 108 -5.88 12.49 6.53
N GLN F 109 -7.05 11.86 6.40
CA GLN F 109 -7.54 11.00 7.47
C GLN F 109 -6.64 9.78 7.65
N ALA F 110 -6.15 9.21 6.54
CA ALA F 110 -5.27 8.05 6.62
C ALA F 110 -3.96 8.39 7.30
N MET F 111 -3.51 9.64 7.21
CA MET F 111 -2.27 10.03 7.87
C MET F 111 -2.40 10.05 9.39
N GLN F 112 -3.62 9.96 9.91
CA GLN F 112 -3.85 9.96 11.35
C GLN F 112 -4.28 8.60 11.88
N PHE F 113 -5.12 7.88 11.15
CA PHE F 113 -5.67 6.62 11.62
C PHE F 113 -5.37 5.43 10.71
N GLY F 114 -4.72 5.64 9.56
CA GLY F 114 -4.43 4.55 8.66
C GLY F 114 -3.33 3.64 9.16
N GLN F 115 -3.33 2.42 8.64
CA GLN F 115 -2.30 1.45 9.01
C GLN F 115 -0.98 1.81 8.33
N PRO F 116 0.11 1.91 9.08
CA PRO F 116 1.39 2.30 8.47
C PRO F 116 1.89 1.26 7.48
N LEU F 117 2.56 1.76 6.44
CA LEU F 117 3.26 0.92 5.47
C LEU F 117 4.60 1.58 5.19
N VAL F 118 5.66 0.79 5.19
CA VAL F 118 7.03 1.30 5.15
C VAL F 118 7.70 0.86 3.86
N PHE F 119 8.27 1.82 3.14
CA PHE F 119 9.15 1.57 2.02
C PHE F 119 10.58 1.90 2.44
N ASP F 120 11.44 0.89 2.46
CA ASP F 120 12.81 1.04 2.92
C ASP F 120 13.69 1.47 1.76
N MET F 121 14.32 2.64 1.89
CA MET F 121 15.19 3.19 0.86
C MET F 121 16.66 2.97 1.17
N ALA F 122 16.99 1.86 1.85
CA ALA F 122 18.37 1.55 2.18
C ALA F 122 19.11 0.86 1.04
N TYR F 123 18.43 0.53 -0.05
CA TYR F 123 19.02 -0.17 -1.18
C TYR F 123 19.57 0.78 -2.23
N GLU F 124 19.84 2.03 -1.87
CA GLU F 124 20.38 3.00 -2.82
C GLU F 124 21.77 2.62 -3.32
N ASN F 125 22.53 1.87 -2.53
CA ASN F 125 23.90 1.53 -2.92
C ASN F 125 23.94 0.45 -3.99
N TYR F 126 22.99 -0.49 -3.96
CA TYR F 126 23.04 -1.66 -4.83
C TYR F 126 22.39 -1.42 -6.19
N MET F 127 21.88 -0.22 -6.47
CA MET F 127 21.18 0.06 -7.71
C MET F 127 22.02 0.97 -8.60
N LYS F 128 22.12 0.59 -9.88
CA LYS F 128 22.75 1.44 -10.87
C LYS F 128 21.78 2.56 -11.28
N ARG F 129 22.22 3.39 -12.22
CA ARG F 129 21.38 4.51 -12.65
C ARG F 129 20.08 4.02 -13.29
N LYS F 130 20.17 3.00 -14.14
CA LYS F 130 18.98 2.51 -14.83
C LYS F 130 17.97 1.94 -13.84
N GLU F 131 18.44 1.15 -12.88
CA GLU F 131 17.52 0.59 -11.88
C GLU F 131 17.00 1.66 -10.93
N LEU F 132 17.79 2.70 -10.67
CA LEU F 132 17.33 3.78 -9.81
C LEU F 132 16.13 4.49 -10.41
N GLN F 133 16.18 4.77 -11.71
CA GLN F 133 15.05 5.42 -12.38
C GLN F 133 13.81 4.52 -12.34
N ASN F 134 13.99 3.23 -12.56
CA ASN F 134 12.85 2.30 -12.54
C ASN F 134 12.25 2.20 -11.15
N THR F 135 13.08 2.30 -10.11
CA THR F 135 12.55 2.29 -8.74
C THR F 135 11.65 3.48 -8.50
N VAL F 136 12.05 4.66 -8.99
CA VAL F 136 11.24 5.87 -8.83
C VAL F 136 9.91 5.71 -9.56
N SER F 137 9.95 5.17 -10.79
CA SER F 137 8.73 4.99 -11.55
C SER F 137 7.76 4.07 -10.84
N GLN F 138 8.26 2.96 -10.27
CA GLN F 138 7.39 2.07 -9.51
C GLN F 138 6.85 2.76 -8.26
N LEU F 139 7.69 3.56 -7.60
CA LEU F 139 7.23 4.29 -6.42
C LEU F 139 6.14 5.28 -6.77
N LEU F 140 6.27 5.96 -7.91
CA LEU F 140 5.21 6.86 -8.36
C LEU F 140 3.91 6.11 -8.61
N GLU F 141 4.01 4.94 -9.26
CA GLU F 141 2.82 4.13 -9.52
C GLU F 141 2.22 3.59 -8.24
N SER F 142 3.08 3.13 -7.31
CA SER F 142 2.57 2.55 -6.07
C SER F 142 1.83 3.57 -5.23
N GLU F 143 2.37 4.80 -5.13
CA GLU F 143 1.70 5.85 -4.39
C GLU F 143 0.35 6.21 -5.01
N GLY F 144 0.30 6.26 -6.35
CA GLY F 144 -0.94 6.60 -7.01
C GLY F 144 -2.05 5.59 -6.76
N TRP F 145 -1.69 4.31 -6.78
CA TRP F 145 -2.69 3.28 -6.51
C TRP F 145 -3.20 3.35 -5.07
N ASN F 146 -2.32 3.67 -4.13
CA ASN F 146 -2.74 3.80 -2.74
C ASN F 146 -3.70 4.97 -2.55
N ARG F 147 -3.46 6.08 -3.25
CA ARG F 147 -4.31 7.25 -3.10
C ARG F 147 -5.74 6.95 -3.55
N ARG F 148 -5.90 6.24 -4.66
CA ARG F 148 -7.22 5.95 -5.22
C ARG F 148 -8.00 4.92 -4.41
N ASN F 149 -7.34 4.20 -3.51
CA ASN F 149 -8.02 3.14 -2.77
C ASN F 149 -9.03 3.72 -1.79
N VAL F 150 -10.03 2.90 -1.45
CA VAL F 150 -11.06 3.33 -0.52
C VAL F 150 -10.49 3.50 0.87
N ASP F 151 -9.57 2.62 1.28
CA ASP F 151 -8.95 2.67 2.59
C ASP F 151 -7.43 2.68 2.40
N PRO F 152 -6.85 3.84 2.17
CA PRO F 152 -5.41 3.91 1.88
C PRO F 152 -4.57 3.60 3.12
N PHE F 153 -3.31 3.25 2.85
CA PHE F 153 -2.33 3.03 3.91
C PHE F 153 -1.81 4.37 4.41
N HIS F 154 -0.81 4.33 5.28
CA HIS F 154 -0.07 5.51 5.70
C HIS F 154 1.38 5.26 5.26
N ILE F 155 1.69 5.67 4.04
CA ILE F 155 2.96 5.30 3.42
C ILE F 155 4.10 6.03 4.10
N TYR F 156 5.13 5.27 4.52
CA TYR F 156 6.33 5.82 5.11
C TYR F 156 7.51 5.64 4.16
N PHE F 157 8.38 6.64 4.11
CA PHE F 157 9.61 6.58 3.33
C PHE F 157 10.77 6.61 4.32
N CYS F 158 11.15 5.44 4.81
CA CYS F 158 12.21 5.32 5.81
C CYS F 158 13.57 5.24 5.13
N ASN F 159 14.60 5.68 5.87
CA ASN F 159 15.98 5.68 5.39
C ASN F 159 16.13 6.48 4.10
N LEU F 160 15.33 7.51 3.92
CA LEU F 160 15.40 8.37 2.74
C LEU F 160 16.37 9.51 3.06
N LYS F 161 17.63 9.31 2.72
CA LYS F 161 18.65 10.32 2.98
C LYS F 161 18.40 11.55 2.12
N ILE F 162 18.49 12.73 2.74
CA ILE F 162 18.29 13.97 2.01
C ILE F 162 19.39 14.13 0.97
N ASP F 163 19.06 14.84 -0.11
CA ASP F 163 19.96 15.14 -1.24
C ASP F 163 20.63 13.89 -1.81
N GLY F 164 20.06 12.72 -1.53
CA GLY F 164 20.56 11.48 -2.10
C GLY F 164 20.10 11.31 -3.54
N ALA F 165 20.57 10.21 -4.14
CA ALA F 165 20.20 9.91 -5.53
C ALA F 165 18.69 9.69 -5.65
N LEU F 166 18.11 8.92 -4.72
CA LEU F 166 16.68 8.68 -4.76
C LEU F 166 15.89 9.94 -4.45
N HIS F 167 16.32 10.70 -3.44
CA HIS F 167 15.60 11.92 -3.06
C HIS F 167 15.63 12.95 -4.18
N ARG F 168 16.79 13.12 -4.82
CA ARG F 168 16.89 14.09 -5.91
C ARG F 168 16.01 13.70 -7.09
N GLU F 169 15.96 12.40 -7.40
CA GLU F 169 15.08 11.94 -8.48
C GLU F 169 13.61 12.12 -8.11
N LEU F 170 13.25 11.87 -6.85
CA LEU F 170 11.86 11.97 -6.45
C LEU F 170 11.35 13.40 -6.55
N VAL F 171 12.14 14.37 -6.09
CA VAL F 171 11.70 15.76 -6.16
C VAL F 171 11.68 16.27 -7.60
N LYS F 172 12.44 15.65 -8.49
CA LYS F 172 12.42 16.06 -9.89
C LYS F 172 11.13 15.62 -10.59
N ARG F 173 10.70 14.39 -10.33
CA ARG F 173 9.49 13.88 -10.99
C ARG F 173 8.23 14.51 -10.40
N TYR F 174 8.16 14.65 -9.08
CA TYR F 174 6.99 15.21 -8.44
C TYR F 174 6.95 16.73 -8.52
N GLN F 175 8.09 17.39 -8.69
CA GLN F 175 8.19 18.85 -8.82
C GLN F 175 7.63 19.47 -7.54
N GLU F 176 6.67 20.39 -7.63
CA GLU F 176 6.13 21.05 -6.44
C GLU F 176 5.18 20.16 -5.64
N LYS F 177 4.70 19.07 -6.21
CA LYS F 177 3.80 18.17 -5.50
C LYS F 177 4.52 17.42 -4.37
N TRP F 178 5.85 17.35 -4.40
CA TRP F 178 6.58 16.59 -3.40
C TRP F 178 6.33 17.13 -2.00
N ASP F 179 6.22 18.45 -1.86
CA ASP F 179 5.97 19.06 -0.56
C ASP F 179 4.53 18.93 -0.10
N LYS F 180 3.62 18.44 -0.95
CA LYS F 180 2.21 18.35 -0.62
C LYS F 180 1.68 16.92 -0.63
N LEU F 181 2.51 15.93 -0.95
CA LEU F 181 2.06 14.55 -0.91
C LEU F 181 1.74 14.13 0.52
N LEU F 182 0.61 13.42 0.69
CA LEU F 182 0.15 13.03 2.02
C LEU F 182 0.80 11.72 2.44
N LEU F 183 2.11 11.80 2.67
CA LEU F 183 2.89 10.66 3.16
C LEU F 183 4.03 11.18 4.02
N THR F 184 4.50 10.33 4.92
CA THR F 184 5.56 10.70 5.84
C THR F 184 6.91 10.25 5.28
N SER F 185 7.78 11.21 5.01
CA SER F 185 9.14 10.94 4.55
C SER F 185 10.11 11.36 5.64
N THR F 186 11.04 10.48 5.98
CA THR F 186 11.95 10.71 7.08
C THR F 186 13.31 10.09 6.77
N GLU F 187 14.34 10.61 7.44
CA GLU F 187 15.69 10.07 7.35
C GLU F 187 15.96 8.98 8.39
N LYS F 188 15.02 8.73 9.30
CA LYS F 188 15.20 7.73 10.34
C LYS F 188 14.98 6.34 9.77
N SER F 189 14.94 5.34 10.64
CA SER F 189 14.72 3.96 10.25
C SER F 189 13.39 3.47 10.80
N HIS F 190 12.92 2.37 10.22
CA HIS F 190 11.62 1.78 10.64
C HIS F 190 11.69 1.41 12.11
N VAL F 191 12.83 0.88 12.54
CA VAL F 191 12.98 0.46 13.93
C VAL F 191 12.85 1.66 14.87
N ASP F 192 13.29 2.84 14.44
CA ASP F 192 13.25 4.03 15.27
C ASP F 192 11.87 4.66 15.34
N LEU F 193 10.90 4.19 14.54
CA LEU F 193 9.57 4.75 14.53
C LEU F 193 8.50 3.80 15.06
N PHE F 194 8.72 2.50 15.01
CA PHE F 194 7.75 1.52 15.45
C PHE F 194 8.41 0.50 16.37
N PRO F 195 7.65 -0.13 17.25
CA PRO F 195 8.21 -1.22 18.07
C PRO F 195 8.71 -2.36 17.19
N LYS F 196 9.81 -2.98 17.62
CA LYS F 196 10.43 -4.04 16.84
C LYS F 196 9.54 -5.27 16.71
N ASP F 197 8.58 -5.45 17.62
CA ASP F 197 7.73 -6.64 17.57
C ASP F 197 6.71 -6.55 16.45
N SER F 198 6.17 -5.36 16.19
CA SER F 198 5.10 -5.18 15.22
C SER F 198 5.62 -4.89 13.82
N ILE F 199 6.83 -5.31 13.49
CA ILE F 199 7.44 -5.06 12.19
C ILE F 199 7.63 -6.40 11.48
N ILE F 200 7.14 -6.48 10.24
CA ILE F 200 7.32 -7.65 9.40
C ILE F 200 7.98 -7.20 8.11
N TYR F 201 9.11 -7.79 7.78
CA TYR F 201 9.87 -7.44 6.58
C TYR F 201 9.52 -8.45 5.48
N LEU F 202 8.70 -8.01 4.53
CA LEU F 202 8.31 -8.87 3.42
C LEU F 202 9.49 -9.10 2.48
N THR F 203 9.73 -10.35 2.13
CA THR F 203 10.77 -10.69 1.18
C THR F 203 10.47 -12.06 0.59
N ALA F 204 10.99 -12.30 -0.61
CA ALA F 204 10.76 -13.56 -1.29
C ALA F 204 11.63 -14.70 -0.74
N ASP F 205 12.70 -14.38 -0.02
CA ASP F 205 13.61 -15.37 0.52
C ASP F 205 13.29 -15.76 1.95
N SER F 206 12.21 -15.22 2.53
CA SER F 206 11.88 -15.53 3.91
C SER F 206 11.46 -16.99 4.04
N PRO F 207 11.84 -17.66 5.14
CA PRO F 207 11.36 -19.04 5.33
C PRO F 207 9.90 -19.10 5.74
N ASN F 208 9.43 -18.15 6.55
CA ASN F 208 8.04 -18.12 6.95
C ASN F 208 7.15 -17.72 5.77
N VAL F 209 5.97 -18.32 5.71
CA VAL F 209 5.01 -18.08 4.65
C VAL F 209 3.86 -17.25 5.21
N MET F 210 3.55 -16.14 4.56
CA MET F 210 2.46 -15.28 4.99
C MET F 210 1.13 -16.01 4.85
N THR F 211 0.40 -16.14 5.95
CA THR F 211 -0.88 -16.83 5.95
C THR F 211 -2.05 -15.86 5.75
N THR F 212 -2.19 -14.90 6.65
CA THR F 212 -3.28 -13.94 6.60
C THR F 212 -2.74 -12.54 6.86
N PHE F 213 -3.45 -11.54 6.33
CA PHE F 213 -3.08 -10.16 6.58
C PHE F 213 -3.43 -9.77 8.01
N ARG F 214 -2.48 -9.15 8.70
CA ARG F 214 -2.67 -8.74 10.09
C ARG F 214 -2.73 -7.21 10.13
N HIS F 215 -3.82 -6.69 10.71
CA HIS F 215 -4.03 -5.25 10.78
C HIS F 215 -3.24 -4.59 11.90
N ASP F 216 -2.68 -5.36 12.83
CA ASP F 216 -1.93 -4.82 13.94
C ASP F 216 -0.43 -4.80 13.69
N LYS F 217 0.02 -5.19 12.51
CA LYS F 217 1.43 -5.25 12.17
C LYS F 217 1.80 -4.16 11.19
N VAL F 218 3.11 -3.90 11.07
CA VAL F 218 3.65 -2.94 10.12
C VAL F 218 4.50 -3.72 9.12
N TYR F 219 4.17 -3.56 7.84
CA TYR F 219 4.85 -4.29 6.77
C TYR F 219 5.87 -3.38 6.10
N VAL F 220 7.07 -3.93 5.85
CA VAL F 220 8.17 -3.19 5.23
C VAL F 220 8.42 -3.78 3.86
N ILE F 221 8.40 -2.93 2.83
CA ILE F 221 8.67 -3.32 1.46
C ILE F 221 9.95 -2.62 1.03
N GLY F 222 10.94 -3.40 0.63
CA GLY F 222 12.21 -2.84 0.21
C GLY F 222 12.09 -2.18 -1.15
N SER F 223 12.41 -0.88 -1.23
CA SER F 223 12.37 -0.15 -2.50
C SER F 223 13.58 -0.58 -3.32
N PHE F 224 13.45 -1.73 -3.97
CA PHE F 224 14.54 -2.36 -4.69
C PHE F 224 14.02 -2.83 -6.04
N VAL F 225 14.93 -2.90 -7.01
CA VAL F 225 14.60 -3.43 -8.33
C VAL F 225 15.39 -4.71 -8.56
N ASP F 226 16.72 -4.60 -8.48
CA ASP F 226 17.62 -5.74 -8.53
C ASP F 226 17.45 -6.55 -9.81
N LYS F 227 17.71 -5.90 -10.94
CA LYS F 227 17.71 -6.61 -12.22
C LYS F 227 18.90 -7.57 -12.29
N SER F 228 20.09 -7.09 -11.95
CA SER F 228 21.27 -7.96 -11.82
C SER F 228 21.10 -8.73 -10.51
N MET F 229 20.49 -9.90 -10.60
CA MET F 229 19.95 -10.60 -9.44
C MET F 229 21.05 -10.91 -8.43
N GLN F 230 20.88 -10.39 -7.21
CA GLN F 230 21.72 -10.73 -6.06
C GLN F 230 20.78 -11.06 -4.91
N PRO F 231 20.17 -12.25 -4.93
CA PRO F 231 19.14 -12.57 -3.95
C PRO F 231 19.68 -12.62 -2.53
N GLY F 232 18.80 -12.31 -1.58
CA GLY F 232 19.14 -12.31 -0.17
C GLY F 232 19.49 -10.95 0.40
N THR F 233 19.49 -9.89 -0.41
CA THR F 233 19.83 -8.57 0.09
C THR F 233 18.82 -8.09 1.13
N SER F 234 17.52 -8.20 0.81
CA SER F 234 16.49 -7.79 1.76
C SER F 234 16.49 -8.69 2.99
N LEU F 235 16.68 -10.00 2.80
CA LEU F 235 16.70 -10.93 3.93
C LEU F 235 17.87 -10.63 4.86
N ALA F 236 19.03 -10.32 4.29
CA ALA F 236 20.19 -9.98 5.12
C ALA F 236 19.95 -8.72 5.93
N LYS F 237 19.32 -7.71 5.31
CA LYS F 237 19.01 -6.48 6.04
C LYS F 237 18.03 -6.74 7.18
N ALA F 238 17.02 -7.57 6.94
CA ALA F 238 16.03 -7.85 7.97
C ALA F 238 16.64 -8.65 9.13
N LYS F 239 17.39 -9.69 8.81
CA LYS F 239 18.02 -10.51 9.85
C LYS F 239 19.06 -9.74 10.65
N ARG F 240 19.65 -8.69 10.05
CA ARG F 240 20.65 -7.91 10.76
C ARG F 240 20.05 -7.18 11.96
N LEU F 241 18.79 -6.77 11.86
CA LEU F 241 18.09 -6.09 12.94
C LEU F 241 17.13 -7.00 13.68
N ASN F 242 17.19 -8.32 13.43
CA ASN F 242 16.34 -9.31 14.10
C ASN F 242 14.86 -8.99 13.90
N LEU F 243 14.49 -8.71 12.66
CA LEU F 243 13.09 -8.43 12.32
C LEU F 243 12.41 -9.68 11.75
N ALA F 244 11.12 -9.78 11.99
CA ALA F 244 10.34 -10.88 11.44
C ALA F 244 10.26 -10.76 9.92
N THR F 245 10.23 -11.92 9.26
CA THR F 245 10.21 -11.97 7.81
C THR F 245 9.07 -12.87 7.35
N GLU F 246 8.52 -12.55 6.17
CA GLU F 246 7.43 -13.31 5.60
C GLU F 246 7.54 -13.29 4.08
N CYS F 247 6.94 -14.30 3.45
CA CYS F 247 6.95 -14.38 1.98
C CYS F 247 5.53 -14.71 1.51
N LEU F 248 5.04 -14.00 0.51
CA LEU F 248 3.64 -14.20 0.07
C LEU F 248 3.46 -15.67 -0.31
N PRO F 249 2.29 -16.28 -0.06
CA PRO F 249 2.08 -17.68 -0.35
C PRO F 249 1.72 -17.85 -1.82
N LEU F 250 2.64 -17.44 -2.69
CA LEU F 250 2.37 -17.49 -4.13
C LEU F 250 2.21 -18.95 -4.56
N ASP F 251 3.22 -19.78 -4.31
CA ASP F 251 3.17 -21.17 -4.81
C ASP F 251 1.92 -21.89 -4.31
N LYS F 252 1.56 -21.74 -3.05
CA LYS F 252 0.42 -22.51 -2.50
C LYS F 252 -0.85 -22.27 -3.30
N TYR F 253 -1.08 -21.06 -3.80
CA TYR F 253 -2.37 -20.78 -4.47
C TYR F 253 -2.24 -20.83 -6.00
N LEU F 254 -1.05 -20.62 -6.58
CA LEU F 254 -0.98 -20.65 -8.06
C LEU F 254 0.21 -21.49 -8.53
N GLN F 255 0.11 -22.10 -9.70
CA GLN F 255 1.19 -22.99 -10.21
C GLN F 255 2.25 -22.18 -10.97
N TRP F 256 3.45 -22.08 -10.41
CA TRP F 256 4.50 -21.24 -11.00
C TRP F 256 5.16 -21.96 -12.17
N GLU F 257 5.41 -21.27 -13.28
CA GLU F 257 6.06 -21.83 -14.45
C GLU F 257 7.41 -21.20 -14.74
N ILE F 258 7.43 -19.89 -14.98
CA ILE F 258 8.62 -19.20 -15.46
C ILE F 258 8.66 -17.80 -14.85
N GLY F 259 9.85 -17.40 -14.39
CA GLY F 259 10.02 -16.06 -13.86
C GLY F 259 10.36 -16.04 -12.39
N ASN F 260 11.17 -15.06 -11.98
CA ASN F 260 11.54 -14.92 -10.58
C ASN F 260 10.32 -14.54 -9.75
N LYS F 261 10.27 -15.04 -8.52
CA LYS F 261 9.14 -14.79 -7.64
C LYS F 261 9.14 -13.37 -7.07
N ASN F 262 10.19 -12.60 -7.29
CA ASN F 262 10.19 -11.20 -6.87
C ASN F 262 9.17 -10.41 -7.69
N LEU F 263 8.41 -9.56 -7.01
CA LEU F 263 7.36 -8.78 -7.64
C LEU F 263 7.67 -7.30 -7.56
N THR F 264 7.08 -6.54 -8.49
CA THR F 264 7.27 -5.10 -8.51
C THR F 264 6.56 -4.44 -7.32
N LEU F 265 6.94 -3.20 -7.04
CA LEU F 265 6.36 -2.48 -5.92
C LEU F 265 4.88 -2.22 -6.12
N ASP F 266 4.49 -1.87 -7.35
CA ASP F 266 3.08 -1.61 -7.63
C ASP F 266 2.23 -2.87 -7.46
N GLN F 267 2.75 -4.02 -7.89
CA GLN F 267 2.03 -5.28 -7.69
C GLN F 267 1.92 -5.62 -6.22
N MET F 268 2.99 -5.40 -5.45
CA MET F 268 2.97 -5.75 -4.03
C MET F 268 1.96 -4.91 -3.26
N ILE F 269 1.91 -3.61 -3.52
CA ILE F 269 0.99 -2.74 -2.79
C ILE F 269 -0.45 -3.05 -3.17
N ARG F 270 -0.71 -3.40 -4.42
CA ARG F 270 -2.06 -3.75 -4.83
C ARG F 270 -2.51 -5.07 -4.21
N ILE F 271 -1.57 -6.00 -4.03
CA ILE F 271 -1.89 -7.25 -3.34
C ILE F 271 -2.24 -6.97 -1.88
N LEU F 272 -1.44 -6.13 -1.22
CA LEU F 272 -1.70 -5.80 0.18
C LEU F 272 -3.01 -5.05 0.34
N LEU F 273 -3.31 -4.13 -0.59
CA LEU F 273 -4.56 -3.38 -0.51
C LEU F 273 -5.77 -4.31 -0.64
N CYS F 274 -5.70 -5.29 -1.53
CA CYS F 274 -6.79 -6.25 -1.65
C CYS F 274 -6.97 -7.07 -0.38
N LEU F 275 -5.86 -7.52 0.21
CA LEU F 275 -5.93 -8.26 1.46
C LEU F 275 -6.45 -7.39 2.60
N LYS F 276 -6.02 -6.14 2.64
CA LYS F 276 -6.45 -5.23 3.70
C LYS F 276 -7.95 -4.99 3.65
N ASN F 277 -8.55 -5.12 2.46
CA ASN F 277 -9.98 -4.85 2.28
C ASN F 277 -10.81 -6.12 2.28
N ASN F 278 -10.43 -7.09 3.12
CA ASN F 278 -11.15 -8.32 3.39
C ASN F 278 -11.12 -9.31 2.21
N GLY F 279 -10.37 -9.01 1.16
CA GLY F 279 -10.29 -9.93 0.04
C GLY F 279 -9.54 -11.20 0.38
N ASN F 280 -9.84 -12.25 -0.38
CA ASN F 280 -9.20 -13.54 -0.18
C ASN F 280 -7.92 -13.63 -1.01
N TRP F 281 -7.16 -14.69 -0.77
CA TRP F 281 -5.89 -14.88 -1.47
C TRP F 281 -6.12 -15.08 -2.96
N GLN F 282 -7.14 -15.84 -3.34
CA GLN F 282 -7.41 -16.08 -4.75
C GLN F 282 -7.82 -14.81 -5.49
N GLU F 283 -8.21 -13.76 -4.76
CA GLU F 283 -8.52 -12.47 -5.35
C GLU F 283 -7.35 -11.50 -5.29
N ALA F 284 -6.56 -11.54 -4.22
CA ALA F 284 -5.40 -10.66 -4.11
C ALA F 284 -4.33 -11.00 -5.15
N LEU F 285 -4.13 -12.29 -5.42
CA LEU F 285 -3.11 -12.71 -6.37
C LEU F 285 -3.48 -12.47 -7.82
N GLN F 286 -4.59 -11.77 -8.11
CA GLN F 286 -4.93 -11.43 -9.47
C GLN F 286 -3.94 -10.46 -10.10
N PHE F 287 -3.15 -9.75 -9.28
CA PHE F 287 -2.22 -8.76 -9.78
C PHE F 287 -0.85 -9.35 -10.12
N VAL F 288 -0.62 -10.62 -9.81
CA VAL F 288 0.59 -11.30 -10.29
C VAL F 288 0.50 -11.44 -11.80
N PRO F 289 1.57 -11.14 -12.55
CA PRO F 289 1.48 -11.23 -14.02
C PRO F 289 1.12 -12.64 -14.47
N LYS F 290 0.24 -12.72 -15.47
CA LYS F 290 -0.23 -14.00 -15.97
C LYS F 290 0.85 -14.75 -16.73
N ARG F 291 1.98 -14.06 -16.92
CA ARG F 291 3.12 -14.67 -17.64
C ARG F 291 4.01 -15.38 -16.62
N LYS F 292 3.44 -15.82 -15.52
CA LYS F 292 4.26 -16.60 -14.55
C LYS F 292 3.41 -17.72 -13.96
N HIS F 293 2.10 -17.50 -13.86
CA HIS F 293 1.25 -18.51 -13.17
C HIS F 293 0.29 -19.13 -14.19
N THR F 294 0.44 -20.43 -14.38
CA THR F 294 -0.46 -21.15 -15.33
C THR F 294 -1.90 -20.92 -14.89
N GLY F 295 -2.14 -20.91 -13.58
CA GLY F 295 -3.49 -20.66 -13.06
C GLY F 295 -3.59 -21.07 -11.61
N PHE F 296 -4.75 -20.86 -11.00
CA PHE F 296 -4.90 -21.17 -9.59
C PHE F 296 -5.01 -22.67 -9.37
N LEU F 297 -4.86 -23.07 -8.10
CA LEU F 297 -4.97 -24.48 -7.73
C LEU F 297 -6.36 -24.77 -7.16
ZN ZN H . 30.15 -48.17 -6.83
ZN ZN I . 28.21 -51.01 -7.97
N SAH J . 16.35 -8.00 -3.85
CA SAH J . 14.88 -8.09 -3.65
CB SAH J . 14.15 -7.96 -4.98
CG SAH J . 12.65 -7.78 -4.85
SD SAH J . 12.17 -6.04 -4.85
C SAH J . 14.59 -9.46 -3.02
O SAH J . 14.93 -10.46 -3.69
OXT SAH J . 14.06 -9.48 -1.90
C5' SAH J . 10.44 -6.09 -4.33
C4' SAH J . 10.27 -6.11 -2.84
O4' SAH J . 8.89 -6.44 -2.52
C3' SAH J . 11.11 -7.15 -2.11
O3' SAH J . 12.37 -6.61 -1.73
C2' SAH J . 10.23 -7.47 -0.91
O2' SAH J . 10.29 -6.44 0.04
C1' SAH J . 8.87 -7.51 -1.60
N9 SAH J . 8.60 -8.75 -2.31
C8 SAH J . 8.82 -9.00 -3.64
N7 SAH J . 8.47 -10.20 -4.01
C5 SAH J . 8.00 -10.79 -2.85
C6 SAH J . 7.47 -12.06 -2.59
N6 SAH J . 7.34 -13.01 -3.50
N1 SAH J . 7.08 -12.33 -1.32
C2 SAH J . 7.22 -11.37 -0.40
N3 SAH J . 7.69 -10.13 -0.54
C4 SAH J . 8.07 -9.90 -1.80
#